data_2NSR
# 
_entry.id   2NSR 
# 
_audit_conform.dict_name       mmcif_pdbx.dic 
_audit_conform.dict_version    5.377 
_audit_conform.dict_location   http://mmcif.pdb.org/dictionaries/ascii/mmcif_pdbx.dic 
# 
loop_
_database_2.database_id 
_database_2.database_code 
_database_2.pdbx_database_accession 
_database_2.pdbx_DOI 
PDB   2NSR         pdb_00002nsr 10.2210/pdb2nsr/pdb 
RCSB  RCSB040256   ?            ?                   
WWPDB D_1000040256 ?            ?                   
# 
loop_
_pdbx_database_related.db_name 
_pdbx_database_related.db_id 
_pdbx_database_related.details 
_pdbx_database_related.content_type 
PDB 1NPG 'Horse Heart Myoglobin Nitrosoethane Complex'  unspecified 
PDB 2NSS 'Horse Heart Myoglobin Nitrosobenzene Complex' unspecified 
# 
_pdbx_database_status.status_code                     REL 
_pdbx_database_status.entry_id                        2NSR 
_pdbx_database_status.recvd_initial_deposition_date   2006-11-06 
_pdbx_database_status.deposit_site                    RCSB 
_pdbx_database_status.process_site                    RCSB 
_pdbx_database_status.status_code_sf                  REL 
_pdbx_database_status.status_code_mr                  ? 
_pdbx_database_status.SG_entry                        ? 
_pdbx_database_status.pdb_format_compatible           Y 
_pdbx_database_status.status_code_cs                  ? 
_pdbx_database_status.status_code_nmr_data            ? 
_pdbx_database_status.methods_development_category    ? 
# 
loop_
_audit_author.name 
_audit_author.pdbx_ordinal 
'Copeland, D.M.'     1 
'West, A.H.'         2 
'Richter-Addo, G.B.' 3 
# 
_citation.id                        primary 
_citation.title                     'Nitrosoalkane and Nitrosoarene Binding to Myoglobin and Heme Models' 
_citation.journal_abbrev            'To be Published' 
_citation.journal_volume            ? 
_citation.page_first                ? 
_citation.page_last                 ? 
_citation.year                      ? 
_citation.journal_id_ASTM           ? 
_citation.country                   ? 
_citation.journal_id_ISSN           ? 
_citation.journal_id_CSD            0353 
_citation.book_publisher            ? 
_citation.pdbx_database_id_PubMed   ? 
_citation.pdbx_database_id_DOI      ? 
# 
loop_
_citation_author.citation_id 
_citation_author.name 
_citation_author.ordinal 
_citation_author.identifier_ORCID 
primary 'Copeland, D.M.'     1 ? 
primary 'West, A.H.'         2 ? 
primary 'Richter-Addo, G.B.' 3 ? 
# 
_cell.entry_id           2NSR 
_cell.length_a           35.344 
_cell.length_b           28.740 
_cell.length_c           63.471 
_cell.angle_alpha        90.00 
_cell.angle_beta         106.00 
_cell.angle_gamma        90.00 
_cell.Z_PDB              2 
_cell.pdbx_unique_axis   ? 
_cell.length_a_esd       ? 
_cell.length_b_esd       ? 
_cell.length_c_esd       ? 
_cell.angle_alpha_esd    ? 
_cell.angle_beta_esd     ? 
_cell.angle_gamma_esd    ? 
# 
_symmetry.entry_id                         2NSR 
_symmetry.space_group_name_H-M             'P 1 21 1' 
_symmetry.pdbx_full_space_group_name_H-M   ? 
_symmetry.cell_setting                     ? 
_symmetry.Int_Tables_number                4 
_symmetry.space_group_name_Hall            ? 
# 
loop_
_entity.id 
_entity.type 
_entity.src_method 
_entity.pdbx_description 
_entity.formula_weight 
_entity.pdbx_number_of_molecules 
_entity.pdbx_ec 
_entity.pdbx_mutation 
_entity.pdbx_fragment 
_entity.details 
1 polymer     nat Myoglobin                         16983.514 1   ? ? ? ? 
2 non-polymer syn 'SULFATE ION'                     96.063    2   ? ? ? ? 
3 non-polymer syn 'PROTOPORPHYRIN IX CONTAINING FE' 616.487   1   ? ? ? ? 
4 non-polymer syn NITROSOMETHANE                    45.041    1   ? ? ? ? 
5 water       nat water                             18.015    134 ? ? ? ? 
# 
_entity_poly.entity_id                      1 
_entity_poly.type                           'polypeptide(L)' 
_entity_poly.nstd_linkage                   no 
_entity_poly.nstd_monomer                   no 
_entity_poly.pdbx_seq_one_letter_code       
;GLSDGEWQQVLNVWGKVEADIAGHGQEVLIRLFTGHPETLEKFDKFKHLKTEAEMKASEDLKKHGTVVLTALGGILKKKG
HHEAELKPLAQSHATKHKIPIKYLEFISDAIIHVLHSKHPGDFGADAQGAMTKALELFRNDIAAKYKELGFQG
;
_entity_poly.pdbx_seq_one_letter_code_can   
;GLSDGEWQQVLNVWGKVEADIAGHGQEVLIRLFTGHPETLEKFDKFKHLKTEAEMKASEDLKKHGTVVLTALGGILKKKG
HHEAELKPLAQSHATKHKIPIKYLEFISDAIIHVLHSKHPGDFGADAQGAMTKALELFRNDIAAKYKELGFQG
;
_entity_poly.pdbx_strand_id                 A 
_entity_poly.pdbx_target_identifier         ? 
# 
loop_
_entity_poly_seq.entity_id 
_entity_poly_seq.num 
_entity_poly_seq.mon_id 
_entity_poly_seq.hetero 
1 1   GLY n 
1 2   LEU n 
1 3   SER n 
1 4   ASP n 
1 5   GLY n 
1 6   GLU n 
1 7   TRP n 
1 8   GLN n 
1 9   GLN n 
1 10  VAL n 
1 11  LEU n 
1 12  ASN n 
1 13  VAL n 
1 14  TRP n 
1 15  GLY n 
1 16  LYS n 
1 17  VAL n 
1 18  GLU n 
1 19  ALA n 
1 20  ASP n 
1 21  ILE n 
1 22  ALA n 
1 23  GLY n 
1 24  HIS n 
1 25  GLY n 
1 26  GLN n 
1 27  GLU n 
1 28  VAL n 
1 29  LEU n 
1 30  ILE n 
1 31  ARG n 
1 32  LEU n 
1 33  PHE n 
1 34  THR n 
1 35  GLY n 
1 36  HIS n 
1 37  PRO n 
1 38  GLU n 
1 39  THR n 
1 40  LEU n 
1 41  GLU n 
1 42  LYS n 
1 43  PHE n 
1 44  ASP n 
1 45  LYS n 
1 46  PHE n 
1 47  LYS n 
1 48  HIS n 
1 49  LEU n 
1 50  LYS n 
1 51  THR n 
1 52  GLU n 
1 53  ALA n 
1 54  GLU n 
1 55  MET n 
1 56  LYS n 
1 57  ALA n 
1 58  SER n 
1 59  GLU n 
1 60  ASP n 
1 61  LEU n 
1 62  LYS n 
1 63  LYS n 
1 64  HIS n 
1 65  GLY n 
1 66  THR n 
1 67  VAL n 
1 68  VAL n 
1 69  LEU n 
1 70  THR n 
1 71  ALA n 
1 72  LEU n 
1 73  GLY n 
1 74  GLY n 
1 75  ILE n 
1 76  LEU n 
1 77  LYS n 
1 78  LYS n 
1 79  LYS n 
1 80  GLY n 
1 81  HIS n 
1 82  HIS n 
1 83  GLU n 
1 84  ALA n 
1 85  GLU n 
1 86  LEU n 
1 87  LYS n 
1 88  PRO n 
1 89  LEU n 
1 90  ALA n 
1 91  GLN n 
1 92  SER n 
1 93  HIS n 
1 94  ALA n 
1 95  THR n 
1 96  LYS n 
1 97  HIS n 
1 98  LYS n 
1 99  ILE n 
1 100 PRO n 
1 101 ILE n 
1 102 LYS n 
1 103 TYR n 
1 104 LEU n 
1 105 GLU n 
1 106 PHE n 
1 107 ILE n 
1 108 SER n 
1 109 ASP n 
1 110 ALA n 
1 111 ILE n 
1 112 ILE n 
1 113 HIS n 
1 114 VAL n 
1 115 LEU n 
1 116 HIS n 
1 117 SER n 
1 118 LYS n 
1 119 HIS n 
1 120 PRO n 
1 121 GLY n 
1 122 ASP n 
1 123 PHE n 
1 124 GLY n 
1 125 ALA n 
1 126 ASP n 
1 127 ALA n 
1 128 GLN n 
1 129 GLY n 
1 130 ALA n 
1 131 MET n 
1 132 THR n 
1 133 LYS n 
1 134 ALA n 
1 135 LEU n 
1 136 GLU n 
1 137 LEU n 
1 138 PHE n 
1 139 ARG n 
1 140 ASN n 
1 141 ASP n 
1 142 ILE n 
1 143 ALA n 
1 144 ALA n 
1 145 LYS n 
1 146 TYR n 
1 147 LYS n 
1 148 GLU n 
1 149 LEU n 
1 150 GLY n 
1 151 PHE n 
1 152 GLN n 
1 153 GLY n 
# 
_entity_src_nat.entity_id                  1 
_entity_src_nat.pdbx_src_id                1 
_entity_src_nat.pdbx_alt_source_flag       sample 
_entity_src_nat.pdbx_beg_seq_num           ? 
_entity_src_nat.pdbx_end_seq_num           ? 
_entity_src_nat.common_name                horse 
_entity_src_nat.pdbx_organism_scientific   'Equus caballus' 
_entity_src_nat.pdbx_ncbi_taxonomy_id      9796 
_entity_src_nat.genus                      Equus 
_entity_src_nat.species                    ? 
_entity_src_nat.strain                     ? 
_entity_src_nat.tissue                     ? 
_entity_src_nat.tissue_fraction            ? 
_entity_src_nat.pdbx_secretion             ? 
_entity_src_nat.pdbx_fragment              ? 
_entity_src_nat.pdbx_variant               ? 
_entity_src_nat.pdbx_cell_line             ? 
_entity_src_nat.pdbx_atcc                  ? 
_entity_src_nat.pdbx_cellular_location     ? 
_entity_src_nat.pdbx_organ                 Heart 
_entity_src_nat.pdbx_organelle             ? 
_entity_src_nat.pdbx_cell                  ? 
_entity_src_nat.pdbx_plasmid_name          ? 
_entity_src_nat.pdbx_plasmid_details       ? 
_entity_src_nat.details                    ? 
# 
_struct_ref.id                         1 
_struct_ref.db_name                    UNP 
_struct_ref.db_code                    MYG_HORSE 
_struct_ref.pdbx_db_accession          P68082 
_struct_ref.entity_id                  1 
_struct_ref.pdbx_seq_one_letter_code   
;GLSDGEWQQVLNVWGKVEADIAGHGQEVLIRLFTGHPETLEKFDKFKHLKTEAEMKASEDLKKHGTVVLTALGGILKKKG
HHEAELKPLAQSHATKHKIPIKYLEFISDAIIHVLHSKHPGDFGADAQGAMTKALELFRNDIAAKYKELGFQG
;
_struct_ref.pdbx_align_begin           1 
_struct_ref.pdbx_db_isoform            ? 
# 
_struct_ref_seq.align_id                      1 
_struct_ref_seq.ref_id                        1 
_struct_ref_seq.pdbx_PDB_id_code              2NSR 
_struct_ref_seq.pdbx_strand_id                A 
_struct_ref_seq.seq_align_beg                 1 
_struct_ref_seq.pdbx_seq_align_beg_ins_code   ? 
_struct_ref_seq.seq_align_end                 153 
_struct_ref_seq.pdbx_seq_align_end_ins_code   ? 
_struct_ref_seq.pdbx_db_accession             P68082 
_struct_ref_seq.db_align_beg                  1 
_struct_ref_seq.pdbx_db_align_beg_ins_code    ? 
_struct_ref_seq.db_align_end                  153 
_struct_ref_seq.pdbx_db_align_end_ins_code    ? 
_struct_ref_seq.pdbx_auth_seq_align_beg       1 
_struct_ref_seq.pdbx_auth_seq_align_end       153 
# 
loop_
_chem_comp.id 
_chem_comp.type 
_chem_comp.mon_nstd_flag 
_chem_comp.name 
_chem_comp.pdbx_synonyms 
_chem_comp.formula 
_chem_comp.formula_weight 
ALA 'L-peptide linking' y ALANINE                           ?    'C3 H7 N O2'       89.093  
ARG 'L-peptide linking' y ARGININE                          ?    'C6 H15 N4 O2 1'   175.209 
ASN 'L-peptide linking' y ASPARAGINE                        ?    'C4 H8 N2 O3'      132.118 
ASP 'L-peptide linking' y 'ASPARTIC ACID'                   ?    'C4 H7 N O4'       133.103 
GLN 'L-peptide linking' y GLUTAMINE                         ?    'C5 H10 N2 O3'     146.144 
GLU 'L-peptide linking' y 'GLUTAMIC ACID'                   ?    'C5 H9 N O4'       147.129 
GLY 'peptide linking'   y GLYCINE                           ?    'C2 H5 N O2'       75.067  
HEM non-polymer         . 'PROTOPORPHYRIN IX CONTAINING FE' HEME 'C34 H32 Fe N4 O4' 616.487 
HIS 'L-peptide linking' y HISTIDINE                         ?    'C6 H10 N3 O2 1'   156.162 
HOH non-polymer         . WATER                             ?    'H2 O'             18.015  
ILE 'L-peptide linking' y ISOLEUCINE                        ?    'C6 H13 N O2'      131.173 
LEU 'L-peptide linking' y LEUCINE                           ?    'C6 H13 N O2'      131.173 
LYS 'L-peptide linking' y LYSINE                            ?    'C6 H15 N2 O2 1'   147.195 
MET 'L-peptide linking' y METHIONINE                        ?    'C5 H11 N O2 S'    149.211 
NSM non-polymer         . NITROSOMETHANE                    ?    'C H3 N O'         45.041  
PHE 'L-peptide linking' y PHENYLALANINE                     ?    'C9 H11 N O2'      165.189 
PRO 'L-peptide linking' y PROLINE                           ?    'C5 H9 N O2'       115.130 
SER 'L-peptide linking' y SERINE                            ?    'C3 H7 N O3'       105.093 
SO4 non-polymer         . 'SULFATE ION'                     ?    'O4 S -2'          96.063  
THR 'L-peptide linking' y THREONINE                         ?    'C4 H9 N O3'       119.119 
TRP 'L-peptide linking' y TRYPTOPHAN                        ?    'C11 H12 N2 O2'    204.225 
TYR 'L-peptide linking' y TYROSINE                          ?    'C9 H11 N O3'      181.189 
VAL 'L-peptide linking' y VALINE                            ?    'C5 H11 N O2'      117.146 
# 
_exptl.entry_id          2NSR 
_exptl.method            'X-RAY DIFFRACTION' 
_exptl.crystals_number   1 
# 
_exptl_crystal.id                    1 
_exptl_crystal.density_meas          ? 
_exptl_crystal.density_Matthews      1.77 
_exptl_crystal.density_percent_sol   32.57 
_exptl_crystal.description           ? 
_exptl_crystal.F_000                 ? 
_exptl_crystal.preparation           ? 
# 
_exptl_crystal_grow.crystal_id      1 
_exptl_crystal_grow.method          'VAPOR DIFFUSION, HANGING DROP' 
_exptl_crystal_grow.temp            295 
_exptl_crystal_grow.temp_details    ? 
_exptl_crystal_grow.pH              7.4 
_exptl_crystal_grow.pdbx_details    'Ammonium Sulfate, Tris-HCl, pH 7.4, VAPOR DIFFUSION, HANGING DROP, temperature 295K' 
_exptl_crystal_grow.pdbx_pH_range   . 
# 
_diffrn.id                     1 
_diffrn.ambient_temp           100 
_diffrn.ambient_temp_details   ? 
_diffrn.crystal_id             1 
# 
_diffrn_detector.diffrn_id              1 
_diffrn_detector.detector               'IMAGE PLATE' 
_diffrn_detector.type                   'RIGAKU RAXIS IV' 
_diffrn_detector.pdbx_collection_date   2003-09-29 
_diffrn_detector.details                mirrors 
# 
_diffrn_radiation.diffrn_id                        1 
_diffrn_radiation.wavelength_id                    1 
_diffrn_radiation.pdbx_monochromatic_or_laue_m_l   M 
_diffrn_radiation.monochromator                    'osmic mirrors' 
_diffrn_radiation.pdbx_diffrn_protocol             'SINGLE WAVELENGTH' 
_diffrn_radiation.pdbx_scattering_type             x-ray 
# 
_diffrn_radiation_wavelength.id           1 
_diffrn_radiation_wavelength.wavelength   1.54180 
_diffrn_radiation_wavelength.wt           1.0 
# 
_diffrn_source.diffrn_id                   1 
_diffrn_source.source                      'ROTATING ANODE' 
_diffrn_source.type                        RIGAKU 
_diffrn_source.pdbx_synchrotron_site       ? 
_diffrn_source.pdbx_synchrotron_beamline   ? 
_diffrn_source.pdbx_wavelength             ? 
_diffrn_source.pdbx_wavelength_list        1.54180 
# 
_reflns.entry_id                     2NSR 
_reflns.observed_criterion_sigma_F   ? 
_reflns.observed_criterion_sigma_I   1.0 
_reflns.d_resolution_high            1.9 
_reflns.d_resolution_low             21.9 
_reflns.number_all                   9380 
_reflns.number_obs                   9374 
_reflns.percent_possible_obs         100 
_reflns.pdbx_Rmerge_I_obs            0.072 
_reflns.pdbx_Rsym_value              ? 
_reflns.pdbx_netI_over_sigmaI        16.3 
_reflns.B_iso_Wilson_estimate        29.1 
_reflns.pdbx_redundancy              3.53 
_reflns.R_free_details               ? 
_reflns.limit_h_max                  ? 
_reflns.limit_h_min                  ? 
_reflns.limit_k_max                  ? 
_reflns.limit_k_min                  ? 
_reflns.limit_l_max                  ? 
_reflns.limit_l_min                  ? 
_reflns.observed_criterion_F_max     ? 
_reflns.observed_criterion_F_min     ? 
_reflns.pdbx_chi_squared             ? 
_reflns.pdbx_scaling_rejects         ? 
_reflns.pdbx_diffrn_id               1 
_reflns.pdbx_ordinal                 1 
# 
_reflns_shell.d_res_high             1.9 
_reflns_shell.d_res_low              1.947 
_reflns_shell.percent_possible_all   66.62 
_reflns_shell.Rmerge_I_obs           0.266 
_reflns_shell.pdbx_Rsym_value        ? 
_reflns_shell.meanI_over_sigI_obs    4 
_reflns_shell.pdbx_redundancy        2.81 
_reflns_shell.percent_possible_obs   ? 
_reflns_shell.number_unique_all      974 
_reflns_shell.number_measured_all    ? 
_reflns_shell.number_measured_obs    ? 
_reflns_shell.number_unique_obs      ? 
_reflns_shell.pdbx_chi_squared       ? 
_reflns_shell.pdbx_diffrn_id         ? 
_reflns_shell.pdbx_ordinal           1 
# 
_refine.entry_id                                 2NSR 
_refine.ls_number_reflns_obs                     8787 
_refine.ls_number_reflns_all                     9374 
_refine.pdbx_ls_sigma_I                          1 
_refine.pdbx_ls_sigma_F                          ? 
_refine.pdbx_data_cutoff_high_absF               ? 
_refine.pdbx_data_cutoff_low_absF                ? 
_refine.pdbx_data_cutoff_high_rms_absF           ? 
_refine.ls_d_res_low                             19.93 
_refine.ls_d_res_high                            1.90 
_refine.ls_percent_reflns_obs                    94.48 
_refine.ls_R_factor_obs                          0.16298 
_refine.ls_R_factor_all                          0.16 
_refine.ls_R_factor_R_work                       0.15969 
_refine.ls_R_factor_R_free                       0.23119 
_refine.ls_R_factor_R_free_error                 ? 
_refine.ls_R_factor_R_free_error_details         ? 
_refine.ls_percent_reflns_R_free                 4.8 
_refine.ls_number_reflns_R_free                  444 
_refine.ls_number_parameters                     ? 
_refine.ls_number_restraints                     ? 
_refine.occupancy_min                            ? 
_refine.occupancy_max                            ? 
_refine.correlation_coeff_Fo_to_Fc               0.962 
_refine.correlation_coeff_Fo_to_Fc_free          0.916 
_refine.B_iso_mean                               18.193 
_refine.aniso_B[1][1]                            0.00 
_refine.aniso_B[2][2]                            0.00 
_refine.aniso_B[3][3]                            0.00 
_refine.aniso_B[1][2]                            0.00 
_refine.aniso_B[1][3]                            0.00 
_refine.aniso_B[2][3]                            0.00 
_refine.solvent_model_details                    MASK 
_refine.solvent_model_param_ksol                 ? 
_refine.solvent_model_param_bsol                 ? 
_refine.pdbx_solvent_vdw_probe_radii             1.20 
_refine.pdbx_solvent_ion_probe_radii             0.80 
_refine.pdbx_solvent_shrinkage_radii             0.80 
_refine.pdbx_ls_cross_valid_method               THROUGHOUT 
_refine.details                                  'HYDROGENS HAVE BEEN ADDED IN THE RIDING POSITIONS' 
_refine.pdbx_starting_model                      'PDB entry 1NPG' 
_refine.pdbx_method_to_determine_struct          'MOLECULAR REPLACEMENT' 
_refine.pdbx_isotropic_thermal_model             ? 
_refine.pdbx_stereochemistry_target_values       'MAXIMUM LIKELIHOOD' 
_refine.pdbx_stereochem_target_val_spec_case     ? 
_refine.pdbx_R_Free_selection_details            RANDOM 
_refine.pdbx_overall_ESU_R                       0.205 
_refine.pdbx_overall_ESU_R_Free                  0.181 
_refine.overall_SU_ML                            0.117 
_refine.overall_SU_B                             3.968 
_refine.ls_redundancy_reflns_obs                 ? 
_refine.B_iso_min                                ? 
_refine.B_iso_max                                ? 
_refine.overall_SU_R_Cruickshank_DPI             ? 
_refine.overall_SU_R_free                        ? 
_refine.ls_wR_factor_R_free                      ? 
_refine.ls_wR_factor_R_work                      ? 
_refine.overall_FOM_free_R_set                   ? 
_refine.overall_FOM_work_R_set                   ? 
_refine.pdbx_refine_id                           'X-RAY DIFFRACTION' 
_refine.pdbx_diffrn_id                           1 
_refine.pdbx_TLS_residual_ADP_flag               ? 
_refine.pdbx_overall_phase_error                 ? 
_refine.pdbx_overall_SU_R_free_Cruickshank_DPI   ? 
_refine.pdbx_overall_SU_R_Blow_DPI               ? 
_refine.pdbx_overall_SU_R_free_Blow_DPI          ? 
# 
_refine_hist.pdbx_refine_id                   'X-RAY DIFFRACTION' 
_refine_hist.cycle_id                         LAST 
_refine_hist.pdbx_number_atoms_protein        1194 
_refine_hist.pdbx_number_atoms_nucleic_acid   0 
_refine_hist.pdbx_number_atoms_ligand         56 
_refine_hist.number_atoms_solvent             134 
_refine_hist.number_atoms_total               1384 
_refine_hist.d_res_high                       1.90 
_refine_hist.d_res_low                        19.93 
# 
loop_
_refine_ls_restr.type 
_refine_ls_restr.dev_ideal 
_refine_ls_restr.dev_ideal_target 
_refine_ls_restr.weight 
_refine_ls_restr.number 
_refine_ls_restr.pdbx_refine_id 
_refine_ls_restr.pdbx_restraint_function 
r_bond_refined_d             0.018  0.022  ? 1282 'X-RAY DIFFRACTION' ? 
r_bond_other_d               ?      ?      ? ?    'X-RAY DIFFRACTION' ? 
r_angle_refined_deg          1.501  2.065  ? 1737 'X-RAY DIFFRACTION' ? 
r_angle_other_deg            ?      ?      ? ?    'X-RAY DIFFRACTION' ? 
r_dihedral_angle_1_deg       5.448  5.000  ? 151  'X-RAY DIFFRACTION' ? 
r_dihedral_angle_2_deg       38.739 25.094 ? 53   'X-RAY DIFFRACTION' ? 
r_dihedral_angle_3_deg       14.149 15.000 ? 229  'X-RAY DIFFRACTION' ? 
r_dihedral_angle_4_deg       18.364 15.000 ? 2    'X-RAY DIFFRACTION' ? 
r_chiral_restr               0.101  0.200  ? 178  'X-RAY DIFFRACTION' ? 
r_gen_planes_refined         0.007  0.020  ? 945  'X-RAY DIFFRACTION' ? 
r_gen_planes_other           ?      ?      ? ?    'X-RAY DIFFRACTION' ? 
r_nbd_refined                0.209  0.200  ? 684  'X-RAY DIFFRACTION' ? 
r_nbd_other                  ?      ?      ? ?    'X-RAY DIFFRACTION' ? 
r_nbtor_refined              0.295  0.200  ? 852  'X-RAY DIFFRACTION' ? 
r_nbtor_other                ?      ?      ? ?    'X-RAY DIFFRACTION' ? 
r_xyhbond_nbd_refined        0.192  0.200  ? 102  'X-RAY DIFFRACTION' ? 
r_xyhbond_nbd_other          ?      ?      ? ?    'X-RAY DIFFRACTION' ? 
r_metal_ion_refined          ?      ?      ? ?    'X-RAY DIFFRACTION' ? 
r_metal_ion_other            ?      ?      ? ?    'X-RAY DIFFRACTION' ? 
r_symmetry_vdw_refined       0.206  0.200  ? 45   'X-RAY DIFFRACTION' ? 
r_symmetry_vdw_other         ?      ?      ? ?    'X-RAY DIFFRACTION' ? 
r_symmetry_hbond_refined     0.111  0.200  ? 17   'X-RAY DIFFRACTION' ? 
r_symmetry_hbond_other       ?      ?      ? ?    'X-RAY DIFFRACTION' ? 
r_symmetry_metal_ion_refined ?      ?      ? ?    'X-RAY DIFFRACTION' ? 
r_symmetry_metal_ion_other   ?      ?      ? ?    'X-RAY DIFFRACTION' ? 
r_mcbond_it                  0.884  1.500  ? 787  'X-RAY DIFFRACTION' ? 
r_mcbond_other               ?      ?      ? ?    'X-RAY DIFFRACTION' ? 
r_mcangle_it                 1.379  2.000  ? 1193 'X-RAY DIFFRACTION' ? 
r_scbond_it                  2.545  3.000  ? 579  'X-RAY DIFFRACTION' ? 
r_scangle_it                 3.795  4.500  ? 542  'X-RAY DIFFRACTION' ? 
r_rigid_bond_restr           ?      ?      ? ?    'X-RAY DIFFRACTION' ? 
r_sphericity_free            ?      ?      ? ?    'X-RAY DIFFRACTION' ? 
r_sphericity_bonded          ?      ?      ? ?    'X-RAY DIFFRACTION' ? 
# 
_refine_ls_shell.pdbx_total_number_of_bins_used   20 
_refine_ls_shell.d_res_high                       1.900 
_refine_ls_shell.d_res_low                        1.947 
_refine_ls_shell.number_reflns_R_work             435 
_refine_ls_shell.R_factor_R_work                  0.24 
_refine_ls_shell.percent_reflns_obs               66.62 
_refine_ls_shell.R_factor_R_free                  0.244 
_refine_ls_shell.R_factor_R_free_error            ? 
_refine_ls_shell.percent_reflns_R_free            ? 
_refine_ls_shell.number_reflns_R_free             20 
_refine_ls_shell.number_reflns_all                ? 
_refine_ls_shell.R_factor_all                     ? 
_refine_ls_shell.number_reflns_obs                ? 
_refine_ls_shell.redundancy_reflns_obs            ? 
_refine_ls_shell.pdbx_refine_id                   'X-RAY DIFFRACTION' 
# 
_struct.entry_id                  2NSR 
_struct.title                     'Nitromethane Modified Horse Heart Myoglobin' 
_struct.pdbx_model_details        ? 
_struct.pdbx_CASP_flag            ? 
_struct.pdbx_model_type_details   ? 
# 
_struct_keywords.entry_id        2NSR 
_struct_keywords.pdbx_keywords   'OXYGEN STORAGE/TRANSPORT' 
_struct_keywords.text            'Myoglobin, nitroso, nitro, nitric oxide, heme, nitrosomethane, OXYGEN STORAGE-TRANSPORT COMPLEX' 
# 
loop_
_struct_asym.id 
_struct_asym.pdbx_blank_PDB_chainid_flag 
_struct_asym.pdbx_modified 
_struct_asym.entity_id 
_struct_asym.details 
A N N 1 ? 
B N N 2 ? 
C N N 2 ? 
D N N 3 ? 
E N N 4 ? 
F N N 5 ? 
# 
_struct_biol.id        1 
_struct_biol.details   ? 
# 
loop_
_struct_conf.conf_type_id 
_struct_conf.id 
_struct_conf.pdbx_PDB_helix_id 
_struct_conf.beg_label_comp_id 
_struct_conf.beg_label_asym_id 
_struct_conf.beg_label_seq_id 
_struct_conf.pdbx_beg_PDB_ins_code 
_struct_conf.end_label_comp_id 
_struct_conf.end_label_asym_id 
_struct_conf.end_label_seq_id 
_struct_conf.pdbx_end_PDB_ins_code 
_struct_conf.beg_auth_comp_id 
_struct_conf.beg_auth_asym_id 
_struct_conf.beg_auth_seq_id 
_struct_conf.end_auth_comp_id 
_struct_conf.end_auth_asym_id 
_struct_conf.end_auth_seq_id 
_struct_conf.pdbx_PDB_helix_class 
_struct_conf.details 
_struct_conf.pdbx_PDB_helix_length 
HELX_P HELX_P1 1 SER A 3   ? ASP A 20  ? SER A 3   ASP A 20  1 ? 18 
HELX_P HELX_P2 2 ASP A 20  ? HIS A 36  ? ASP A 20  HIS A 36  1 ? 17 
HELX_P HELX_P3 3 HIS A 36  ? GLU A 41  ? HIS A 36  GLU A 41  1 ? 6  
HELX_P HELX_P4 4 THR A 51  ? ALA A 57  ? THR A 51  ALA A 57  1 ? 7  
HELX_P HELX_P5 5 SER A 58  ? LYS A 78  ? SER A 58  LYS A 78  1 ? 21 
HELX_P HELX_P6 6 HIS A 82  ? LYS A 96  ? HIS A 82  LYS A 96  1 ? 15 
HELX_P HELX_P7 7 PRO A 100 ? HIS A 119 ? PRO A 100 HIS A 119 1 ? 20 
HELX_P HELX_P8 8 GLY A 124 ? GLY A 150 ? GLY A 124 GLY A 150 1 ? 27 
# 
_struct_conf_type.id          HELX_P 
_struct_conf_type.criteria    ? 
_struct_conf_type.reference   ? 
# 
loop_
_struct_conn.id 
_struct_conn.conn_type_id 
_struct_conn.pdbx_leaving_atom_flag 
_struct_conn.pdbx_PDB_id 
_struct_conn.ptnr1_label_asym_id 
_struct_conn.ptnr1_label_comp_id 
_struct_conn.ptnr1_label_seq_id 
_struct_conn.ptnr1_label_atom_id 
_struct_conn.pdbx_ptnr1_label_alt_id 
_struct_conn.pdbx_ptnr1_PDB_ins_code 
_struct_conn.pdbx_ptnr1_standard_comp_id 
_struct_conn.ptnr1_symmetry 
_struct_conn.ptnr2_label_asym_id 
_struct_conn.ptnr2_label_comp_id 
_struct_conn.ptnr2_label_seq_id 
_struct_conn.ptnr2_label_atom_id 
_struct_conn.pdbx_ptnr2_label_alt_id 
_struct_conn.pdbx_ptnr2_PDB_ins_code 
_struct_conn.ptnr1_auth_asym_id 
_struct_conn.ptnr1_auth_comp_id 
_struct_conn.ptnr1_auth_seq_id 
_struct_conn.ptnr2_auth_asym_id 
_struct_conn.ptnr2_auth_comp_id 
_struct_conn.ptnr2_auth_seq_id 
_struct_conn.ptnr2_symmetry 
_struct_conn.pdbx_ptnr3_label_atom_id 
_struct_conn.pdbx_ptnr3_label_seq_id 
_struct_conn.pdbx_ptnr3_label_comp_id 
_struct_conn.pdbx_ptnr3_label_asym_id 
_struct_conn.pdbx_ptnr3_label_alt_id 
_struct_conn.pdbx_ptnr3_PDB_ins_code 
_struct_conn.details 
_struct_conn.pdbx_dist_value 
_struct_conn.pdbx_value_order 
_struct_conn.pdbx_role 
metalc1 metalc ? ? A HIS 93 NE2 ? ? ? 1_555 D HEM . FE ? ? A HIS 93  A HEM 154 1_555 ? ? ? ? ? ? ? 2.180 ? ? 
metalc2 metalc ? ? D HEM .  FE  ? ? ? 1_555 E NSM . N  ? ? A HEM 154 A NSM 155 1_555 ? ? ? ? ? ? ? 1.964 ? ? 
# 
_struct_conn_type.id          metalc 
_struct_conn_type.criteria    ? 
_struct_conn_type.reference   ? 
# 
loop_
_struct_site.id 
_struct_site.pdbx_evidence_code 
_struct_site.pdbx_auth_asym_id 
_struct_site.pdbx_auth_comp_id 
_struct_site.pdbx_auth_seq_id 
_struct_site.pdbx_auth_ins_code 
_struct_site.pdbx_num_residues 
_struct_site.details 
AC1 Software A SO4 156 ? 6  'BINDING SITE FOR RESIDUE SO4 A 156' 
AC2 Software A SO4 157 ? 8  'BINDING SITE FOR RESIDUE SO4 A 157' 
AC3 Software A HEM 154 ? 20 'BINDING SITE FOR RESIDUE HEM A 154' 
AC4 Software A NSM 155 ? 4  'BINDING SITE FOR RESIDUE NSM A 155' 
# 
loop_
_struct_site_gen.id 
_struct_site_gen.site_id 
_struct_site_gen.pdbx_num_res 
_struct_site_gen.label_comp_id 
_struct_site_gen.label_asym_id 
_struct_site_gen.label_seq_id 
_struct_site_gen.pdbx_auth_ins_code 
_struct_site_gen.auth_comp_id 
_struct_site_gen.auth_asym_id 
_struct_site_gen.auth_seq_id 
_struct_site_gen.label_atom_id 
_struct_site_gen.label_alt_id 
_struct_site_gen.symmetry 
_struct_site_gen.details 
1  AC1 6  GLY A 80  ? GLY A 80  . ? 1_555 ? 
2  AC1 6  HIS A 81  ? HIS A 81  . ? 1_555 ? 
3  AC1 6  HIS A 82  ? HIS A 82  . ? 1_555 ? 
4  AC1 6  GLU A 83  ? GLU A 83  . ? 1_555 ? 
5  AC1 6  HOH F .   ? HOH A 222 . ? 1_555 ? 
6  AC1 6  HOH F .   ? HOH A 277 . ? 1_555 ? 
7  AC2 8  ALA A 57  ? ALA A 57  . ? 1_555 ? 
8  AC2 8  SER A 58  ? SER A 58  . ? 1_555 ? 
9  AC2 8  GLU A 59  ? GLU A 59  . ? 1_555 ? 
10 AC2 8  ASP A 60  ? ASP A 60  . ? 1_555 ? 
11 AC2 8  HOH F .   ? HOH A 174 . ? 1_555 ? 
12 AC2 8  HOH F .   ? HOH A 182 . ? 1_555 ? 
13 AC2 8  HOH F .   ? HOH A 214 . ? 1_555 ? 
14 AC2 8  HOH F .   ? HOH A 278 . ? 1_555 ? 
15 AC3 20 LYS A 42  ? LYS A 42  . ? 1_555 ? 
16 AC3 20 PHE A 43  ? PHE A 43  . ? 1_555 ? 
17 AC3 20 LYS A 45  ? LYS A 45  . ? 1_555 ? 
18 AC3 20 VAL A 68  ? VAL A 68  . ? 1_555 ? 
19 AC3 20 ALA A 71  ? ALA A 71  . ? 1_555 ? 
20 AC3 20 LEU A 89  ? LEU A 89  . ? 1_555 ? 
21 AC3 20 SER A 92  ? SER A 92  . ? 1_555 ? 
22 AC3 20 HIS A 93  ? HIS A 93  . ? 1_555 ? 
23 AC3 20 HIS A 97  ? HIS A 97  . ? 1_555 ? 
24 AC3 20 ILE A 99  ? ILE A 99  . ? 1_555 ? 
25 AC3 20 TYR A 103 ? TYR A 103 . ? 1_555 ? 
26 AC3 20 HIS A 113 ? HIS A 113 . ? 1_565 ? 
27 AC3 20 HIS A 116 ? HIS A 116 . ? 1_565 ? 
28 AC3 20 GLN A 128 ? GLN A 128 . ? 1_565 ? 
29 AC3 20 PHE A 138 ? PHE A 138 . ? 1_555 ? 
30 AC3 20 NSM E .   ? NSM A 155 . ? 1_555 ? 
31 AC3 20 HOH F .   ? HOH A 210 . ? 1_555 ? 
32 AC3 20 HOH F .   ? HOH A 226 . ? 1_555 ? 
33 AC3 20 HOH F .   ? HOH A 268 . ? 1_555 ? 
34 AC3 20 HOH F .   ? HOH A 275 . ? 1_555 ? 
35 AC4 4  PHE A 43  ? PHE A 43  . ? 1_555 ? 
36 AC4 4  HIS A 64  ? HIS A 64  . ? 1_555 ? 
37 AC4 4  VAL A 68  ? VAL A 68  . ? 1_555 ? 
38 AC4 4  HEM D .   ? HEM A 154 . ? 1_555 ? 
# 
_atom_sites.entry_id                    2NSR 
_atom_sites.fract_transf_matrix[1][1]   0.01939608 
_atom_sites.fract_transf_matrix[1][2]   0.01645208 
_atom_sites.fract_transf_matrix[1][3]   -0.01481336 
_atom_sites.fract_transf_matrix[2][1]   0.00690917 
_atom_sites.fract_transf_matrix[2][2]   0.01795775 
_atom_sites.fract_transf_matrix[2][3]   0.02899094 
_atom_sites.fract_transf_matrix[3][1]   0.01440698 
_atom_sites.fract_transf_matrix[3][2]   -0.00769976 
_atom_sites.fract_transf_matrix[3][3]   0.00133594 
_atom_sites.fract_transf_vector[1]      0.001229 
_atom_sites.fract_transf_vector[2]      -0.037276 
_atom_sites.fract_transf_vector[3]      0.253662 
# 
loop_
_atom_type.symbol 
C  
FE 
N  
O  
S  
# 
loop_
_atom_site.group_PDB 
_atom_site.id 
_atom_site.type_symbol 
_atom_site.label_atom_id 
_atom_site.label_alt_id 
_atom_site.label_comp_id 
_atom_site.label_asym_id 
_atom_site.label_entity_id 
_atom_site.label_seq_id 
_atom_site.pdbx_PDB_ins_code 
_atom_site.Cartn_x 
_atom_site.Cartn_y 
_atom_site.Cartn_z 
_atom_site.occupancy 
_atom_site.B_iso_or_equiv 
_atom_site.pdbx_formal_charge 
_atom_site.auth_seq_id 
_atom_site.auth_comp_id 
_atom_site.auth_asym_id 
_atom_site.auth_atom_id 
_atom_site.pdbx_PDB_model_num 
ATOM   1    N  N   . GLY A 1 1   ? -19.394 -3.623  -0.049  1.00 22.86 ? 1   GLY A N   1 
ATOM   2    C  CA  . GLY A 1 1   ? -18.406 -4.332  0.840   1.00 21.87 ? 1   GLY A CA  1 
ATOM   3    C  C   . GLY A 1 1   ? -17.861 -5.559  0.132   1.00 20.65 ? 1   GLY A C   1 
ATOM   4    O  O   . GLY A 1 1   ? -18.293 -5.900  -0.954  1.00 22.15 ? 1   GLY A O   1 
ATOM   5    N  N   . LEU A 1 2   ? -16.955 -6.263  0.782   1.00 19.43 ? 2   LEU A N   1 
ATOM   6    C  CA  . LEU A 1 2   ? -16.505 -7.571  0.325   1.00 17.29 ? 2   LEU A CA  1 
ATOM   7    C  C   . LEU A 1 2   ? -17.305 -8.666  1.014   1.00 17.19 ? 2   LEU A C   1 
ATOM   8    O  O   . LEU A 1 2   ? -17.718 -8.520  2.199   1.00 16.83 ? 2   LEU A O   1 
ATOM   9    C  CB  . LEU A 1 2   ? -15.034 -7.735  0.665   1.00 16.35 ? 2   LEU A CB  1 
ATOM   10   C  CG  . LEU A 1 2   ? -13.996 -7.044  -0.224  1.00 17.11 ? 2   LEU A CG  1 
ATOM   11   C  CD1 . LEU A 1 2   ? -14.023 -5.484  -0.090  1.00 12.32 ? 2   LEU A CD1 1 
ATOM   12   C  CD2 . LEU A 1 2   ? -12.608 -7.618  0.090   1.00 16.58 ? 2   LEU A CD2 1 
ATOM   13   N  N   . SER A 1 3   ? -17.508 -9.760  0.295   1.00 16.26 ? 3   SER A N   1 
ATOM   14   C  CA  . SER A 1 3   ? -18.087 -10.963 0.870   1.00 16.80 ? 3   SER A CA  1 
ATOM   15   C  C   . SER A 1 3   ? -17.131 -11.644 1.873   1.00 17.38 ? 3   SER A C   1 
ATOM   16   O  O   . SER A 1 3   ? -15.930 -11.342 1.923   1.00 16.33 ? 3   SER A O   1 
ATOM   17   C  CB  . SER A 1 3   ? -18.549 -11.945 -0.237  1.00 17.17 ? 3   SER A CB  1 
ATOM   18   O  OG  . SER A 1 3   ? -17.472 -12.664 -0.819  1.00 15.41 ? 3   SER A OG  1 
ATOM   19   N  N   . ASP A 1 4   ? -17.687 -12.543 2.694   1.00 17.69 ? 4   ASP A N   1 
ATOM   20   C  CA  . ASP A 1 4   ? -16.844 -13.400 3.526   1.00 18.36 ? 4   ASP A CA  1 
ATOM   21   C  C   . ASP A 1 4   ? -15.815 -14.137 2.707   1.00 16.90 ? 4   ASP A C   1 
ATOM   22   O  O   . ASP A 1 4   ? -14.678 -14.215 3.107   1.00 16.71 ? 4   ASP A O   1 
ATOM   23   C  CB  . ASP A 1 4   ? -17.681 -14.404 4.302   1.00 19.93 ? 4   ASP A CB  1 
ATOM   24   C  CG  . ASP A 1 4   ? -18.601 -13.736 5.285   1.00 23.31 ? 4   ASP A CG  1 
ATOM   25   O  OD1 . ASP A 1 4   ? -18.165 -12.763 5.939   1.00 28.98 ? 4   ASP A OD1 1 
ATOM   26   O  OD2 . ASP A 1 4   ? -19.760 -14.179 5.390   1.00 31.43 ? 4   ASP A OD2 1 
ATOM   27   N  N   . GLY A 1 5   ? -16.224 -14.685 1.569   1.00 16.08 ? 5   GLY A N   1 
ATOM   28   C  CA  . GLY A 1 5   ? -15.318 -15.400 0.661   1.00 15.16 ? 5   GLY A CA  1 
ATOM   29   C  C   . GLY A 1 5   ? -14.185 -14.531 0.161   1.00 13.41 ? 5   GLY A C   1 
ATOM   30   O  O   . GLY A 1 5   ? -13.052 -14.973 0.111   1.00 13.32 ? 5   GLY A O   1 
ATOM   31   N  N   . GLU A 1 6   ? -14.508 -13.285 -0.175  1.00 13.72 ? 6   GLU A N   1 
ATOM   32   C  CA  . GLU A 1 6   ? -13.553 -12.343 -0.722  1.00 13.57 ? 6   GLU A CA  1 
ATOM   33   C  C   . GLU A 1 6   ? -12.526 -11.952 0.353   1.00 13.08 ? 6   GLU A C   1 
ATOM   34   O  O   . GLU A 1 6   ? -11.318 -11.969 0.098   1.00 11.85 ? 6   GLU A O   1 
ATOM   35   C  CB  . GLU A 1 6   ? -14.301 -11.123 -1.292  1.00 13.34 ? 6   GLU A CB  1 
ATOM   36   C  CG  . GLU A 1 6   ? -14.805 -11.367 -2.723  1.00 13.60 ? 6   GLU A CG  1 
ATOM   37   C  CD  . GLU A 1 6   ? -15.887 -10.371 -3.174  1.00 15.10 ? 6   GLU A CD  1 
ATOM   38   O  OE1 . GLU A 1 6   ? -16.484 -9.625  -2.339  1.00 12.07 ? 6   GLU A OE1 1 
ATOM   39   O  OE2 . GLU A 1 6   ? -16.123 -10.356 -4.407  1.00 16.76 ? 6   GLU A OE2 1 
ATOM   40   N  N   . TRP A 1 7   ? -13.017 -11.632 1.556   1.00 12.90 ? 7   TRP A N   1 
ATOM   41   C  CA  . TRP A 1 7   ? -12.120 -11.431 2.730   1.00 12.72 ? 7   TRP A CA  1 
ATOM   42   C  C   . TRP A 1 7   ? -11.140 -12.609 2.960   1.00 13.29 ? 7   TRP A C   1 
ATOM   43   O  O   . TRP A 1 7   ? -9.915  -12.400 3.192   1.00 11.71 ? 7   TRP A O   1 
ATOM   44   C  CB  . TRP A 1 7   ? -12.936 -11.105 3.985   1.00 12.77 ? 7   TRP A CB  1 
ATOM   45   C  CG  . TRP A 1 7   ? -13.449 -9.663  3.985   1.00 12.57 ? 7   TRP A CG  1 
ATOM   46   C  CD1 . TRP A 1 7   ? -14.758 -9.260  4.102   1.00 12.70 ? 7   TRP A CD1 1 
ATOM   47   C  CD2 . TRP A 1 7   ? -12.657 -8.453  3.861   1.00 14.43 ? 7   TRP A CD2 1 
ATOM   48   N  NE1 . TRP A 1 7   ? -14.828 -7.865  4.102   1.00 15.08 ? 7   TRP A NE1 1 
ATOM   49   C  CE2 . TRP A 1 7   ? -13.560 -7.351  3.927   1.00 13.81 ? 7   TRP A CE2 1 
ATOM   50   C  CE3 . TRP A 1 7   ? -11.275 -8.196  3.692   1.00 15.45 ? 7   TRP A CE3 1 
ATOM   51   C  CZ2 . TRP A 1 7   ? -13.134 -6.026  3.831   1.00 13.55 ? 7   TRP A CZ2 1 
ATOM   52   C  CZ3 . TRP A 1 7   ? -10.838 -6.856  3.602   1.00 15.54 ? 7   TRP A CZ3 1 
ATOM   53   C  CH2 . TRP A 1 7   ? -11.785 -5.788  3.670   1.00 14.68 ? 7   TRP A CH2 1 
ATOM   54   N  N   . GLN A 1 8   ? -11.656 -13.836 2.846   1.00 13.33 ? 8   GLN A N   1 
ATOM   55   C  CA  . GLN A 1 8   ? -10.831 -15.014 3.030   1.00 15.07 ? 8   GLN A CA  1 
ATOM   56   C  C   . GLN A 1 8   ? -9.722  -15.056 1.987   1.00 14.16 ? 8   GLN A C   1 
ATOM   57   O  O   . GLN A 1 8   ? -8.555  -15.329 2.321   1.00 13.03 ? 8   GLN A O   1 
ATOM   58   C  CB  . GLN A 1 8   ? -11.667 -16.311 3.004   1.00 16.09 ? 8   GLN A CB  1 
ATOM   59   C  CG  . GLN A 1 8   ? -10.842 -17.553 3.328   1.00 17.00 ? 8   GLN A CG  1 
ATOM   60   C  CD  . GLN A 1 8   ? -11.685 -18.813 3.438   1.00 19.19 ? 8   GLN A CD  1 
ATOM   61   O  OE1 . GLN A 1 8   ? -12.496 -19.108 2.546   1.00 21.27 ? 8   GLN A OE1 1 
ATOM   62   N  NE2 . GLN A 1 8   ? -11.469 -19.581 4.514   1.00 21.16 ? 8   GLN A NE2 1 
ATOM   63   N  N   . GLN A 1 9   ? -10.071 -14.747 0.735   1.00 14.00 ? 9   GLN A N   1 
ATOM   64   C  CA  . GLN A 1 9   ? -9.055  -14.617 -0.328  1.00 14.27 ? 9   GLN A CA  1 
ATOM   65   C  C   . GLN A 1 9   ? -8.023  -13.532 -0.026  1.00 12.80 ? 9   GLN A C   1 
ATOM   66   O  O   . GLN A 1 9   ? -6.826  -13.754 -0.173  1.00 12.70 ? 9   GLN A O   1 
ATOM   67   C  CB  . GLN A 1 9   ? -9.683  -14.362 -1.708  1.00 14.91 ? 9   GLN A CB  1 
ATOM   68   C  CG  . GLN A 1 9   ? -10.544 -15.528 -2.236  1.00 21.52 ? 9   GLN A CG  1 
ATOM   69   C  CD  . GLN A 1 9   ? -10.124 -15.959 -3.611  1.00 29.40 ? 9   GLN A CD  1 
ATOM   70   O  OE1 . GLN A 1 9   ? -10.843 -15.709 -4.603  1.00 34.32 ? 9   GLN A OE1 1 
ATOM   71   N  NE2 . GLN A 1 9   ? -8.930  -16.577 -3.708  1.00 29.05 ? 9   GLN A NE2 1 
ATOM   72   N  N   . VAL A 1 10  ? -8.483  -12.343 0.330   1.00 12.12 ? 10  VAL A N   1 
ATOM   73   C  CA  . VAL A 1 10  ? -7.590  -11.248 0.708   1.00 11.57 ? 10  VAL A CA  1 
ATOM   74   C  C   . VAL A 1 10  ? -6.573  -11.682 1.790   1.00 11.94 ? 10  VAL A C   1 
ATOM   75   O  O   . VAL A 1 10  ? -5.357  -11.462 1.640   1.00 11.23 ? 10  VAL A O   1 
ATOM   76   C  CB  . VAL A 1 10  ? -8.401  -10.001 1.210   1.00 11.42 ? 10  VAL A CB  1 
ATOM   77   C  CG1 . VAL A 1 10  ? -7.456  -8.888  1.724   1.00 10.78 ? 10  VAL A CG1 1 
ATOM   78   C  CG2 . VAL A 1 10  ? -9.303  -9.448  0.072   1.00 11.88 ? 10  VAL A CG2 1 
ATOM   79   N  N   . LEU A 1 11  ? -7.079  -12.273 2.870   1.00 11.34 ? 11  LEU A N   1 
ATOM   80   C  CA  . LEU A 1 11  ? -6.233  -12.683 3.968   1.00 12.70 ? 11  LEU A CA  1 
ATOM   81   C  C   . LEU A 1 11  ? -5.365  -13.906 3.625   1.00 13.12 ? 11  LEU A C   1 
ATOM   82   O  O   . LEU A 1 11  ? -4.274  -14.078 4.164   1.00 12.68 ? 11  LEU A O   1 
ATOM   83   C  CB  . LEU A 1 11  ? -7.038  -12.821 5.279   1.00 13.17 ? 11  LEU A CB  1 
ATOM   84   C  CG  . LEU A 1 11  ? -7.673  -11.466 5.688   1.00 12.39 ? 11  LEU A CG  1 
ATOM   85   C  CD1 . LEU A 1 11  ? -8.524  -11.545 6.947   1.00 11.07 ? 11  LEU A CD1 1 
ATOM   86   C  CD2 . LEU A 1 11  ? -6.628  -10.330 5.843   1.00 15.40 ? 11  LEU A CD2 1 
ATOM   87   N  N   . ASN A 1 12  ? -5.822  -14.710 2.676   1.00 12.18 ? 12  ASN A N   1 
ATOM   88   C  CA  . ASN A 1 12  ? -4.960  -15.749 2.168   1.00 12.89 ? 12  ASN A CA  1 
ATOM   89   C  C   . ASN A 1 12  ? -3.757  -15.235 1.346   1.00 12.43 ? 12  ASN A C   1 
ATOM   90   O  O   . ASN A 1 12  ? -2.628  -15.663 1.586   1.00 14.35 ? 12  ASN A O   1 
ATOM   91   C  CB  . ASN A 1 12  ? -5.760  -16.815 1.397   1.00 13.23 ? 12  ASN A CB  1 
ATOM   92   C  CG  . ASN A 1 12  ? -4.892  -18.000 1.035   1.00 15.08 ? 12  ASN A CG  1 
ATOM   93   O  OD1 . ASN A 1 12  ? -4.407  -18.092 -0.064  1.00 19.69 ? 12  ASN A OD1 1 
ATOM   94   N  ND2 . ASN A 1 12  ? -4.610  -18.841 2.006   1.00 18.46 ? 12  ASN A ND2 1 
ATOM   95   N  N   . VAL A 1 13  ? -3.994  -14.340 0.399   1.00 12.77 ? 13  VAL A N   1 
ATOM   96   C  CA  . VAL A 1 13  ? -2.925  -13.578 -0.278  1.00 13.40 ? 13  VAL A CA  1 
ATOM   97   C  C   . VAL A 1 13  ? -1.986  -12.874 0.730   1.00 13.36 ? 13  VAL A C   1 
ATOM   98   O  O   . VAL A 1 13  ? -0.744  -12.881 0.548   1.00 13.28 ? 13  VAL A O   1 
ATOM   99   C  CB  . VAL A 1 13  ? -3.497  -12.562 -1.326  1.00 14.09 ? 13  VAL A CB  1 
ATOM   100  C  CG1 . VAL A 1 13  ? -2.396  -11.625 -1.892  1.00 11.65 ? 13  VAL A CG1 1 
ATOM   101  C  CG2 . VAL A 1 13  ? -4.230  -13.300 -2.474  1.00 15.14 ? 13  VAL A CG2 1 
ATOM   102  N  N   . TRP A 1 14  ? -2.554  -12.251 1.767   1.00 12.91 ? 14  TRP A N   1 
ATOM   103  C  CA  . TRP A 1 14  ? -1.732  -11.511 2.718   1.00 12.89 ? 14  TRP A CA  1 
ATOM   104  C  C   . TRP A 1 14  ? -0.709  -12.404 3.432   1.00 14.07 ? 14  TRP A C   1 
ATOM   105  O  O   . TRP A 1 14  ? 0.372   -11.922 3.804   1.00 12.98 ? 14  TRP A O   1 
ATOM   106  C  CB  . TRP A 1 14  ? -2.565  -10.735 3.732   1.00 13.01 ? 14  TRP A CB  1 
ATOM   107  C  CG  . TRP A 1 14  ? -1.760  -9.652  4.370   1.00 12.54 ? 14  TRP A CG  1 
ATOM   108  C  CD1 . TRP A 1 14  ? -1.225  -9.665  5.642   1.00 14.25 ? 14  TRP A CD1 1 
ATOM   109  C  CD2 . TRP A 1 14  ? -1.297  -8.445  3.752   1.00 13.93 ? 14  TRP A CD2 1 
ATOM   110  N  NE1 . TRP A 1 14  ? -0.500  -8.514  5.866   1.00 14.15 ? 14  TRP A NE1 1 
ATOM   111  C  CE2 . TRP A 1 14  ? -0.543  -7.735  4.736   1.00 13.47 ? 14  TRP A CE2 1 
ATOM   112  C  CE3 . TRP A 1 14  ? -1.505  -7.849  2.493   1.00 12.87 ? 14  TRP A CE3 1 
ATOM   113  C  CZ2 . TRP A 1 14  ? 0.020   -6.489  4.487   1.00 13.94 ? 14  TRP A CZ2 1 
ATOM   114  C  CZ3 . TRP A 1 14  ? -0.922  -6.610  2.245   1.00 15.18 ? 14  TRP A CZ3 1 
ATOM   115  C  CH2 . TRP A 1 14  ? -0.176  -5.940  3.244   1.00 14.69 ? 14  TRP A CH2 1 
ATOM   116  N  N   . GLY A 1 15  ? -1.074  -13.682 3.639   1.00 13.82 ? 15  GLY A N   1 
ATOM   117  C  CA  . GLY A 1 15  ? -0.153  -14.724 4.114   1.00 15.66 ? 15  GLY A CA  1 
ATOM   118  C  C   . GLY A 1 15  ? 1.117   -14.794 3.284   1.00 15.83 ? 15  GLY A C   1 
ATOM   119  O  O   . GLY A 1 15  ? 2.194   -15.091 3.809   1.00 17.14 ? 15  GLY A O   1 
ATOM   120  N  N   . LYS A 1 16  ? 1.008   -14.522 1.989   1.00 15.90 ? 16  LYS A N   1 
ATOM   121  C  CA  . LYS A 1 16  ? 2.195   -14.439 1.138   1.00 16.76 ? 16  LYS A CA  1 
ATOM   122  C  C   . LYS A 1 16  ? 3.076   -13.257 1.540   1.00 15.49 ? 16  LYS A C   1 
ATOM   123  O  O   . LYS A 1 16  ? 4.315   -13.382 1.647   1.00 14.82 ? 16  LYS A O   1 
ATOM   124  C  CB  . LYS A 1 16  ? 1.811   -14.381 -0.370  1.00 16.64 ? 16  LYS A CB  1 
ATOM   125  C  CG  . LYS A 1 16  ? 0.917   -15.542 -0.796  1.00 19.85 ? 16  LYS A CG  1 
ATOM   126  C  CD  . LYS A 1 16  ? 0.397   -15.362 -2.229  1.00 20.04 ? 16  LYS A CD  1 
ATOM   127  C  CE  . LYS A 1 16  ? 0.125   -16.736 -2.866  1.00 22.26 ? 16  LYS A CE  1 
ATOM   128  N  NZ  . LYS A 1 16  ? -0.726  -17.637 -2.039  1.00 27.72 ? 16  LYS A NZ  1 
ATOM   129  N  N   . VAL A 1 17  ? 2.448   -12.101 1.749   1.00 15.04 ? 17  VAL A N   1 
ATOM   130  C  CA  . VAL A 1 17  ? 3.188   -10.883 2.121   1.00 15.26 ? 17  VAL A CA  1 
ATOM   131  C  C   . VAL A 1 17  ? 3.916   -11.060 3.449   1.00 15.43 ? 17  VAL A C   1 
ATOM   132  O  O   . VAL A 1 17  ? 5.092   -10.611 3.597   1.00 14.84 ? 17  VAL A O   1 
ATOM   133  C  CB  . VAL A 1 17  ? 2.254   -9.633  2.220   1.00 15.08 ? 17  VAL A CB  1 
ATOM   134  C  CG1 . VAL A 1 17  ? 3.048   -8.405  2.659   1.00 13.17 ? 17  VAL A CG1 1 
ATOM   135  C  CG2 . VAL A 1 17  ? 1.507   -9.402  0.868   1.00 15.22 ? 17  VAL A CG2 1 
ATOM   136  N  N   . GLU A 1 18  ? 3.247   -11.714 4.404   1.00 14.68 ? 18  GLU A N   1 
ATOM   137  C  CA  . GLU A 1 18  ? 3.804   -11.839 5.742   1.00 15.82 ? 18  GLU A CA  1 
ATOM   138  C  C   . GLU A 1 18  ? 5.002   -12.789 5.806   1.00 16.09 ? 18  GLU A C   1 
ATOM   139  O  O   . GLU A 1 18  ? 5.808   -12.690 6.737   1.00 16.55 ? 18  GLU A O   1 
ATOM   140  C  CB  . GLU A 1 18  ? 2.734   -12.249 6.774   1.00 15.47 ? 18  GLU A CB  1 
ATOM   141  C  CG  . GLU A 1 18  ? 1.713   -11.173 7.017   1.00 15.59 ? 18  GLU A CG  1 
ATOM   142  C  CD  . GLU A 1 18  ? 0.627   -11.579 8.010   1.00 18.29 ? 18  GLU A CD  1 
ATOM   143  O  OE1 . GLU A 1 18  ? 0.492   -12.792 8.346   1.00 19.39 ? 18  GLU A OE1 1 
ATOM   144  O  OE2 . GLU A 1 18  ? -0.098  -10.671 8.449   1.00 19.98 ? 18  GLU A OE2 1 
ATOM   145  N  N   . ALA A 1 19  ? 5.139   -13.686 4.822   1.00 14.94 ? 19  ALA A N   1 
ATOM   146  C  CA  . ALA A 1 19  ? 6.354   -14.524 4.756   1.00 14.85 ? 19  ALA A CA  1 
ATOM   147  C  C   . ALA A 1 19  ? 7.634   -13.677 4.501   1.00 14.32 ? 19  ALA A C   1 
ATOM   148  O  O   . ALA A 1 19  ? 8.747   -14.103 4.859   1.00 13.34 ? 19  ALA A O   1 
ATOM   149  C  CB  . ALA A 1 19  ? 6.220   -15.643 3.710   1.00 13.41 ? 19  ALA A CB  1 
ATOM   150  N  N   . ASP A 1 20  ? 7.477   -12.519 3.863   1.00 14.00 ? 20  ASP A N   1 
ATOM   151  C  CA  . ASP A 1 20  ? 8.609   -11.591 3.667   1.00 14.62 ? 20  ASP A CA  1 
ATOM   152  C  C   . ASP A 1 20  ? 8.113   -10.153 3.575   1.00 15.03 ? 20  ASP A C   1 
ATOM   153  O  O   . ASP A 1 20  ? 8.019   -9.536  2.494   1.00 13.60 ? 20  ASP A O   1 
ATOM   154  C  CB  . ASP A 1 20  ? 9.474   -11.949 2.471   1.00 15.80 ? 20  ASP A CB  1 
ATOM   155  C  CG  . ASP A 1 20  ? 10.669  -10.990 2.309   1.00 16.75 ? 20  ASP A CG  1 
ATOM   156  O  OD1 . ASP A 1 20  ? 11.122  -10.297 3.285   1.00 18.59 ? 20  ASP A OD1 1 
ATOM   157  O  OD2 . ASP A 1 20  ? 11.100  -10.897 1.177   1.00 17.13 ? 20  ASP A OD2 1 
ATOM   158  N  N   . ILE A 1 21  ? 7.781   -9.647  4.745   1.00 14.95 ? 21  ILE A N   1 
ATOM   159  C  CA  . ILE A 1 21  ? 7.156   -8.344  4.847   1.00 16.81 ? 21  ILE A CA  1 
ATOM   160  C  C   . ILE A 1 21  ? 8.097   -7.237  4.310   1.00 16.87 ? 21  ILE A C   1 
ATOM   161  O  O   . ILE A 1 21  ? 7.685   -6.379  3.505   1.00 16.34 ? 21  ILE A O   1 
ATOM   162  C  CB  . ILE A 1 21  ? 6.645   -8.091  6.295   1.00 16.57 ? 21  ILE A CB  1 
ATOM   163  C  CG1 . ILE A 1 21  ? 5.821   -6.814  6.348   1.00 19.04 ? 21  ILE A CG1 1 
ATOM   164  C  CG2 . ILE A 1 21  ? 7.788   -7.915  7.267   1.00 17.28 ? 21  ILE A CG2 1 
ATOM   165  C  CD1 . ILE A 1 21  ? 4.510   -6.922  5.659   1.00 21.09 ? 21  ILE A CD1 1 
ATOM   166  N  N   . ALA A 1 22  ? 9.354   -7.259  4.760   1.00 17.27 ? 22  ALA A N   1 
ATOM   167  C  CA  . ALA A 1 22  ? 10.304  -6.238  4.337   1.00 17.11 ? 22  ALA A CA  1 
ATOM   168  C  C   . ALA A 1 22  ? 10.545  -6.234  2.803   1.00 17.38 ? 22  ALA A C   1 
ATOM   169  O  O   . ALA A 1 22  ? 10.588  -5.158  2.180   1.00 17.16 ? 22  ALA A O   1 
ATOM   170  C  CB  . ALA A 1 22  ? 11.640  -6.349  5.126   1.00 17.62 ? 22  ALA A CB  1 
ATOM   171  N  N   . GLY A 1 23  ? 10.678  -7.428  2.226   1.00 16.55 ? 23  GLY A N   1 
ATOM   172  C  CA  . GLY A 1 23  ? 10.942  -7.635  0.807   1.00 15.03 ? 23  GLY A CA  1 
ATOM   173  C  C   . GLY A 1 23  ? 9.790   -7.132  -0.025  1.00 14.61 ? 23  GLY A C   1 
ATOM   174  O  O   . GLY A 1 23  ? 9.988   -6.371  -0.965  1.00 13.82 ? 23  GLY A O   1 
ATOM   175  N  N   . HIS A 1 24  ? 8.568   -7.518  0.357   1.00 13.99 ? 24  HIS A N   1 
ATOM   176  C  CA  . HIS A 1 24  ? 7.371   -7.034  -0.314  1.00 13.01 ? 24  HIS A CA  1 
ATOM   177  C  C   . HIS A 1 24  ? 7.230   -5.512  -0.169  1.00 13.60 ? 24  HIS A C   1 
ATOM   178  O  O   . HIS A 1 24  ? 6.912   -4.825  -1.140  1.00 12.65 ? 24  HIS A O   1 
ATOM   179  C  CB  . HIS A 1 24  ? 6.118   -7.746  0.230   1.00 13.73 ? 24  HIS A CB  1 
ATOM   180  C  CG  . HIS A 1 24  ? 5.945   -9.149  -0.276  1.00 13.75 ? 24  HIS A CG  1 
ATOM   181  N  ND1 . HIS A 1 24  ? 6.665   -10.217 0.220   1.00 14.91 ? 24  HIS A ND1 1 
ATOM   182  C  CD2 . HIS A 1 24  ? 5.097   -9.667  -1.204  1.00 12.09 ? 24  HIS A CD2 1 
ATOM   183  C  CE1 . HIS A 1 24  ? 6.291   -11.327 -0.398  1.00 14.25 ? 24  HIS A CE1 1 
ATOM   184  N  NE2 . HIS A 1 24  ? 5.348   -11.016 -1.272  1.00 15.92 ? 24  HIS A NE2 1 
ATOM   185  N  N   . GLY A 1 25  ? 7.476   -4.998  1.042   1.00 13.48 ? 25  GLY A N   1 
ATOM   186  C  CA  . GLY A 1 25  ? 7.398   -3.565  1.323   1.00 14.96 ? 25  GLY A CA  1 
ATOM   187  C  C   . GLY A 1 25  ? 8.387   -2.745  0.512   1.00 14.76 ? 25  GLY A C   1 
ATOM   188  O  O   . GLY A 1 25  ? 8.028   -1.749  -0.088  1.00 15.36 ? 25  GLY A O   1 
ATOM   189  N  N   . GLN A 1 26  ? 9.641   -3.158  0.517   1.00 16.56 ? 26  GLN A N   1 
ATOM   190  C  CA  . GLN A 1 26  ? 10.642  -2.522  -0.328  1.00 16.19 ? 26  GLN A CA  1 
ATOM   191  C  C   . GLN A 1 26  ? 10.287  -2.486  -1.838  1.00 16.09 ? 26  GLN A C   1 
ATOM   192  O  O   . GLN A 1 26  ? 10.393  -1.420  -2.471  1.00 15.17 ? 26  GLN A O   1 
ATOM   193  C  CB  . GLN A 1 26  ? 11.992  -3.185  -0.099  1.00 17.55 ? 26  GLN A CB  1 
ATOM   194  C  CG  . GLN A 1 26  ? 12.996  -2.879  -1.198  1.00 21.65 ? 26  GLN A CG  1 
ATOM   195  C  CD  . GLN A 1 26  ? 14.082  -3.903  -1.238  1.00 27.30 ? 26  GLN A CD  1 
ATOM   196  O  OE1 . GLN A 1 26  ? 13.764  -5.025  -1.607  1.00 32.24 ? 26  GLN A OE1 1 
ATOM   197  N  NE2 . GLN A 1 26  ? 15.327  -3.583  -0.889  1.00 30.25 ? 26  GLN A NE2 1 
ATOM   198  N  N   . GLU A 1 27  ? 9.905   -3.640  -2.423  1.00 16.20 ? 27  GLU A N   1 
ATOM   199  C  CA  . GLU A 1 27  ? 9.524   -3.667  -3.846  1.00 16.13 ? 27  GLU A CA  1 
ATOM   200  C  C   . GLU A 1 27  ? 8.316   -2.759  -4.133  1.00 14.23 ? 27  GLU A C   1 
ATOM   201  O  O   . GLU A 1 27  ? 8.299   -2.100  -5.164  1.00 13.27 ? 27  GLU A O   1 
ATOM   202  C  CB  . GLU A 1 27  ? 9.268   -5.080  -4.398  1.00 15.37 ? 27  GLU A CB  1 
ATOM   203  C  CG  . GLU A 1 27  ? 10.520  -5.967  -4.399  1.00 18.51 ? 27  GLU A CG  1 
ATOM   204  C  CD  . GLU A 1 27  ? 10.324  -7.326  -5.109  1.00 19.68 ? 27  GLU A CD  1 
ATOM   205  O  OE1 . GLU A 1 27  ? 9.590   -7.399  -6.142  1.00 24.70 ? 27  GLU A OE1 1 
ATOM   206  O  OE2 . GLU A 1 27  ? 10.957  -8.320  -4.645  1.00 26.04 ? 27  GLU A OE2 1 
ATOM   207  N  N   . VAL A 1 28  ? 7.319   -2.740  -3.240  1.00 12.52 ? 28  VAL A N   1 
ATOM   208  C  CA  . VAL A 1 28  ? 6.160   -1.847  -3.428  1.00 12.01 ? 28  VAL A CA  1 
ATOM   209  C  C   . VAL A 1 28  ? 6.645   -0.387  -3.525  1.00 12.77 ? 28  VAL A C   1 
ATOM   210  O  O   . VAL A 1 28  ? 6.277   0.323   -4.478  1.00 13.63 ? 28  VAL A O   1 
ATOM   211  C  CB  . VAL A 1 28  ? 4.980   -2.101  -2.376  1.00 11.44 ? 28  VAL A CB  1 
ATOM   212  C  CG1 . VAL A 1 28  ? 3.970   -0.913  -2.290  1.00 10.84 ? 28  VAL A CG1 1 
ATOM   213  C  CG2 . VAL A 1 28  ? 4.238   -3.416  -2.698  1.00 9.89  ? 28  VAL A CG2 1 
ATOM   214  N  N   . LEU A 1 29  ? 7.481   0.060   -2.578  1.00 12.61 ? 29  LEU A N   1 
ATOM   215  C  CA  . LEU A 1 29  ? 7.964   1.449   -2.607  1.00 12.50 ? 29  LEU A CA  1 
ATOM   216  C  C   . LEU A 1 29  ? 8.849   1.727   -3.828  1.00 12.83 ? 29  LEU A C   1 
ATOM   217  O  O   . LEU A 1 29  ? 8.737   2.782   -4.426  1.00 12.78 ? 29  LEU A O   1 
ATOM   218  C  CB  . LEU A 1 29  ? 8.739   1.809   -1.333  1.00 12.19 ? 29  LEU A CB  1 
ATOM   219  C  CG  . LEU A 1 29  ? 7.901   1.873   -0.031  1.00 11.96 ? 29  LEU A CG  1 
ATOM   220  C  CD1 . LEU A 1 29  ? 8.819   2.020   1.200   1.00 10.28 ? 29  LEU A CD1 1 
ATOM   221  C  CD2 . LEU A 1 29  ? 6.717   2.923   -0.114  1.00 9.53  ? 29  LEU A CD2 1 
ATOM   222  N  N   . ILE A 1 30  ? 9.752   0.800   -4.165  1.00 14.77 ? 30  ILE A N   1 
ATOM   223  C  CA  . ILE A 1 30  ? 10.579  0.976   -5.382  1.00 15.54 ? 30  ILE A CA  1 
ATOM   224  C  C   . ILE A 1 30  ? 9.729   1.085   -6.655  1.00 15.81 ? 30  ILE A C   1 
ATOM   225  O  O   . ILE A 1 30  ? 10.002  1.941   -7.514  1.00 15.88 ? 30  ILE A O   1 
ATOM   226  C  CB  . ILE A 1 30  ? 11.708  -0.107  -5.551  1.00 15.67 ? 30  ILE A CB  1 
ATOM   227  C  CG1 . ILE A 1 30  ? 12.738  -0.034  -4.401  1.00 15.89 ? 30  ILE A CG1 1 
ATOM   228  C  CG2 . ILE A 1 30  ? 12.430  0.050   -6.915  1.00 16.03 ? 30  ILE A CG2 1 
ATOM   229  C  CD1 . ILE A 1 30  ? 13.869  -1.133  -4.466  1.00 15.80 ? 30  ILE A CD1 1 
ATOM   230  N  N   . ARG A 1 31  ? 8.737   0.200   -6.804  1.00 15.80 ? 31  ARG A N   1 
ATOM   231  C  CA  . ARG A 1 31  ? 7.766   0.274   -7.918  1.00 15.19 ? 31  ARG A CA  1 
ATOM   232  C  C   . ARG A 1 31  ? 7.053   1.652   -7.931  1.00 15.77 ? 31  ARG A C   1 
ATOM   233  O  O   . ARG A 1 31  ? 6.972   2.308   -8.968  1.00 14.69 ? 31  ARG A O   1 
ATOM   234  C  CB  . ARG A 1 31  ? 6.760   -0.906  -7.846  1.00 15.85 ? 31  ARG A CB  1 
ATOM   235  C  CG  . ARG A 1 31  ? 5.664   -0.980  -8.915  1.00 16.21 ? 31  ARG A CG  1 
ATOM   236  C  CD  . ARG A 1 31  ? 6.259   -1.376  -10.288 1.00 18.12 ? 31  ARG A CD  1 
ATOM   237  N  NE  . ARG A 1 31  ? 5.254   -1.282  -11.343 1.00 23.08 ? 31  ARG A NE  1 
ATOM   238  C  CZ  . ARG A 1 31  ? 5.461   -1.609  -12.622 1.00 24.82 ? 31  ARG A CZ  1 
ATOM   239  N  NH1 . ARG A 1 31  ? 6.635   -2.065  -13.007 1.00 24.60 ? 31  ARG A NH1 1 
ATOM   240  N  NH2 . ARG A 1 31  ? 4.484   -1.495  -13.512 1.00 22.01 ? 31  ARG A NH2 1 
ATOM   241  N  N   . LEU A 1 32  ? 6.584   2.108   -6.772  1.00 15.17 ? 32  LEU A N   1 
ATOM   242  C  CA  . LEU A 1 32  ? 5.976   3.450   -6.673  1.00 15.16 ? 32  LEU A CA  1 
ATOM   243  C  C   . LEU A 1 32  ? 6.925   4.603   -7.113  1.00 14.89 ? 32  LEU A C   1 
ATOM   244  O  O   . LEU A 1 32  ? 6.524   5.528   -7.875  1.00 14.96 ? 32  LEU A O   1 
ATOM   245  C  CB  . LEU A 1 32  ? 5.558   3.680   -5.218  1.00 14.02 ? 32  LEU A CB  1 
ATOM   246  C  CG  . LEU A 1 32  ? 4.834   4.956   -4.874  1.00 14.61 ? 32  LEU A CG  1 
ATOM   247  C  CD1 . LEU A 1 32  ? 3.478   5.012   -5.598  1.00 11.67 ? 32  LEU A CD1 1 
ATOM   248  C  CD2 . LEU A 1 32  ? 4.683   5.060   -3.346  1.00 15.66 ? 32  LEU A CD2 1 
ATOM   249  N  N   . PHE A 1 33  ? 8.155   4.564   -6.608  1.00 14.44 ? 33  PHE A N   1 
ATOM   250  C  CA  . PHE A 1 33  ? 9.119   5.670   -6.861  1.00 15.37 ? 33  PHE A CA  1 
ATOM   251  C  C   . PHE A 1 33  ? 9.578   5.708   -8.320  1.00 15.19 ? 33  PHE A C   1 
ATOM   252  O  O   . PHE A 1 33  ? 9.751   6.770   -8.882  1.00 15.83 ? 33  PHE A O   1 
ATOM   253  C  CB  . PHE A 1 33  ? 10.353  5.585   -5.937  1.00 14.56 ? 33  PHE A CB  1 
ATOM   254  C  CG  . PHE A 1 33  ? 10.047  5.710   -4.470  1.00 15.94 ? 33  PHE A CG  1 
ATOM   255  C  CD1 . PHE A 1 33  ? 8.919   6.409   -4.021  1.00 14.58 ? 33  PHE A CD1 1 
ATOM   256  C  CD2 . PHE A 1 33  ? 10.907  5.139   -3.525  1.00 16.85 ? 33  PHE A CD2 1 
ATOM   257  C  CE1 . PHE A 1 33  ? 8.637   6.528   -2.650  1.00 15.17 ? 33  PHE A CE1 1 
ATOM   258  C  CE2 . PHE A 1 33  ? 10.649  5.255   -2.140  1.00 16.08 ? 33  PHE A CE2 1 
ATOM   259  C  CZ  . PHE A 1 33  ? 9.504   5.946   -1.706  1.00 14.27 ? 33  PHE A CZ  1 
ATOM   260  N  N   . THR A 1 34  ? 9.753   4.538   -8.929  1.00 16.38 ? 34  THR A N   1 
ATOM   261  C  CA  . THR A 1 34  ? 10.323  4.438   -10.261 1.00 16.82 ? 34  THR A CA  1 
ATOM   262  C  C   . THR A 1 34  ? 9.241   4.708   -11.279 1.00 17.19 ? 34  THR A C   1 
ATOM   263  O  O   . THR A 1 34  ? 9.489   5.356   -12.303 1.00 17.68 ? 34  THR A O   1 
ATOM   264  C  CB  . THR A 1 34  ? 11.003  3.044   -10.524 1.00 16.79 ? 34  THR A CB  1 
ATOM   265  O  OG1 . THR A 1 34  ? 10.042  1.994   -10.354 1.00 18.07 ? 34  THR A OG1 1 
ATOM   266  C  CG2 . THR A 1 34  ? 12.158  2.806   -9.567  1.00 17.83 ? 34  THR A CG2 1 
ATOM   267  N  N   . GLY A 1 35  ? 8.023   4.230   -11.005 1.00 16.98 ? 35  GLY A N   1 
ATOM   268  C  CA  . GLY A 1 35  ? 6.915   4.509   -11.885 1.00 15.91 ? 35  GLY A CA  1 
ATOM   269  C  C   . GLY A 1 35  ? 6.372   5.922   -11.734 1.00 15.76 ? 35  GLY A C   1 
ATOM   270  O  O   . GLY A 1 35  ? 5.783   6.472   -12.678 1.00 14.50 ? 35  GLY A O   1 
ATOM   271  N  N   . HIS A 1 36  ? 6.548   6.513   -10.545 1.00 14.16 ? 36  HIS A N   1 
ATOM   272  C  CA  . HIS A 1 36  ? 6.016   7.855   -10.306 1.00 13.63 ? 36  HIS A CA  1 
ATOM   273  C  C   . HIS A 1 36  ? 6.991   8.662   -9.473  1.00 13.42 ? 36  HIS A C   1 
ATOM   274  O  O   . HIS A 1 36  ? 6.819   8.737   -8.274  1.00 12.59 ? 36  HIS A O   1 
ATOM   275  C  CB  . HIS A 1 36  ? 4.630   7.743   -9.639  1.00 12.73 ? 36  HIS A CB  1 
ATOM   276  C  CG  . HIS A 1 36  ? 3.729   6.752   -10.311 1.00 15.31 ? 36  HIS A CG  1 
ATOM   277  N  ND1 . HIS A 1 36  ? 2.953   7.066   -11.404 1.00 15.45 ? 36  HIS A ND1 1 
ATOM   278  C  CD2 . HIS A 1 36  ? 3.526   5.434   -10.073 1.00 16.96 ? 36  HIS A CD2 1 
ATOM   279  C  CE1 . HIS A 1 36  ? 2.282   5.998   -11.785 1.00 16.75 ? 36  HIS A CE1 1 
ATOM   280  N  NE2 . HIS A 1 36  ? 2.626   4.988   -11.008 1.00 17.37 ? 36  HIS A NE2 1 
ATOM   281  N  N   . PRO A 1 37  ? 8.050   9.234   -10.114 1.00 13.31 ? 37  PRO A N   1 
ATOM   282  C  CA  . PRO A 1 37  ? 9.107   9.917   -9.389  1.00 14.29 ? 37  PRO A CA  1 
ATOM   283  C  C   . PRO A 1 37  ? 8.646   11.110  -8.572  1.00 14.88 ? 37  PRO A C   1 
ATOM   284  O  O   . PRO A 1 37  ? 9.343   11.449  -7.598  1.00 15.23 ? 37  PRO A O   1 
ATOM   285  C  CB  . PRO A 1 37  ? 10.090  10.347  -10.500 1.00 14.16 ? 37  PRO A CB  1 
ATOM   286  C  CG  . PRO A 1 37  ? 9.851   9.296   -11.628 1.00 13.18 ? 37  PRO A CG  1 
ATOM   287  C  CD  . PRO A 1 37  ? 8.345   9.142   -11.559 1.00 13.00 ? 37  PRO A CD  1 
ATOM   288  N  N   . GLU A 1 38  ? 7.513   11.735  -8.937  1.00 14.88 ? 38  GLU A N   1 
ATOM   289  C  CA  . GLU A 1 38  ? 6.915   12.784  -8.092  1.00 15.20 ? 38  GLU A CA  1 
ATOM   290  C  C   . GLU A 1 38  ? 6.644   12.301  -6.654  1.00 16.03 ? 38  GLU A C   1 
ATOM   291  O  O   . GLU A 1 38  ? 6.670   13.106  -5.733  1.00 16.19 ? 38  GLU A O   1 
ATOM   292  C  CB  . GLU A 1 38  ? 5.633   13.405  -8.716  1.00 15.79 ? 38  GLU A CB  1 
ATOM   293  C  CG  . GLU A 1 38  ? 4.368   12.507  -8.711  1.00 14.77 ? 38  GLU A CG  1 
ATOM   294  C  CD  . GLU A 1 38  ? 4.283   11.616  -9.951  1.00 15.56 ? 38  GLU A CD  1 
ATOM   295  O  OE1 . GLU A 1 38  ? 5.322   11.191  -10.489 1.00 13.06 ? 38  GLU A OE1 1 
ATOM   296  O  OE2 . GLU A 1 38  ? 3.165   11.348  -10.400 1.00 20.09 ? 38  GLU A OE2 1 
ATOM   297  N  N   . THR A 1 39  ? 6.397   10.995  -6.477  1.00 15.83 ? 39  THR A N   1 
ATOM   298  C  CA  . THR A 1 39  ? 6.070   10.436  -5.169  1.00 16.58 ? 39  THR A CA  1 
ATOM   299  C  C   . THR A 1 39  ? 7.320   10.434  -4.290  1.00 16.58 ? 39  THR A C   1 
ATOM   300  O  O   . THR A 1 39  ? 7.235   10.770  -3.112  1.00 16.06 ? 39  THR A O   1 
ATOM   301  C  CB  . THR A 1 39  ? 5.451   8.985   -5.214  1.00 16.06 ? 39  THR A CB  1 
ATOM   302  O  OG1 . THR A 1 39  ? 6.405   8.045   -5.734  1.00 16.10 ? 39  THR A OG1 1 
ATOM   303  C  CG2 . THR A 1 39  ? 4.144   8.949   -6.051  1.00 17.35 ? 39  THR A CG2 1 
ATOM   304  N  N   . LEU A 1 40  ? 8.472   10.112  -4.888  1.00 16.92 ? 40  LEU A N   1 
ATOM   305  C  CA  . LEU A 1 40  ? 9.726   10.152  -4.145  1.00 17.09 ? 40  LEU A CA  1 
ATOM   306  C  C   . LEU A 1 40  ? 9.924   11.522  -3.480  1.00 17.04 ? 40  LEU A C   1 
ATOM   307  O  O   . LEU A 1 40  ? 10.424  11.601  -2.332  1.00 16.28 ? 40  LEU A O   1 
ATOM   308  C  CB  . LEU A 1 40  ? 10.931  9.775   -5.024  1.00 16.91 ? 40  LEU A CB  1 
ATOM   309  C  CG  . LEU A 1 40  ? 12.304  9.589   -4.345  1.00 17.83 ? 40  LEU A CG  1 
ATOM   310  C  CD1 . LEU A 1 40  ? 12.326  8.283   -3.437  1.00 16.21 ? 40  LEU A CD1 1 
ATOM   311  C  CD2 . LEU A 1 40  ? 13.454  9.570   -5.382  1.00 16.15 ? 40  LEU A CD2 1 
ATOM   312  N  N   . GLU A 1 41  ? 9.512   12.590  -4.176  1.00 16.77 ? 41  GLU A N   1 
ATOM   313  C  CA  . GLU A 1 41  ? 9.706   13.949  -3.640  1.00 17.97 ? 41  GLU A CA  1 
ATOM   314  C  C   . GLU A 1 41  ? 8.947   14.203  -2.342  1.00 17.15 ? 41  GLU A C   1 
ATOM   315  O  O   . GLU A 1 41  ? 9.259   15.120  -1.614  1.00 18.31 ? 41  GLU A O   1 
ATOM   316  C  CB  . GLU A 1 41  ? 9.376   15.023  -4.694  1.00 18.44 ? 41  GLU A CB  1 
ATOM   317  C  CG  . GLU A 1 41  ? 10.343  15.035  -5.863  1.00 21.06 ? 41  GLU A CG  1 
ATOM   318  C  CD  . GLU A 1 41  ? 11.822  14.993  -5.444  1.00 23.48 ? 41  GLU A CD  1 
ATOM   319  O  OE1 . GLU A 1 41  ? 12.294  16.006  -4.911  1.00 23.39 ? 41  GLU A OE1 1 
ATOM   320  O  OE2 . GLU A 1 41  ? 12.501  13.944  -5.645  1.00 26.38 ? 41  GLU A OE2 1 
ATOM   321  N  N   . LYS A 1 42  ? 7.950   13.375  -2.042  1.00 17.19 ? 42  LYS A N   1 
ATOM   322  C  CA  . LYS A 1 42  ? 7.204   13.538  -0.801  1.00 16.35 ? 42  LYS A CA  1 
ATOM   323  C  C   . LYS A 1 42  ? 7.951   13.055  0.448   1.00 16.18 ? 42  LYS A C   1 
ATOM   324  O  O   . LYS A 1 42  ? 7.512   13.362  1.563   1.00 15.11 ? 42  LYS A O   1 
ATOM   325  C  CB  . LYS A 1 42  ? 5.851   12.852  -0.902  1.00 15.38 ? 42  LYS A CB  1 
ATOM   326  C  CG  . LYS A 1 42  ? 4.952   13.496  -1.903  1.00 16.42 ? 42  LYS A CG  1 
ATOM   327  C  CD  . LYS A 1 42  ? 4.521   14.920  -1.450  1.00 14.17 ? 42  LYS A CD  1 
ATOM   328  C  CE  . LYS A 1 42  ? 3.536   15.519  -2.469  1.00 15.53 ? 42  LYS A CE  1 
ATOM   329  N  NZ  . LYS A 1 42  ? 2.971   16.787  -1.897  1.00 18.73 ? 42  LYS A NZ  1 
ATOM   330  N  N   . PHE A 1 43  ? 9.059   12.314  0.244   1.00 15.97 ? 43  PHE A N   1 
ATOM   331  C  CA  . PHE A 1 43  ? 9.860   11.689  1.307   1.00 17.23 ? 43  PHE A CA  1 
ATOM   332  C  C   . PHE A 1 43  ? 11.221  12.397  1.446   1.00 19.63 ? 43  PHE A C   1 
ATOM   333  O  O   . PHE A 1 43  ? 12.143  12.117  0.680   1.00 18.94 ? 43  PHE A O   1 
ATOM   334  C  CB  . PHE A 1 43  ? 10.168  10.200  1.005   1.00 16.56 ? 43  PHE A CB  1 
ATOM   335  C  CG  . PHE A 1 43  ? 8.982   9.269   1.085   1.00 15.39 ? 43  PHE A CG  1 
ATOM   336  C  CD1 . PHE A 1 43  ? 8.155   9.057   -0.034  1.00 15.41 ? 43  PHE A CD1 1 
ATOM   337  C  CD2 . PHE A 1 43  ? 8.728   8.547   2.257   1.00 14.15 ? 43  PHE A CD2 1 
ATOM   338  C  CE1 . PHE A 1 43  ? 7.036   8.170   0.040   1.00 13.55 ? 43  PHE A CE1 1 
ATOM   339  C  CE2 . PHE A 1 43  ? 7.618   7.622   2.326   1.00 13.90 ? 43  PHE A CE2 1 
ATOM   340  C  CZ  . PHE A 1 43  ? 6.779   7.461   1.221   1.00 13.20 ? 43  PHE A CZ  1 
ATOM   341  N  N   . ASP A 1 44  ? 11.368  13.277  2.432   1.00 22.44 ? 44  ASP A N   1 
ATOM   342  C  CA  . ASP A 1 44  ? 12.672  13.890  2.706   1.00 25.05 ? 44  ASP A CA  1 
ATOM   343  C  C   . ASP A 1 44  ? 13.797  12.887  2.949   1.00 25.12 ? 44  ASP A C   1 
ATOM   344  O  O   . ASP A 1 44  ? 14.906  13.104  2.473   1.00 26.68 ? 44  ASP A O   1 
ATOM   345  C  CB  . ASP A 1 44  ? 12.587  14.883  3.873   1.00 26.41 ? 44  ASP A CB  1 
ATOM   346  C  CG  . ASP A 1 44  ? 11.929  16.193  3.467   1.00 31.20 ? 44  ASP A CG  1 
ATOM   347  O  OD1 . ASP A 1 44  ? 12.011  16.565  2.279   1.00 35.12 ? 44  ASP A OD1 1 
ATOM   348  O  OD2 . ASP A 1 44  ? 11.323  16.854  4.336   1.00 37.70 ? 44  ASP A OD2 1 
ATOM   349  N  N   . LYS A 1 45  ? 13.523  11.775  3.627   1.00 24.33 ? 45  LYS A N   1 
ATOM   350  C  CA  . LYS A 1 45  ? 14.562  10.756  3.856   1.00 24.44 ? 45  LYS A CA  1 
ATOM   351  C  C   . LYS A 1 45  ? 14.816  9.754   2.682   1.00 23.40 ? 45  LYS A C   1 
ATOM   352  O  O   . LYS A 1 45  ? 15.675  8.877   2.787   1.00 23.05 ? 45  LYS A O   1 
ATOM   353  C  CB  . LYS A 1 45  ? 14.274  9.997   5.149   1.00 24.18 ? 45  LYS A CB  1 
ATOM   354  C  CG  . LYS A 1 45  ? 13.117  8.992   5.031   1.00 26.08 ? 45  LYS A CG  1 
ATOM   355  C  CD  . LYS A 1 45  ? 12.692  8.445   6.404   1.00 25.71 ? 45  LYS A CD  1 
ATOM   356  C  CE  . LYS A 1 45  ? 11.576  7.411   6.188   1.00 27.52 ? 45  LYS A CE  1 
ATOM   357  N  NZ  . LYS A 1 45  ? 10.949  6.939   7.442   1.00 29.56 ? 45  LYS A NZ  1 
ATOM   358  N  N   . PHE A 1 46  ? 14.073  9.860   1.586   1.00 21.63 ? 46  PHE A N   1 
ATOM   359  C  CA  . PHE A 1 46  ? 14.355  9.009   0.412   1.00 20.66 ? 46  PHE A CA  1 
ATOM   360  C  C   . PHE A 1 46  ? 14.736  9.781   -0.873  1.00 20.42 ? 46  PHE A C   1 
ATOM   361  O  O   . PHE A 1 46  ? 15.142  9.185   -1.885  1.00 19.36 ? 46  PHE A O   1 
ATOM   362  C  CB  . PHE A 1 46  ? 13.218  8.004   0.139   1.00 19.69 ? 46  PHE A CB  1 
ATOM   363  C  CG  . PHE A 1 46  ? 12.958  7.036   1.278   1.00 20.53 ? 46  PHE A CG  1 
ATOM   364  C  CD1 . PHE A 1 46  ? 14.016  6.393   1.933   1.00 17.69 ? 46  PHE A CD1 1 
ATOM   365  C  CD2 . PHE A 1 46  ? 11.635  6.771   1.703   1.00 19.93 ? 46  PHE A CD2 1 
ATOM   366  C  CE1 . PHE A 1 46  ? 13.771  5.507   3.021   1.00 18.06 ? 46  PHE A CE1 1 
ATOM   367  C  CE2 . PHE A 1 46  ? 11.373  5.874   2.780   1.00 17.36 ? 46  PHE A CE2 1 
ATOM   368  C  CZ  . PHE A 1 46  ? 12.458  5.242   3.434   1.00 17.61 ? 46  PHE A CZ  1 
ATOM   369  N  N   . LYS A 1 47  ? 14.598  11.096  -0.850  1.00 20.93 ? 47  LYS A N   1 
ATOM   370  C  CA  . LYS A 1 47  ? 14.847  11.860  -2.054  1.00 22.45 ? 47  LYS A CA  1 
ATOM   371  C  C   . LYS A 1 47  ? 16.329  11.918  -2.420  1.00 23.61 ? 47  LYS A C   1 
ATOM   372  O  O   . LYS A 1 47  ? 16.659  12.199  -3.573  1.00 25.18 ? 47  LYS A O   1 
ATOM   373  C  CB  . LYS A 1 47  ? 14.164  13.242  -2.031  0.50 22.10 ? 47  LYS A CB  1 
ATOM   374  C  CG  . LYS A 1 47  ? 14.606  14.177  -0.957  0.50 22.39 ? 47  LYS A CG  1 
ATOM   375  C  CD  . LYS A 1 47  ? 13.882  15.525  -1.139  0.50 21.96 ? 47  LYS A CD  1 
ATOM   376  C  CE  . LYS A 1 47  ? 13.998  16.434  0.085   0.50 23.53 ? 47  LYS A CE  1 
ATOM   377  N  NZ  . LYS A 1 47  ? 15.105  16.112  1.040   0.50 22.74 ? 47  LYS A NZ  1 
ATOM   378  N  N   . HIS A 1 48  ? 17.220  11.605  -1.471  1.00 24.95 ? 48  HIS A N   1 
ATOM   379  C  CA  . HIS A 1 48  ? 18.628  11.361  -1.800  1.00 26.62 ? 48  HIS A CA  1 
ATOM   380  C  C   . HIS A 1 48  ? 18.832  10.182  -2.753  1.00 27.51 ? 48  HIS A C   1 
ATOM   381  O  O   . HIS A 1 48  ? 19.893  10.096  -3.355  1.00 29.00 ? 48  HIS A O   1 
ATOM   382  C  CB  . HIS A 1 48  ? 19.453  11.093  -0.545  1.00 27.07 ? 48  HIS A CB  1 
ATOM   383  C  CG  . HIS A 1 48  ? 19.220  9.722   0.021   1.00 27.74 ? 48  HIS A CG  1 
ATOM   384  N  ND1 . HIS A 1 48  ? 18.224  9.449   0.940   1.00 27.90 ? 48  HIS A ND1 1 
ATOM   385  C  CD2 . HIS A 1 48  ? 19.891  8.561   -0.159  1.00 27.71 ? 48  HIS A CD2 1 
ATOM   386  C  CE1 . HIS A 1 48  ? 18.264  8.171   1.265   1.00 27.90 ? 48  HIS A CE1 1 
ATOM   387  N  NE2 . HIS A 1 48  ? 19.266  7.609   0.613   1.00 30.24 ? 48  HIS A NE2 1 
ATOM   388  N  N   . LEU A 1 49  ? 17.869  9.252   -2.853  1.00 27.48 ? 49  LEU A N   1 
ATOM   389  C  CA  . LEU A 1 49  ? 18.031  8.044   -3.681  1.00 27.59 ? 49  LEU A CA  1 
ATOM   390  C  C   . LEU A 1 49  ? 17.899  8.380   -5.167  1.00 28.16 ? 49  LEU A C   1 
ATOM   391  O  O   . LEU A 1 49  ? 16.817  8.715   -5.650  1.00 28.25 ? 49  LEU A O   1 
ATOM   392  C  CB  . LEU A 1 49  ? 17.056  6.916   -3.266  1.00 27.34 ? 49  LEU A CB  1 
ATOM   393  C  CG  . LEU A 1 49  ? 17.146  6.289   -1.851  1.00 27.18 ? 49  LEU A CG  1 
ATOM   394  C  CD1 . LEU A 1 49  ? 15.971  5.406   -1.541  1.00 23.98 ? 49  LEU A CD1 1 
ATOM   395  C  CD2 . LEU A 1 49  ? 18.430  5.505   -1.659  1.00 25.06 ? 49  LEU A CD2 1 
ATOM   396  N  N   . LYS A 1 50  ? 19.014  8.312   -5.890  1.00 28.62 ? 50  LYS A N   1 
ATOM   397  C  CA  . LYS A 1 50  ? 19.037  8.756   -7.301  1.00 29.03 ? 50  LYS A CA  1 
ATOM   398  C  C   . LYS A 1 50  ? 18.789  7.643   -8.341  1.00 27.76 ? 50  LYS A C   1 
ATOM   399  O  O   . LYS A 1 50  ? 18.363  7.910   -9.460  1.00 28.70 ? 50  LYS A O   1 
ATOM   400  C  CB  . LYS A 1 50  ? 20.348  9.510   -7.607  1.00 29.96 ? 50  LYS A CB  1 
ATOM   401  C  CG  . LYS A 1 50  ? 20.378  10.949  -7.075  1.00 32.51 ? 50  LYS A CG  1 
ATOM   402  C  CD  . LYS A 1 50  ? 19.152  11.753  -7.634  1.00 35.80 ? 50  LYS A CD  1 
ATOM   403  C  CE  . LYS A 1 50  ? 19.185  13.255  -7.307  1.00 36.52 ? 50  LYS A CE  1 
ATOM   404  N  NZ  . LYS A 1 50  ? 19.115  13.519  -5.827  1.00 39.16 ? 50  LYS A NZ  1 
ATOM   405  N  N   . THR A 1 51  ? 19.047  6.402   -7.962  1.00 26.32 ? 51  THR A N   1 
ATOM   406  C  CA  . THR A 1 51  ? 18.959  5.260   -8.880  1.00 25.34 ? 51  THR A CA  1 
ATOM   407  C  C   . THR A 1 51  ? 18.206  4.160   -8.202  1.00 24.90 ? 51  THR A C   1 
ATOM   408  O  O   . THR A 1 51  ? 18.145  4.129   -6.974  1.00 24.02 ? 51  THR A O   1 
ATOM   409  C  CB  . THR A 1 51  ? 20.361  4.726   -9.214  1.00 25.28 ? 51  THR A CB  1 
ATOM   410  O  OG1 . THR A 1 51  ? 21.041  4.370   -7.990  1.00 24.90 ? 51  THR A OG1 1 
ATOM   411  C  CG2 . THR A 1 51  ? 21.180  5.799   -9.932  1.00 24.37 ? 51  THR A CG2 1 
ATOM   412  N  N   . GLU A 1 52  ? 17.667  3.229   -8.989  1.00 24.51 ? 52  GLU A N   1 
ATOM   413  C  CA  . GLU A 1 52  ? 17.096  2.013   -8.410  1.00 25.10 ? 52  GLU A CA  1 
ATOM   414  C  C   . GLU A 1 52  ? 18.091  1.156   -7.564  1.00 24.87 ? 52  GLU A C   1 
ATOM   415  O  O   . GLU A 1 52  ? 17.683  0.504   -6.597  1.00 24.06 ? 52  GLU A O   1 
ATOM   416  C  CB  . GLU A 1 52  ? 16.437  1.170   -9.493  1.00 24.32 ? 52  GLU A CB  1 
ATOM   417  C  CG  . GLU A 1 52  ? 15.761  -0.064  -8.959  1.00 27.71 ? 52  GLU A CG  1 
ATOM   418  C  CD  . GLU A 1 52  ? 14.869  -0.735  -9.977  1.00 31.09 ? 52  GLU A CD  1 
ATOM   419  O  OE1 . GLU A 1 52  ? 14.538  -0.119  -11.019 1.00 30.38 ? 52  GLU A OE1 1 
ATOM   420  O  OE2 . GLU A 1 52  ? 14.507  -1.894  -9.719  1.00 36.48 ? 52  GLU A OE2 1 
ATOM   421  N  N   . ALA A 1 53  ? 19.378  1.171   -7.929  1.00 24.21 ? 53  ALA A N   1 
ATOM   422  C  CA  . ALA A 1 53  ? 20.397  0.425   -7.197  1.00 23.69 ? 53  ALA A CA  1 
ATOM   423  C  C   . ALA A 1 53  ? 20.511  0.997   -5.797  1.00 23.85 ? 53  ALA A C   1 
ATOM   424  O  O   . ALA A 1 53  ? 20.532  0.246   -4.817  1.00 24.33 ? 53  ALA A O   1 
ATOM   425  C  CB  . ALA A 1 53  ? 21.772  0.490   -7.932  1.00 24.13 ? 53  ALA A CB  1 
ATOM   426  N  N   . GLU A 1 54  ? 20.555  2.322   -5.702  1.00 23.48 ? 54  GLU A N   1 
ATOM   427  C  CA  . GLU A 1 54  ? 20.579  2.991   -4.407  1.00 24.41 ? 54  GLU A CA  1 
ATOM   428  C  C   . GLU A 1 54  ? 19.323  2.649   -3.579  1.00 22.90 ? 54  GLU A C   1 
ATOM   429  O  O   . GLU A 1 54  ? 19.442  2.352   -2.377  1.00 22.88 ? 54  GLU A O   1 
ATOM   430  C  CB  . GLU A 1 54  ? 20.801  4.520   -4.551  1.00 24.37 ? 54  GLU A CB  1 
ATOM   431  C  CG  . GLU A 1 54  ? 22.178  4.902   -5.150  1.00 26.35 ? 54  GLU A CG  1 
ATOM   432  C  CD  . GLU A 1 54  ? 22.320  6.398   -5.517  1.00 27.77 ? 54  GLU A CD  1 
ATOM   433  O  OE1 . GLU A 1 54  ? 21.316  7.032   -5.948  1.00 27.74 ? 54  GLU A OE1 1 
ATOM   434  O  OE2 . GLU A 1 54  ? 23.457  6.921   -5.380  1.00 29.87 ? 54  GLU A OE2 1 
ATOM   435  N  N   . MET A 1 55  ? 18.143  2.684   -4.215  1.00 21.07 ? 55  MET A N   1 
ATOM   436  C  CA  . MET A 1 55  ? 16.877  2.315   -3.548  1.00 19.70 ? 55  MET A CA  1 
ATOM   437  C  C   . MET A 1 55  ? 16.954  0.895   -3.003  1.00 19.58 ? 55  MET A C   1 
ATOM   438  O  O   . MET A 1 55  ? 16.669  0.624   -1.826  1.00 17.47 ? 55  MET A O   1 
ATOM   439  C  CB  . MET A 1 55  ? 15.715  2.395   -4.529  1.00 19.59 ? 55  MET A CB  1 
ATOM   440  C  CG  . MET A 1 55  ? 15.392  3.816   -4.992  1.00 19.47 ? 55  MET A CG  1 
ATOM   441  S  SD  . MET A 1 55  ? 14.019  3.760   -6.158  1.00 17.77 ? 55  MET A SD  1 
ATOM   442  C  CE  . MET A 1 55  ? 14.086  5.461   -6.769  1.00 18.50 ? 55  MET A CE  1 
ATOM   443  N  N   . LYS A 1 56  ? 17.359  -0.004  -3.892  1.00 19.97 ? 56  LYS A N   1 
ATOM   444  C  CA  . LYS A 1 56  ? 17.467  -1.417  -3.591  1.00 21.05 ? 56  LYS A CA  1 
ATOM   445  C  C   . LYS A 1 56  ? 18.403  -1.728  -2.410  1.00 20.81 ? 56  LYS A C   1 
ATOM   446  O  O   . LYS A 1 56  ? 18.105  -2.633  -1.629  1.00 20.98 ? 56  LYS A O   1 
ATOM   447  C  CB  . LYS A 1 56  ? 17.814  -2.188  -4.866  1.00 22.15 ? 56  LYS A CB  1 
ATOM   448  C  CG  . LYS A 1 56  ? 17.630  -3.695  -4.753  1.00 26.85 ? 56  LYS A CG  1 
ATOM   449  C  CD  . LYS A 1 56  ? 16.159  -4.107  -4.668  1.00 29.75 ? 56  LYS A CD  1 
ATOM   450  C  CE  . LYS A 1 56  ? 16.071  -5.576  -4.219  1.00 32.99 ? 56  LYS A CE  1 
ATOM   451  N  NZ  . LYS A 1 56  ? 14.668  -6.114  -4.194  1.00 33.83 ? 56  LYS A NZ  1 
ATOM   452  N  N   . ALA A 1 57  ? 19.464  -0.927  -2.259  1.00 20.69 ? 57  ALA A N   1 
ATOM   453  C  CA  . ALA A 1 57  ? 20.516  -1.095  -1.246  1.00 20.51 ? 57  ALA A CA  1 
ATOM   454  C  C   . ALA A 1 57  ? 20.217  -0.307  0.029   1.00 20.43 ? 57  ALA A C   1 
ATOM   455  O  O   . ALA A 1 57  ? 20.990  -0.371  1.014   1.00 20.10 ? 57  ALA A O   1 
ATOM   456  C  CB  . ALA A 1 57  ? 21.854  -0.648  -1.799  1.00 21.55 ? 57  ALA A CB  1 
ATOM   457  N  N   . SER A 1 58  ? 19.095  0.417   0.029   1.00 19.14 ? 58  SER A N   1 
ATOM   458  C  CA  . SER A 1 58  ? 18.694  1.217   1.193   1.00 18.67 ? 58  SER A CA  1 
ATOM   459  C  C   . SER A 1 58  ? 17.989  0.400   2.273   1.00 17.40 ? 58  SER A C   1 
ATOM   460  O  O   . SER A 1 58  ? 16.877  -0.080  2.090   1.00 17.78 ? 58  SER A O   1 
ATOM   461  C  CB  . SER A 1 58  ? 17.836  2.419   0.782   1.00 18.24 ? 58  SER A CB  1 
ATOM   462  O  OG  . SER A 1 58  ? 17.332  3.061   1.931   1.00 20.84 ? 58  SER A OG  1 
ATOM   463  N  N   . GLU A 1 59  ? 18.656  0.260   3.412   1.00 17.26 ? 59  GLU A N   1 
ATOM   464  C  CA  . GLU A 1 59  ? 18.137  -0.547  4.512   1.00 17.01 ? 59  GLU A CA  1 
ATOM   465  C  C   . GLU A 1 59  ? 17.012  0.215   5.171   1.00 16.73 ? 59  GLU A C   1 
ATOM   466  O  O   . GLU A 1 59  ? 16.067  -0.393  5.695   1.00 16.32 ? 59  GLU A O   1 
ATOM   467  C  CB  . GLU A 1 59  ? 19.240  -0.874  5.539   1.00 17.65 ? 59  GLU A CB  1 
ATOM   468  C  CG  . GLU A 1 59  ? 20.302  -1.932  5.065   1.00 19.76 ? 59  GLU A CG  1 
ATOM   469  C  CD  . GLU A 1 59  ? 19.678  -3.216  4.461   1.00 23.70 ? 59  GLU A CD  1 
ATOM   470  O  OE1 . GLU A 1 59  ? 18.771  -3.818  5.069   1.00 26.24 ? 59  GLU A OE1 1 
ATOM   471  O  OE2 . GLU A 1 59  ? 20.090  -3.636  3.365   1.00 27.04 ? 59  GLU A OE2 1 
ATOM   472  N  N   . ASP A 1 60  ? 17.114  1.548   5.143   1.00 15.76 ? 60  ASP A N   1 
ATOM   473  C  CA  . ASP A 1 60  ? 16.053  2.374   5.702   1.00 15.69 ? 60  ASP A CA  1 
ATOM   474  C  C   . ASP A 1 60  ? 14.780  2.314   4.847   1.00 15.32 ? 60  ASP A C   1 
ATOM   475  O  O   . ASP A 1 60  ? 13.689  2.367   5.422   1.00 13.22 ? 60  ASP A O   1 
ATOM   476  C  CB  . ASP A 1 60  ? 16.493  3.824   5.883   1.00 15.95 ? 60  ASP A CB  1 
ATOM   477  C  CG  . ASP A 1 60  ? 15.591  4.580   6.828   1.00 18.30 ? 60  ASP A CG  1 
ATOM   478  O  OD1 . ASP A 1 60  ? 15.299  4.088   7.937   1.00 23.21 ? 60  ASP A OD1 1 
ATOM   479  O  OD2 . ASP A 1 60  ? 15.167  5.671   6.461   1.00 19.79 ? 60  ASP A OD2 1 
ATOM   480  N  N   . LEU A 1 61  ? 14.911  2.238   3.502   1.00 14.59 ? 61  LEU A N   1 
ATOM   481  C  CA  . LEU A 1 61  ? 13.728  1.987   2.630   1.00 14.71 ? 61  LEU A CA  1 
ATOM   482  C  C   . LEU A 1 61  ? 13.031  0.650   2.948   1.00 15.32 ? 61  LEU A C   1 
ATOM   483  O  O   . LEU A 1 61  ? 11.795  0.566   2.900   1.00 15.00 ? 61  LEU A O   1 
ATOM   484  C  CB  . LEU A 1 61  ? 14.026  2.164   1.108   1.00 14.62 ? 61  LEU A CB  1 
ATOM   485  C  CG  . LEU A 1 61  ? 12.905  1.958   0.051   1.00 14.19 ? 61  LEU A CG  1 
ATOM   486  C  CD1 . LEU A 1 61  ? 13.274  2.435   -1.330  1.00 16.23 ? 61  LEU A CD1 1 
ATOM   487  C  CD2 . LEU A 1 61  ? 12.559  0.518   -0.109  1.00 20.87 ? 61  LEU A CD2 1 
ATOM   488  N  N   . LYS A 1 62  ? 13.808  -0.404  3.245   1.00 16.40 ? 62  LYS A N   1 
ATOM   489  C  CA  . LYS A 1 62  ? 13.231  -1.711  3.633   1.00 16.58 ? 62  LYS A CA  1 
ATOM   490  C  C   . LYS A 1 62  ? 12.496  -1.564  4.959   1.00 15.10 ? 62  LYS A C   1 
ATOM   491  O  O   . LYS A 1 62  ? 11.402  -2.081  5.134   1.00 14.48 ? 62  LYS A O   1 
ATOM   492  C  CB  . LYS A 1 62  ? 14.287  -2.830  3.775   1.00 17.05 ? 62  LYS A CB  1 
ATOM   493  C  CG  . LYS A 1 62  ? 14.643  -3.544  2.490   1.00 22.03 ? 62  LYS A CG  1 
ATOM   494  C  CD  . LYS A 1 62  ? 14.822  -5.080  2.676   1.00 27.53 ? 62  LYS A CD  1 
ATOM   495  C  CE  . LYS A 1 62  ? 15.990  -5.421  3.627   1.00 28.42 ? 62  LYS A CE  1 
ATOM   496  N  NZ  . LYS A 1 62  ? 16.569  -6.860  3.516   1.00 28.10 ? 62  LYS A NZ  1 
ATOM   497  N  N   . LYS A 1 63  ? 13.133  -0.881  5.904   1.00 15.07 ? 63  LYS A N   1 
ATOM   498  C  CA  . LYS A 1 63  ? 12.511  -0.576  7.197   1.00 14.72 ? 63  LYS A CA  1 
ATOM   499  C  C   . LYS A 1 63  ? 11.156  0.122   6.991   1.00 14.83 ? 63  LYS A C   1 
ATOM   500  O  O   . LYS A 1 63  ? 10.140  -0.289  7.578   1.00 13.77 ? 63  LYS A O   1 
ATOM   501  C  CB  . LYS A 1 63  ? 13.419  0.333   8.019   1.00 15.19 ? 63  LYS A CB  1 
ATOM   502  C  CG  . LYS A 1 63  ? 13.009  0.481   9.504   1.00 16.87 ? 63  LYS A CG  1 
ATOM   503  C  CD  . LYS A 1 63  ? 13.826  1.640   10.141  1.00 16.51 ? 63  LYS A CD  1 
ATOM   504  C  CE  . LYS A 1 63  ? 13.657  1.766   11.644  1.00 17.66 ? 63  LYS A CE  1 
ATOM   505  N  NZ  . LYS A 1 63  ? 14.552  2.894   12.175  1.00 19.31 ? 63  LYS A NZ  1 
ATOM   506  N  N   . HIS A 1 64  ? 11.133  1.165   6.165   1.00 13.74 ? 64  HIS A N   1 
ATOM   507  C  CA  . HIS A 1 64  ? 9.860   1.894   5.989   1.00 14.74 ? 64  HIS A CA  1 
ATOM   508  C  C   . HIS A 1 64  ? 8.821   1.032   5.235   1.00 13.81 ? 64  HIS A C   1 
ATOM   509  O  O   . HIS A 1 64  ? 7.627   1.088   5.523   1.00 12.52 ? 64  HIS A O   1 
ATOM   510  C  CB  . HIS A 1 64  ? 10.059  3.272   5.356   1.00 14.96 ? 64  HIS A CB  1 
ATOM   511  C  CG  . HIS A 1 64  ? 8.861   4.143   5.538   1.00 17.72 ? 64  HIS A CG  1 
ATOM   512  N  ND1 . HIS A 1 64  ? 8.493   4.636   6.775   1.00 17.01 ? 64  HIS A ND1 1 
ATOM   513  C  CD2 . HIS A 1 64  ? 7.872   4.489   4.685   1.00 18.51 ? 64  HIS A CD2 1 
ATOM   514  C  CE1 . HIS A 1 64  ? 7.364   5.306   6.657   1.00 17.08 ? 64  HIS A CE1 1 
ATOM   515  N  NE2 . HIS A 1 64  ? 6.955   5.217   5.405   1.00 18.15 ? 64  HIS A NE2 1 
ATOM   516  N  N   . GLY A 1 65  ? 9.287   0.190   4.307   1.00 13.75 ? 65  GLY A N   1 
ATOM   517  C  CA  . GLY A 1 65  ? 8.406   -0.803  3.658   1.00 13.25 ? 65  GLY A CA  1 
ATOM   518  C  C   . GLY A 1 65  ? 7.734   -1.722  4.676   1.00 13.30 ? 65  GLY A C   1 
ATOM   519  O  O   . GLY A 1 65  ? 6.540   -2.048  4.569   1.00 11.39 ? 65  GLY A O   1 
ATOM   520  N  N   . THR A 1 66  ? 8.496   -2.126  5.685   1.00 13.14 ? 66  THR A N   1 
ATOM   521  C  CA  . THR A 1 66  ? 7.930   -2.882  6.809   1.00 13.95 ? 66  THR A CA  1 
ATOM   522  C  C   . THR A 1 66  ? 6.843   -2.108  7.584   1.00 13.08 ? 66  THR A C   1 
ATOM   523  O  O   . THR A 1 66  ? 5.790   -2.672  7.886   1.00 13.05 ? 66  THR A O   1 
ATOM   524  C  CB  . THR A 1 66  ? 9.010   -3.452  7.820   1.00 14.69 ? 66  THR A CB  1 
ATOM   525  O  OG1 . THR A 1 66  ? 9.918   -4.331  7.116   1.00 18.85 ? 66  THR A OG1 1 
ATOM   526  C  CG2 . THR A 1 66  ? 8.316   -4.256  8.899   1.00 13.01 ? 66  THR A CG2 1 
ATOM   527  N  N   . VAL A 1 67  ? 7.117   -0.854  7.919   1.00 12.16 ? 67  VAL A N   1 
ATOM   528  C  CA  . VAL A 1 67  ? 6.146   -0.007  8.599   1.00 11.29 ? 67  VAL A CA  1 
ATOM   529  C  C   . VAL A 1 67  ? 4.831   0.082   7.801   1.00 12.19 ? 67  VAL A C   1 
ATOM   530  O  O   . VAL A 1 67  ? 3.716   -0.116  8.345   1.00 11.23 ? 67  VAL A O   1 
ATOM   531  C  CB  . VAL A 1 67  ? 6.755   1.412   8.904   1.00 11.96 ? 67  VAL A CB  1 
ATOM   532  C  CG1 . VAL A 1 67  ? 5.657   2.422   9.407   1.00 10.58 ? 67  VAL A CG1 1 
ATOM   533  C  CG2 . VAL A 1 67  ? 7.860   1.259   9.952   1.00 12.05 ? 67  VAL A CG2 1 
ATOM   534  N  N   . VAL A 1 68  ? 4.989   0.361   6.510   1.00 11.22 ? 68  VAL A N   1 
ATOM   535  C  CA  . VAL A 1 68  ? 3.860   0.581   5.612   1.00 11.84 ? 68  VAL A CA  1 
ATOM   536  C  C   . VAL A 1 68  ? 2.962   -0.646  5.505   1.00 11.41 ? 68  VAL A C   1 
ATOM   537  O  O   . VAL A 1 68  ? 1.758   -0.563  5.755   1.00 11.26 ? 68  VAL A O   1 
ATOM   538  C  CB  . VAL A 1 68  ? 4.341   1.127   4.222   1.00 12.35 ? 68  VAL A CB  1 
ATOM   539  C  CG1 . VAL A 1 68  ? 3.177   1.170   3.180   1.00 12.85 ? 68  VAL A CG1 1 
ATOM   540  C  CG2 . VAL A 1 68  ? 4.920   2.499   4.433   1.00 10.00 ? 68  VAL A CG2 1 
ATOM   541  N  N   . LEU A 1 69  ? 3.549   -1.791  5.192   1.00 12.07 ? 69  LEU A N   1 
ATOM   542  C  CA  . LEU A 1 69  ? 2.772   -3.018  5.003   1.00 12.64 ? 69  LEU A CA  1 
ATOM   543  C  C   . LEU A 1 69  ? 2.232   -3.582  6.314   1.00 12.69 ? 69  LEU A C   1 
ATOM   544  O  O   . LEU A 1 69  ? 1.163   -4.249  6.329   1.00 12.25 ? 69  LEU A O   1 
ATOM   545  C  CB  . LEU A 1 69  ? 3.611   -4.077  4.274   1.00 12.68 ? 69  LEU A CB  1 
ATOM   546  C  CG  . LEU A 1 69  ? 3.925   -3.789  2.787   1.00 14.78 ? 69  LEU A CG  1 
ATOM   547  C  CD1 . LEU A 1 69  ? 4.329   -5.070  2.059   1.00 14.88 ? 69  LEU A CD1 1 
ATOM   548  C  CD2 . LEU A 1 69  ? 2.782   -3.070  2.027   1.00 15.68 ? 69  LEU A CD2 1 
ATOM   549  N  N   . THR A 1 70  ? 2.936   -3.312  7.421   1.00 11.25 ? 70  THR A N   1 
ATOM   550  C  CA  . THR A 1 70  ? 2.415   -3.730  8.735   1.00 12.59 ? 70  THR A CA  1 
ATOM   551  C  C   . THR A 1 70  ? 1.121   -2.962  9.065   1.00 11.98 ? 70  THR A C   1 
ATOM   552  O  O   . THR A 1 70  ? 0.134   -3.557  9.502   1.00 11.16 ? 70  THR A O   1 
ATOM   553  C  CB  . THR A 1 70  ? 3.475   -3.590  9.876   1.00 13.19 ? 70  THR A CB  1 
ATOM   554  O  OG1 . THR A 1 70  ? 4.566   -4.477  9.602   1.00 13.12 ? 70  THR A OG1 1 
ATOM   555  C  CG2 . THR A 1 70  ? 2.891   -3.954  11.247  1.00 13.41 ? 70  THR A CG2 1 
ATOM   556  N  N   . ALA A 1 71  ? 1.110   -1.657  8.801   1.00 10.69 ? 71  ALA A N   1 
ATOM   557  C  CA  . ALA A 1 71  ? -0.089  -0.860  8.972   1.00 11.47 ? 71  ALA A CA  1 
ATOM   558  C  C   . ALA A 1 71  ? -1.235  -1.330  8.051   1.00 11.56 ? 71  ALA A C   1 
ATOM   559  O  O   . ALA A 1 71  ? -2.370  -1.470  8.506   1.00 10.85 ? 71  ALA A O   1 
ATOM   560  C  CB  . ALA A 1 71  ? 0.204   0.596   8.722   1.00 11.00 ? 71  ALA A CB  1 
ATOM   561  N  N   . LEU A 1 72  ? -0.919  -1.589  6.779   1.00 11.27 ? 72  LEU A N   1 
ATOM   562  C  CA  . LEU A 1 72  ? -1.945  -2.019  5.829   1.00 11.61 ? 72  LEU A CA  1 
ATOM   563  C  C   . LEU A 1 72  ? -2.493  -3.395  6.227   1.00 11.74 ? 72  LEU A C   1 
ATOM   564  O  O   . LEU A 1 72  ? -3.709  -3.654  6.128   1.00 12.02 ? 72  LEU A O   1 
ATOM   565  C  CB  . LEU A 1 72  ? -1.411  -2.061  4.397   1.00 11.44 ? 72  LEU A CB  1 
ATOM   566  C  CG  . LEU A 1 72  ? -2.396  -2.501  3.282   1.00 11.19 ? 72  LEU A CG  1 
ATOM   567  C  CD1 . LEU A 1 72  ? -3.655  -1.589  3.224   1.00 12.40 ? 72  LEU A CD1 1 
ATOM   568  C  CD2 . LEU A 1 72  ? -1.706  -2.550  1.912   1.00 10.28 ? 72  LEU A CD2 1 
ATOM   569  N  N   . GLY A 1 73  ? -1.591  -4.279  6.652   1.00 11.59 ? 73  GLY A N   1 
ATOM   570  C  CA  . GLY A 1 73  ? -1.972  -5.640  7.092   1.00 12.21 ? 73  GLY A CA  1 
ATOM   571  C  C   . GLY A 1 73  ? -2.942  -5.592  8.269   1.00 13.00 ? 73  GLY A C   1 
ATOM   572  O  O   . GLY A 1 73  ? -3.987  -6.275  8.279   1.00 11.42 ? 73  GLY A O   1 
ATOM   573  N  N   . GLY A 1 74  ? -2.610  -4.749  9.248   1.00 13.75 ? 74  GLY A N   1 
ATOM   574  C  CA  . GLY A 1 74  ? -3.510  -4.477  10.380  1.00 14.35 ? 74  GLY A CA  1 
ATOM   575  C  C   . GLY A 1 74  ? -4.913  -4.068  9.942   1.00 14.01 ? 74  GLY A C   1 
ATOM   576  O  O   . GLY A 1 74  ? -5.923  -4.610  10.440  1.00 14.31 ? 74  GLY A O   1 
ATOM   577  N  N   . ILE A 1 75  ? -4.982  -3.162  8.965   1.00 14.13 ? 75  ILE A N   1 
ATOM   578  C  CA  . ILE A 1 75  ? -6.246  -2.656  8.452   1.00 13.73 ? 75  ILE A CA  1 
ATOM   579  C  C   . ILE A 1 75  ? -7.051  -3.787  7.769   1.00 13.64 ? 75  ILE A C   1 
ATOM   580  O  O   . ILE A 1 75  ? -8.223  -3.976  8.058   1.00 12.07 ? 75  ILE A O   1 
ATOM   581  C  CB  . ILE A 1 75  ? -6.028  -1.370  7.568   1.00 14.54 ? 75  ILE A CB  1 
ATOM   582  C  CG1 . ILE A 1 75  ? -5.605  -0.167  8.439   1.00 15.72 ? 75  ILE A CG1 1 
ATOM   583  C  CG2 . ILE A 1 75  ? -7.252  -1.025  6.715   1.00 13.93 ? 75  ILE A CG2 1 
ATOM   584  C  CD1 . ILE A 1 75  ? -4.983  1.004   7.596   1.00 14.07 ? 75  ILE A CD1 1 
ATOM   585  N  N   . LEU A 1 76  ? -6.401  -4.556  6.890   1.00 13.70 ? 76  LEU A N   1 
ATOM   586  C  CA  . LEU A 1 76  ? -7.060  -5.616  6.127   1.00 13.39 ? 76  LEU A CA  1 
ATOM   587  C  C   . LEU A 1 76  ? -7.620  -6.708  7.014   1.00 13.98 ? 76  LEU A C   1 
ATOM   588  O  O   . LEU A 1 76  ? -8.677  -7.299  6.737   1.00 14.18 ? 76  LEU A O   1 
ATOM   589  C  CB  . LEU A 1 76  ? -6.100  -6.230  5.076   1.00 13.95 ? 76  LEU A CB  1 
ATOM   590  C  CG  . LEU A 1 76  ? -5.507  -5.290  4.016   1.00 12.13 ? 76  LEU A CG  1 
ATOM   591  C  CD1 . LEU A 1 76  ? -4.421  -6.005  3.243   1.00 13.52 ? 76  LEU A CD1 1 
ATOM   592  C  CD2 . LEU A 1 76  ? -6.561  -4.655  3.095   1.00 13.76 ? 76  LEU A CD2 1 
ATOM   593  N  N   . LYS A 1 77  ? -6.913  -6.984  8.096   1.00 12.98 ? 77  LYS A N   1 
ATOM   594  C  CA  . LYS A 1 77  ? -7.380  -7.981  9.060   1.00 13.55 ? 77  LYS A CA  1 
ATOM   595  C  C   . LYS A 1 77  ? -8.644  -7.529  9.829   1.00 13.06 ? 77  LYS A C   1 
ATOM   596  O  O   . LYS A 1 77  ? -9.350  -8.361  10.369  1.00 13.78 ? 77  LYS A O   1 
ATOM   597  C  CB  . LYS A 1 77  ? -6.249  -8.375  9.985   1.00 13.43 ? 77  LYS A CB  1 
ATOM   598  C  CG  . LYS A 1 77  ? -5.290  -9.338  9.341   1.00 14.11 ? 77  LYS A CG  1 
ATOM   599  C  CD  . LYS A 1 77  ? -4.057  -9.542  10.178  1.00 14.77 ? 77  LYS A CD  1 
ATOM   600  C  CE  . LYS A 1 77  ? -3.068  -10.335 9.332   1.00 16.12 ? 77  LYS A CE  1 
ATOM   601  N  NZ  . LYS A 1 77  ? -1.869  -10.666 10.096  1.00 19.30 ? 77  LYS A NZ  1 
ATOM   602  N  N   . LYS A 1 78  ? -8.967  -6.238  9.756   1.00 14.08 ? 78  LYS A N   1 
ATOM   603  C  CA  . LYS A 1 78  ? -10.223 -5.712  10.299  1.00 14.08 ? 78  LYS A CA  1 
ATOM   604  C  C   . LYS A 1 78  ? -11.404 -5.944  9.356   1.00 13.99 ? 78  LYS A C   1 
ATOM   605  O  O   . LYS A 1 78  ? -12.566 -5.755  9.762   1.00 13.60 ? 78  LYS A O   1 
ATOM   606  C  CB  . LYS A 1 78  ? -10.113 -4.221  10.648  1.00 14.83 ? 78  LYS A CB  1 
ATOM   607  C  CG  . LYS A 1 78  ? -9.165  -3.899  11.796  1.00 18.77 ? 78  LYS A CG  1 
ATOM   608  C  CD  . LYS A 1 78  ? -9.344  -4.860  12.942  1.00 23.55 ? 78  LYS A CD  1 
ATOM   609  C  CE  . LYS A 1 78  ? -10.453 -4.491  13.882  1.00 28.21 ? 78  LYS A CE  1 
ATOM   610  N  NZ  . LYS A 1 78  ? -10.145 -3.207  14.557  1.00 32.83 ? 78  LYS A NZ  1 
ATOM   611  N  N   . LYS A 1 79  ? -11.116 -6.340  8.109   1.00 12.91 ? 79  LYS A N   1 
ATOM   612  C  CA  . LYS A 1 79  ? -12.182 -6.691  7.141   1.00 13.84 ? 79  LYS A CA  1 
ATOM   613  C  C   . LYS A 1 79  ? -13.262 -5.591  7.023   1.00 14.55 ? 79  LYS A C   1 
ATOM   614  O  O   . LYS A 1 79  ? -14.491 -5.866  7.130   1.00 14.47 ? 79  LYS A O   1 
ATOM   615  C  CB  . LYS A 1 79  ? -12.806 -8.070  7.466   1.00 13.75 ? 79  LYS A CB  1 
ATOM   616  C  CG  . LYS A 1 79  ? -11.790 -9.268  7.590   1.00 14.34 ? 79  LYS A CG  1 
ATOM   617  C  CD  . LYS A 1 79  ? -12.471 -10.659 7.682   1.00 15.38 ? 79  LYS A CD  1 
ATOM   618  C  CE  . LYS A 1 79  ? -13.562 -10.806 8.731   1.00 16.71 ? 79  LYS A CE  1 
ATOM   619  N  NZ  . LYS A 1 79  ? -14.340 -12.091 8.595   1.00 17.31 ? 79  LYS A NZ  1 
ATOM   620  N  N   . GLY A 1 80  ? -12.816 -4.355  6.793   1.00 14.86 ? 80  GLY A N   1 
ATOM   621  C  CA  . GLY A 1 80  ? -13.750 -3.239  6.590   1.00 16.74 ? 80  GLY A CA  1 
ATOM   622  C  C   . GLY A 1 80  ? -14.149 -2.574  7.907   1.00 17.10 ? 80  GLY A C   1 
ATOM   623  O  O   . GLY A 1 80  ? -14.585 -1.417  7.912   1.00 17.94 ? 80  GLY A O   1 
ATOM   624  N  N   . HIS A 1 81  ? -13.972 -3.257  9.040   1.00 16.64 ? 81  HIS A N   1 
ATOM   625  C  CA  . HIS A 1 81  ? -14.288 -2.609  10.319  1.00 17.02 ? 81  HIS A CA  1 
ATOM   626  C  C   . HIS A 1 81  ? -13.047 -1.849  10.836  1.00 16.99 ? 81  HIS A C   1 
ATOM   627  O  O   . HIS A 1 81  ? -12.551 -2.111  11.923  1.00 17.20 ? 81  HIS A O   1 
ATOM   628  C  CB  . HIS A 1 81  ? -14.837 -3.616  11.327  1.00 18.24 ? 81  HIS A CB  1 
ATOM   629  C  CG  . HIS A 1 81  ? -16.181 -4.145  10.947  1.00 21.51 ? 81  HIS A CG  1 
ATOM   630  N  ND1 . HIS A 1 81  ? -16.360 -5.403  10.416  1.00 24.57 ? 81  HIS A ND1 1 
ATOM   631  C  CD2 . HIS A 1 81  ? -17.400 -3.559  10.945  1.00 24.55 ? 81  HIS A CD2 1 
ATOM   632  C  CE1 . HIS A 1 81  ? -17.639 -5.591  10.147  1.00 23.97 ? 81  HIS A CE1 1 
ATOM   633  N  NE2 . HIS A 1 81  ? -18.295 -4.487  10.458  1.00 26.07 ? 81  HIS A NE2 1 
ATOM   634  N  N   . HIS A 1 82  ? -12.578 -0.887  10.038  1.00 15.92 ? 82  HIS A N   1 
ATOM   635  C  CA  . HIS A 1 82  ? -11.227 -0.325  10.204  1.00 16.04 ? 82  HIS A CA  1 
ATOM   636  C  C   . HIS A 1 82  ? -11.203 1.196   10.476  1.00 15.71 ? 82  HIS A C   1 
ATOM   637  O  O   . HIS A 1 82  ? -10.147 1.807   10.325  1.00 16.29 ? 82  HIS A O   1 
ATOM   638  C  CB  . HIS A 1 82  ? -10.383 -0.619  8.954   1.00 14.99 ? 82  HIS A CB  1 
ATOM   639  C  CG  . HIS A 1 82  ? -10.993 -0.087  7.674   1.00 14.88 ? 82  HIS A CG  1 
ATOM   640  N  ND1 . HIS A 1 82  ? -10.967 -0.795  6.490   1.00 13.36 ? 82  HIS A ND1 1 
ATOM   641  C  CD2 . HIS A 1 82  ? -11.680 1.055   7.409   1.00 14.23 ? 82  HIS A CD2 1 
ATOM   642  C  CE1 . HIS A 1 82  ? -11.581 -0.108  5.546   1.00 13.75 ? 82  HIS A CE1 1 
ATOM   643  N  NE2 . HIS A 1 82  ? -12.036 1.017   6.077   1.00 13.61 ? 82  HIS A NE2 1 
ATOM   644  N  N   . GLU A 1 83  ? -12.339 1.790   10.846  1.00 16.35 ? 83  GLU A N   1 
ATOM   645  C  CA  . GLU A 1 83  ? -12.440 3.237   11.095  1.00 17.19 ? 83  GLU A CA  1 
ATOM   646  C  C   . GLU A 1 83  ? -11.341 3.765   12.030  1.00 17.78 ? 83  GLU A C   1 
ATOM   647  O  O   . GLU A 1 83  ? -10.684 4.752   11.705  1.00 17.80 ? 83  GLU A O   1 
ATOM   648  C  CB  . GLU A 1 83  ? -13.840 3.614   11.649  1.00 17.94 ? 83  GLU A CB  1 
ATOM   649  C  CG  . GLU A 1 83  ? -13.964 5.015   12.323  1.00 18.16 ? 83  GLU A CG  1 
ATOM   650  C  CD  . GLU A 1 83  ? -13.870 6.180   11.334  1.00 23.04 ? 83  GLU A CD  1 
ATOM   651  O  OE1 . GLU A 1 83  ? -14.177 5.971   10.130  1.00 24.84 ? 83  GLU A OE1 1 
ATOM   652  O  OE2 . GLU A 1 83  ? -13.496 7.307   11.750  1.00 24.10 ? 83  GLU A OE2 1 
ATOM   653  N  N   . ALA A 1 84  ? -11.127 3.112   13.177  1.00 18.02 ? 84  ALA A N   1 
ATOM   654  C  CA  . ALA A 1 84  ? -10.166 3.627   14.160  1.00 18.71 ? 84  ALA A CA  1 
ATOM   655  C  C   . ALA A 1 84  ? -8.712  3.538   13.654  1.00 18.69 ? 84  ALA A C   1 
ATOM   656  O  O   . ALA A 1 84  ? -7.873  4.394   13.977  1.00 18.77 ? 84  ALA A O   1 
ATOM   657  C  CB  . ALA A 1 84  ? -10.339 2.919   15.536  1.00 19.41 ? 84  ALA A CB  1 
ATOM   658  N  N   . GLU A 1 85  ? -8.429  2.528   12.833  1.00 18.50 ? 85  GLU A N   1 
ATOM   659  C  CA  . GLU A 1 85  ? -7.082  2.302   12.296  1.00 18.02 ? 85  GLU A CA  1 
ATOM   660  C  C   . GLU A 1 85  ? -6.849  3.230   11.103  1.00 17.87 ? 85  GLU A C   1 
ATOM   661  O  O   . GLU A 1 85  ? -5.771  3.825   10.928  1.00 15.80 ? 85  GLU A O   1 
ATOM   662  C  CB  . GLU A 1 85  ? -6.932  0.848   11.824  1.00 18.73 ? 85  GLU A CB  1 
ATOM   663  C  CG  . GLU A 1 85  ? -6.819  -0.234  12.899  1.00 20.83 ? 85  GLU A CG  1 
ATOM   664  C  CD  . GLU A 1 85  ? -8.178  -0.612  13.502  1.00 20.62 ? 85  GLU A CD  1 
ATOM   665  O  OE1 . GLU A 1 85  ? -9.201  -0.048  13.098  1.00 17.63 ? 85  GLU A OE1 1 
ATOM   666  O  OE2 . GLU A 1 85  ? -8.220  -1.473  14.393  1.00 24.71 ? 85  GLU A OE2 1 
ATOM   667  N  N   . LEU A 1 86  ? -7.890  3.382   10.289  1.00 17.79 ? 86  LEU A N   1 
ATOM   668  C  CA  . LEU A 1 86  ? -7.800  4.131   9.043   1.00 19.02 ? 86  LEU A CA  1 
ATOM   669  C  C   . LEU A 1 86  ? -7.793  5.659   9.207   1.00 19.63 ? 86  LEU A C   1 
ATOM   670  O  O   . LEU A 1 86  ? -6.960  6.338   8.600   1.00 19.52 ? 86  LEU A O   1 
ATOM   671  C  CB  . LEU A 1 86  ? -8.906  3.678   8.068   1.00 20.20 ? 86  LEU A CB  1 
ATOM   672  C  CG  . LEU A 1 86  ? -8.872  4.200   6.640   1.00 20.25 ? 86  LEU A CG  1 
ATOM   673  C  CD1 . LEU A 1 86  ? -9.428  3.137   5.736   1.00 23.85 ? 86  LEU A CD1 1 
ATOM   674  C  CD2 . LEU A 1 86  ? -9.630  5.524   6.462   1.00 21.78 ? 86  LEU A CD2 1 
ATOM   675  N  N   . LYS A 1 87  ? -8.687  6.205   10.032  1.00 19.15 ? 87  LYS A N   1 
ATOM   676  C  CA  . LYS A 1 87  ? -8.765  7.668   10.227  1.00 19.43 ? 87  LYS A CA  1 
ATOM   677  C  C   . LYS A 1 87  ? -7.402  8.393   10.463  1.00 18.98 ? 87  LYS A C   1 
ATOM   678  O  O   . LYS A 1 87  ? -7.087  9.362   9.751   1.00 17.86 ? 87  LYS A O   1 
ATOM   679  C  CB  . LYS A 1 87  ? -9.761  8.009   11.348  1.00 20.18 ? 87  LYS A CB  1 
ATOM   680  C  CG  . LYS A 1 87  ? -10.210 9.488   11.385  1.00 20.85 ? 87  LYS A CG  1 
ATOM   681  C  CD  . LYS A 1 87  ? -10.901 9.818   12.718  1.00 21.20 ? 87  LYS A CD  1 
ATOM   682  C  CE  . LYS A 1 87  ? -10.953 11.332  12.943  1.00 23.30 ? 87  LYS A CE  1 
ATOM   683  N  NZ  . LYS A 1 87  ? -11.713 11.684  14.203  1.00 25.76 ? 87  LYS A NZ  1 
ATOM   684  N  N   . PRO A 1 88  ? -6.609  7.959   11.474  1.00 18.40 ? 88  PRO A N   1 
ATOM   685  C  CA  . PRO A 1 88  ? -5.311  8.627   11.721  1.00 17.83 ? 88  PRO A CA  1 
ATOM   686  C  C   . PRO A 1 88  ? -4.323  8.588   10.543  1.00 17.63 ? 88  PRO A C   1 
ATOM   687  O  O   . PRO A 1 88  ? -3.590  9.548   10.329  1.00 16.81 ? 88  PRO A O   1 
ATOM   688  C  CB  . PRO A 1 88  ? -4.726  7.856   12.917  1.00 18.75 ? 88  PRO A CB  1 
ATOM   689  C  CG  . PRO A 1 88  ? -5.483  6.529   12.937  1.00 16.54 ? 88  PRO A CG  1 
ATOM   690  C  CD  . PRO A 1 88  ? -6.859  6.881   12.461  1.00 19.10 ? 88  PRO A CD  1 
ATOM   691  N  N   . LEU A 1 89  ? -4.316  7.480   9.802   1.00 17.15 ? 89  LEU A N   1 
ATOM   692  C  CA  . LEU A 1 89  ? -3.487  7.357   8.603   1.00 17.03 ? 89  LEU A CA  1 
ATOM   693  C  C   . LEU A 1 89  ? -3.974  8.350   7.562   1.00 15.30 ? 89  LEU A C   1 
ATOM   694  O  O   . LEU A 1 89  ? -3.176  9.121   7.009   1.00 14.14 ? 89  LEU A O   1 
ATOM   695  C  CB  . LEU A 1 89  ? -3.567  5.932   8.032   1.00 17.43 ? 89  LEU A CB  1 
ATOM   696  C  CG  . LEU A 1 89  ? -2.409  4.966   8.288   1.00 21.69 ? 89  LEU A CG  1 
ATOM   697  C  CD1 . LEU A 1 89  ? -2.387  4.124   7.027   1.00 22.27 ? 89  LEU A CD1 1 
ATOM   698  C  CD2 . LEU A 1 89  ? -0.982  5.678   8.568   1.00 22.04 ? 89  LEU A CD2 1 
ATOM   699  N  N   . ALA A 1 90  ? -5.290  8.358   7.309   1.00 13.80 ? 90  ALA A N   1 
ATOM   700  C  CA  . ALA A 1 90  ? -5.886  9.361   6.413   1.00 13.21 ? 90  ALA A CA  1 
ATOM   701  C  C   . ALA A 1 90  ? -5.462  10.751  6.808   1.00 13.50 ? 90  ALA A C   1 
ATOM   702  O  O   . ALA A 1 90  ? -4.995  11.548  5.973   1.00 12.97 ? 90  ALA A O   1 
ATOM   703  C  CB  . ALA A 1 90  ? -7.458  9.229   6.366   1.00 13.00 ? 90  ALA A CB  1 
ATOM   704  N  N   . GLN A 1 91  ? -5.576  11.049  8.101   1.00 13.83 ? 91  GLN A N   1 
ATOM   705  C  CA  . GLN A 1 91  ? -5.291  12.393  8.569   1.00 15.72 ? 91  GLN A CA  1 
ATOM   706  C  C   . GLN A 1 91  ? -3.814  12.806  8.451   1.00 14.39 ? 91  GLN A C   1 
ATOM   707  O  O   . GLN A 1 91  ? -3.517  13.958  8.029   1.00 13.20 ? 91  GLN A O   1 
ATOM   708  C  CB  . GLN A 1 91  ? -5.915  12.678  9.955   1.00 15.04 ? 91  GLN A CB  1 
ATOM   709  C  CG  . GLN A 1 91  ? -7.453  12.905  9.804   1.00 19.63 ? 91  GLN A CG  1 
ATOM   710  C  CD  . GLN A 1 91  ? -8.174  13.413  11.083  1.00 20.58 ? 91  GLN A CD  1 
ATOM   711  O  OE1 . GLN A 1 91  ? -7.649  13.328  12.199  1.00 25.92 ? 91  GLN A OE1 1 
ATOM   712  N  NE2 . GLN A 1 91  ? -9.412  13.900  10.906  1.00 26.02 ? 91  GLN A NE2 1 
ATOM   713  N  N   . SER A 1 92  ? -2.893  11.905  8.803   1.00 14.37 ? 92  SER A N   1 
ATOM   714  C  CA  . SER A 1 92  ? -1.472  12.243  8.638   1.00 15.47 ? 92  SER A CA  1 
ATOM   715  C  C   . SER A 1 92  ? -1.091  12.283  7.166   1.00 14.41 ? 92  SER A C   1 
ATOM   716  O  O   . SER A 1 92  ? -0.258  13.095  6.758   1.00 14.72 ? 92  SER A O   1 
ATOM   717  C  CB  . SER A 1 92  ? -0.561  11.302  9.396   1.00 16.71 ? 92  SER A CB  1 
ATOM   718  O  OG  . SER A 1 92  ? -0.455  10.109  8.665   1.00 18.49 ? 92  SER A OG  1 
ATOM   719  N  N   . HIS A 1 93  ? -1.727  11.474  6.328   1.00 13.94 ? 93  HIS A N   1 
ATOM   720  C  CA  . HIS A 1 93  ? -1.344  11.573  4.921   1.00 14.15 ? 93  HIS A CA  1 
ATOM   721  C  C   . HIS A 1 93  ? -1.827  12.844  4.234   1.00 14.16 ? 93  HIS A C   1 
ATOM   722  O  O   . HIS A 1 93  ? -1.104  13.447  3.449   1.00 14.49 ? 93  HIS A O   1 
ATOM   723  C  CB  . HIS A 1 93  ? -1.614  10.288  4.164   1.00 13.67 ? 93  HIS A CB  1 
ATOM   724  C  CG  . HIS A 1 93  ? -0.642  9.200   4.528   1.00 12.00 ? 93  HIS A CG  1 
ATOM   725  N  ND1 . HIS A 1 93  ? -0.553  8.677   5.808   1.00 14.07 ? 93  HIS A ND1 1 
ATOM   726  C  CD2 . HIS A 1 93  ? 0.302   8.559   3.793   1.00 10.85 ? 93  HIS A CD2 1 
ATOM   727  C  CE1 . HIS A 1 93  ? 0.403   7.763   5.841   1.00 15.15 ? 93  HIS A CE1 1 
ATOM   728  N  NE2 . HIS A 1 93  ? 0.931   7.666   4.634   1.00 11.86 ? 93  HIS A NE2 1 
ATOM   729  N  N   . ALA A 1 94  ? -3.012  13.309  4.603   1.00 15.56 ? 94  ALA A N   1 
ATOM   730  C  CA  . ALA A 1 94  ? -3.511  14.549  4.060   1.00 16.84 ? 94  ALA A CA  1 
ATOM   731  C  C   . ALA A 1 94  ? -2.776  15.745  4.699   1.00 17.69 ? 94  ALA A C   1 
ATOM   732  O  O   . ALA A 1 94  ? -2.173  16.542  3.969   1.00 17.50 ? 94  ALA A O   1 
ATOM   733  C  CB  . ALA A 1 94  ? -5.059  14.672  4.227   1.00 15.96 ? 94  ALA A CB  1 
ATOM   734  N  N   . THR A 1 95  ? -2.789  15.833  6.041   1.00 18.08 ? 95  THR A N   1 
ATOM   735  C  CA  . THR A 1 95  ? -2.402  17.062  6.745   1.00 19.47 ? 95  THR A CA  1 
ATOM   736  C  C   . THR A 1 95  ? -0.892  17.246  6.885   1.00 19.07 ? 95  THR A C   1 
ATOM   737  O  O   . THR A 1 95  ? -0.380  18.357  6.736   1.00 18.37 ? 95  THR A O   1 
ATOM   738  C  CB  . THR A 1 95  ? -3.038  17.120  8.160   1.00 20.00 ? 95  THR A CB  1 
ATOM   739  O  OG1 . THR A 1 95  ? -4.463  16.970  8.054   1.00 21.42 ? 95  THR A OG1 1 
ATOM   740  C  CG2 . THR A 1 95  ? -2.746  18.457  8.807   1.00 23.10 ? 95  THR A CG2 1 
ATOM   741  N  N   . LYS A 1 96  ? -0.193  16.170  7.227   1.00 19.32 ? 96  LYS A N   1 
ATOM   742  C  CA  . LYS A 1 96  ? 1.261   16.236  7.418   1.00 20.26 ? 96  LYS A CA  1 
ATOM   743  C  C   . LYS A 1 96  ? 2.030   15.951  6.129   1.00 19.58 ? 96  LYS A C   1 
ATOM   744  O  O   . LYS A 1 96  ? 2.869   16.777  5.701   1.00 19.61 ? 96  LYS A O   1 
ATOM   745  C  CB  . LYS A 1 96  ? 1.706   15.294  8.546   1.00 21.33 ? 96  LYS A CB  1 
ATOM   746  C  CG  . LYS A 1 96  ? 2.988   15.777  9.235   1.00 24.13 ? 96  LYS A CG  1 
ATOM   747  C  CD  . LYS A 1 96  ? 3.616   14.709  10.120  1.00 29.05 ? 96  LYS A CD  1 
ATOM   748  C  CE  . LYS A 1 96  ? 4.787   15.337  10.859  1.00 32.62 ? 96  LYS A CE  1 
ATOM   749  N  NZ  . LYS A 1 96  ? 5.722   16.009  9.885   1.00 37.60 ? 96  LYS A NZ  1 
ATOM   750  N  N   . HIS A 1 97  ? 1.745   14.810  5.484   1.00 18.26 ? 97  HIS A N   1 
ATOM   751  C  CA  . HIS A 1 97  ? 2.596   14.344  4.386   1.00 17.09 ? 97  HIS A CA  1 
ATOM   752  C  C   . HIS A 1 97  ? 2.187   14.956  3.051   1.00 16.82 ? 97  HIS A C   1 
ATOM   753  O  O   . HIS A 1 97  ? 2.984   14.973  2.082   1.00 16.84 ? 97  HIS A O   1 
ATOM   754  C  CB  . HIS A 1 97  ? 2.638   12.808  4.306   1.00 16.99 ? 97  HIS A CB  1 
ATOM   755  C  CG  . HIS A 1 97  ? 2.980   12.142  5.610   1.00 17.78 ? 97  HIS A CG  1 
ATOM   756  N  ND1 . HIS A 1 97  ? 4.024   12.553  6.411   1.00 14.70 ? 97  HIS A ND1 1 
ATOM   757  C  CD2 . HIS A 1 97  ? 2.381   11.122  6.269   1.00 15.25 ? 97  HIS A CD2 1 
ATOM   758  C  CE1 . HIS A 1 97  ? 4.062   11.806  7.494   1.00 15.19 ? 97  HIS A CE1 1 
ATOM   759  N  NE2 . HIS A 1 97  ? 3.079   10.924  7.429   1.00 14.17 ? 97  HIS A NE2 1 
ATOM   760  N  N   . LYS A 1 98  ? 0.961   15.481  3.009   1.00 16.20 ? 98  LYS A N   1 
ATOM   761  C  CA  . LYS A 1 98  ? 0.404   16.076  1.788   1.00 16.77 ? 98  LYS A CA  1 
ATOM   762  C  C   . LYS A 1 98  ? 0.368   15.121  0.593   1.00 16.09 ? 98  LYS A C   1 
ATOM   763  O  O   . LYS A 1 98  ? 0.869   15.445  -0.488  1.00 16.13 ? 98  LYS A O   1 
ATOM   764  C  CB  . LYS A 1 98  ? 1.118   17.384  1.383   1.00 17.21 ? 98  LYS A CB  1 
ATOM   765  C  CG  . LYS A 1 98  ? 1.452   18.363  2.512   1.00 21.12 ? 98  LYS A CG  1 
ATOM   766  C  CD  . LYS A 1 98  ? 0.285   18.731  3.370   1.00 25.55 ? 98  LYS A CD  1 
ATOM   767  C  CE  . LYS A 1 98  ? 0.630   20.029  4.116   1.00 30.09 ? 98  LYS A CE  1 
ATOM   768  N  NZ  . LYS A 1 98  ? -0.535  20.505  4.898   1.00 32.44 ? 98  LYS A NZ  1 
ATOM   769  N  N   . ILE A 1 99  ? -0.278  13.972  0.780   1.00 16.08 ? 99  ILE A N   1 
ATOM   770  C  CA  . ILE A 1 99  ? -0.317  12.960  -0.252  1.00 15.66 ? 99  ILE A CA  1 
ATOM   771  C  C   . ILE A 1 99  ? -1.651  12.975  -0.999  1.00 15.14 ? 99  ILE A C   1 
ATOM   772  O  O   . ILE A 1 99  ? -2.684  12.616  -0.421  1.00 16.21 ? 99  ILE A O   1 
ATOM   773  C  CB  . ILE A 1 99  ? -0.072  11.540  0.338   1.00 15.48 ? 99  ILE A CB  1 
ATOM   774  C  CG1 . ILE A 1 99  ? 1.201   11.488  1.236   1.00 14.65 ? 99  ILE A CG1 1 
ATOM   775  C  CG2 . ILE A 1 99  ? -0.057  10.508  -0.788  1.00 16.38 ? 99  ILE A CG2 1 
ATOM   776  C  CD1 . ILE A 1 99  ? 2.514   12.061  0.606   1.00 11.67 ? 99  ILE A CD1 1 
ATOM   777  N  N   . PRO A 1 100 ? -1.643  13.361  -2.300  1.00 15.09 ? 100 PRO A N   1 
ATOM   778  C  CA  . PRO A 1 100 ? -2.906  13.354  -3.039  1.00 14.57 ? 100 PRO A CA  1 
ATOM   779  C  C   . PRO A 1 100 ? -3.467  11.924  -3.145  1.00 14.55 ? 100 PRO A C   1 
ATOM   780  O  O   . PRO A 1 100 ? -2.709  10.929  -3.155  1.00 13.64 ? 100 PRO A O   1 
ATOM   781  C  CB  . PRO A 1 100 ? -2.519  13.886  -4.428  1.00 14.00 ? 100 PRO A CB  1 
ATOM   782  C  CG  . PRO A 1 100 ? -1.198  14.490  -4.262  1.00 13.97 ? 100 PRO A CG  1 
ATOM   783  C  CD  . PRO A 1 100 ? -0.520  13.784  -3.156  1.00 15.12 ? 100 PRO A CD  1 
ATOM   784  N  N   . ILE A 1 101 ? -4.790  11.815  -3.189  1.00 15.11 ? 101 ILE A N   1 
ATOM   785  C  CA  . ILE A 1 101 ? -5.411  10.503  -3.294  1.00 16.08 ? 101 ILE A CA  1 
ATOM   786  C  C   . ILE A 1 101 ? -4.910  9.696   -4.524  1.00 14.90 ? 101 ILE A C   1 
ATOM   787  O  O   . ILE A 1 101 ? -4.780  8.489   -4.450  1.00 14.49 ? 101 ILE A O   1 
ATOM   788  C  CB  . ILE A 1 101 ? -6.971  10.589  -3.226  1.00 16.95 ? 101 ILE A CB  1 
ATOM   789  C  CG1 . ILE A 1 101 ? -7.580  9.206   -2.932  1.00 19.65 ? 101 ILE A CG1 1 
ATOM   790  C  CG2 . ILE A 1 101 ? -7.567  11.094  -4.534  1.00 18.55 ? 101 ILE A CG2 1 
ATOM   791  C  CD1 . ILE A 1 101 ? -7.543  8.808   -1.441  1.00 20.72 ? 101 ILE A CD1 1 
ATOM   792  N  N   . LYS A 1 102 ? -4.657  10.351  -5.653  1.00 15.36 ? 102 LYS A N   1 
ATOM   793  C  CA  . LYS A 1 102 ? -4.019  9.679   -6.795  1.00 16.22 ? 102 LYS A CA  1 
ATOM   794  C  C   . LYS A 1 102 ? -2.780  8.845   -6.437  1.00 15.22 ? 102 LYS A C   1 
ATOM   795  O  O   . LYS A 1 102 ? -2.542  7.823   -7.059  1.00 15.78 ? 102 LYS A O   1 
ATOM   796  C  CB  . LYS A 1 102 ? -3.605  10.686  -7.887  1.00 15.83 ? 102 LYS A CB  1 
ATOM   797  C  CG  . LYS A 1 102 ? -3.123  9.990   -9.182  1.00 19.63 ? 102 LYS A CG  1 
ATOM   798  C  CD  . LYS A 1 102 ? -4.248  9.945   -10.197 1.00 24.82 ? 102 LYS A CD  1 
ATOM   799  C  CE  . LYS A 1 102 ? -3.848  9.268   -11.499 1.00 25.56 ? 102 LYS A CE  1 
ATOM   800  N  NZ  . LYS A 1 102 ? -5.108  8.844   -12.141 1.00 26.66 ? 102 LYS A NZ  1 
ATOM   801  N  N   . TYR A 1 103 ? -1.972  9.307   -5.484  1.00 15.34 ? 103 TYR A N   1 
ATOM   802  C  CA  . TYR A 1 103 ? -0.744  8.583   -5.121  1.00 15.95 ? 103 TYR A CA  1 
ATOM   803  C  C   . TYR A 1 103 ? -1.129  7.308   -4.405  1.00 16.10 ? 103 TYR A C   1 
ATOM   804  O  O   . TYR A 1 103 ? -0.401  6.320   -4.504  1.00 14.93 ? 103 TYR A O   1 
ATOM   805  C  CB  . TYR A 1 103 ? 0.191   9.392   -4.213  1.00 16.05 ? 103 TYR A CB  1 
ATOM   806  C  CG  . TYR A 1 103 ? 0.911   10.608  -4.829  1.00 17.15 ? 103 TYR A CG  1 
ATOM   807  C  CD1 . TYR A 1 103 ? 0.578   11.101  -6.109  1.00 18.12 ? 103 TYR A CD1 1 
ATOM   808  C  CD2 . TYR A 1 103 ? 1.884   11.291  -4.087  1.00 14.72 ? 103 TYR A CD2 1 
ATOM   809  C  CE1 . TYR A 1 103 ? 1.233   12.270  -6.643  1.00 17.48 ? 103 TYR A CE1 1 
ATOM   810  C  CE2 . TYR A 1 103 ? 2.545   12.445  -4.587  1.00 18.65 ? 103 TYR A CE2 1 
ATOM   811  C  CZ  . TYR A 1 103 ? 2.205   12.924  -5.868  1.00 18.79 ? 103 TYR A CZ  1 
ATOM   812  O  OH  . TYR A 1 103 ? 2.857   14.048  -6.341  1.00 19.99 ? 103 TYR A OH  1 
ATOM   813  N  N   . LEU A 1 104 ? -2.238  7.342   -3.639  1.00 15.50 ? 104 LEU A N   1 
ATOM   814  C  CA  . LEU A 1 104 ? -2.809  6.086   -3.100  1.00 16.37 ? 104 LEU A CA  1 
ATOM   815  C  C   . LEU A 1 104 ? -3.315  5.118   -4.189  1.00 15.24 ? 104 LEU A C   1 
ATOM   816  O  O   . LEU A 1 104 ? -3.230  3.900   -4.030  1.00 13.41 ? 104 LEU A O   1 
ATOM   817  C  CB  . LEU A 1 104 ? -3.925  6.341   -2.070  1.00 15.90 ? 104 LEU A CB  1 
ATOM   818  C  CG  . LEU A 1 104 ? -3.335  6.876   -0.774  1.00 20.69 ? 104 LEU A CG  1 
ATOM   819  C  CD1 . LEU A 1 104 ? -4.166  8.009   -0.225  1.00 24.40 ? 104 LEU A CD1 1 
ATOM   820  C  CD2 . LEU A 1 104 ? -3.217  5.729   0.245   1.00 23.18 ? 104 LEU A CD2 1 
ATOM   821  N  N   . GLU A 1 105 ? -3.889  5.657   -5.262  1.00 14.76 ? 105 GLU A N   1 
ATOM   822  C  CA  . GLU A 1 105 ? -4.174  4.830   -6.423  1.00 14.62 ? 105 GLU A CA  1 
ATOM   823  C  C   . GLU A 1 105 ? -2.887  4.187   -6.958  1.00 14.04 ? 105 GLU A C   1 
ATOM   824  O  O   . GLU A 1 105 ? -2.842  2.974   -7.166  1.00 13.06 ? 105 GLU A O   1 
ATOM   825  C  CB  . GLU A 1 105 ? -4.824  5.670   -7.512  1.00 15.12 ? 105 GLU A CB  1 
ATOM   826  C  CG  . GLU A 1 105 ? -5.142  4.866   -8.755  1.00 18.76 ? 105 GLU A CG  1 
ATOM   827  C  CD  . GLU A 1 105 ? -5.634  5.726   -9.898  1.00 21.08 ? 105 GLU A CD  1 
ATOM   828  O  OE1 . GLU A 1 105 ? -5.636  6.980   -9.820  1.00 25.52 ? 105 GLU A OE1 1 
ATOM   829  O  OE2 . GLU A 1 105 ? -5.999  5.136   -10.902 1.00 26.58 ? 105 GLU A OE2 1 
ATOM   830  N  N   . PHE A 1 106 ? -1.844  4.997   -7.150  1.00 12.46 ? 106 PHE A N   1 
ATOM   831  C  CA  . PHE A 1 106 ? -0.536  4.466   -7.574  1.00 13.66 ? 106 PHE A CA  1 
ATOM   832  C  C   . PHE A 1 106 ? -0.048  3.309   -6.696  1.00 12.22 ? 106 PHE A C   1 
ATOM   833  O  O   . PHE A 1 106 ? 0.415   2.310   -7.211  1.00 12.26 ? 106 PHE A O   1 
ATOM   834  C  CB  . PHE A 1 106 ? 0.580   5.512   -7.569  1.00 11.82 ? 106 PHE A CB  1 
ATOM   835  C  CG  . PHE A 1 106 ? 0.371   6.691   -8.493  1.00 14.95 ? 106 PHE A CG  1 
ATOM   836  C  CD1 . PHE A 1 106 ? -0.385  6.587   -9.651  1.00 13.60 ? 106 PHE A CD1 1 
ATOM   837  C  CD2 . PHE A 1 106 ? 1.031   7.931   -8.215  1.00 15.74 ? 106 PHE A CD2 1 
ATOM   838  C  CE1 . PHE A 1 106 ? -0.526  7.697   -10.513 1.00 17.04 ? 106 PHE A CE1 1 
ATOM   839  C  CE2 . PHE A 1 106 ? 0.885   9.053   -9.078  1.00 11.82 ? 106 PHE A CE2 1 
ATOM   840  C  CZ  . PHE A 1 106 ? 0.097   8.927   -10.225 1.00 14.32 ? 106 PHE A CZ  1 
ATOM   841  N  N   . ILE A 1 107 ? -0.123  3.450   -5.368  1.00 12.23 ? 107 ILE A N   1 
ATOM   842  C  CA  . ILE A 1 107 ? 0.457   2.401   -4.534  1.00 11.47 ? 107 ILE A CA  1 
ATOM   843  C  C   . ILE A 1 107 ? -0.419  1.129   -4.503  1.00 11.42 ? 107 ILE A C   1 
ATOM   844  O  O   . ILE A 1 107 ? 0.096   0.035   -4.323  1.00 11.13 ? 107 ILE A O   1 
ATOM   845  C  CB  . ILE A 1 107 ? 0.842   2.921   -3.087  1.00 11.72 ? 107 ILE A CB  1 
ATOM   846  C  CG1 . ILE A 1 107 ? 1.905   2.009   -2.447  1.00 12.35 ? 107 ILE A CG1 1 
ATOM   847  C  CG2 . ILE A 1 107 ? -0.409  3.054   -2.208  1.00 9.23  ? 107 ILE A CG2 1 
ATOM   848  C  CD1 . ILE A 1 107 ? 2.474   2.501   -1.118  1.00 11.32 ? 107 ILE A CD1 1 
ATOM   849  N  N   . SER A 1 108 ? -1.739  1.274   -4.673  1.00 11.75 ? 108 SER A N   1 
ATOM   850  C  CA  . SER A 1 108 ? -2.628  0.122   -4.792  1.00 12.84 ? 108 SER A CA  1 
ATOM   851  C  C   . SER A 1 108 ? -2.218  -0.693  -6.007  1.00 13.50 ? 108 SER A C   1 
ATOM   852  O  O   . SER A 1 108 ? -2.028  -1.914  -5.912  1.00 12.75 ? 108 SER A O   1 
ATOM   853  C  CB  . SER A 1 108 ? -4.086  0.568   -4.953  1.00 12.99 ? 108 SER A CB  1 
ATOM   854  O  OG  . SER A 1 108 ? -4.444  1.397   -3.847  1.00 14.75 ? 108 SER A OG  1 
ATOM   855  N  N   . ASP A 1 109 ? -2.018  0.012   -7.115  1.00 13.93 ? 109 ASP A N   1 
ATOM   856  C  CA  . ASP A 1 109 ? -1.564  -0.599  -8.376  1.00 14.92 ? 109 ASP A CA  1 
ATOM   857  C  C   . ASP A 1 109 ? -0.199  -1.279  -8.217  1.00 13.63 ? 109 ASP A C   1 
ATOM   858  O  O   . ASP A 1 109 ? -0.025  -2.388  -8.678  1.00 13.13 ? 109 ASP A O   1 
ATOM   859  C  CB  . ASP A 1 109 ? -1.537  0.453   -9.504  1.00 15.41 ? 109 ASP A CB  1 
ATOM   860  C  CG  . ASP A 1 109 ? -2.953  0.783   -10.024 1.00 17.39 ? 109 ASP A CG  1 
ATOM   861  O  OD1 . ASP A 1 109 ? -3.897  0.088   -9.620  1.00 21.28 ? 109 ASP A OD1 1 
ATOM   862  O  OD2 . ASP A 1 109 ? -3.129  1.731   -10.808 1.00 20.90 ? 109 ASP A OD2 1 
ATOM   863  N  N   . ALA A 1 110 ? 0.729   -0.618  -7.529  1.00 12.89 ? 110 ALA A N   1 
ATOM   864  C  CA  . ALA A 1 110 ? 2.030   -1.189  -7.215  1.00 12.33 ? 110 ALA A CA  1 
ATOM   865  C  C   . ALA A 1 110 ? 1.986   -2.508  -6.401  1.00 12.33 ? 110 ALA A C   1 
ATOM   866  O  O   . ALA A 1 110 ? 2.755   -3.444  -6.711  1.00 13.62 ? 110 ALA A O   1 
ATOM   867  C  CB  . ALA A 1 110 ? 2.955   -0.130  -6.504  1.00 12.84 ? 110 ALA A CB  1 
ATOM   868  N  N   . ILE A 1 111 ? 1.120   -2.580  -5.382  1.00 11.54 ? 111 ILE A N   1 
ATOM   869  C  CA  . ILE A 1 111 ? 0.909   -3.817  -4.583  1.00 11.97 ? 111 ILE A CA  1 
ATOM   870  C  C   . ILE A 1 111 ? 0.459   -4.979  -5.488  1.00 13.27 ? 111 ILE A C   1 
ATOM   871  O  O   . ILE A 1 111 ? 1.053   -6.097  -5.428  1.00 13.37 ? 111 ILE A O   1 
ATOM   872  C  CB  . ILE A 1 111 ? -0.084  -3.567  -3.386  1.00 11.18 ? 111 ILE A CB  1 
ATOM   873  C  CG1 . ILE A 1 111 ? 0.567   -2.636  -2.337  1.00 11.78 ? 111 ILE A CG1 1 
ATOM   874  C  CG2 . ILE A 1 111 ? -0.626  -4.893  -2.734  1.00 10.13 ? 111 ILE A CG2 1 
ATOM   875  C  CD1 . ILE A 1 111 ? -0.441  -2.009  -1.328  1.00 11.96 ? 111 ILE A CD1 1 
ATOM   876  N  N   . ILE A 1 112 ? -0.568  -4.709  -6.316  1.00 13.12 ? 112 ILE A N   1 
ATOM   877  C  CA  . ILE A 1 112 ? -1.034  -5.697  -7.306  1.00 13.61 ? 112 ILE A CA  1 
ATOM   878  C  C   . ILE A 1 112 ? 0.130   -6.146  -8.199  1.00 13.27 ? 112 ILE A C   1 
ATOM   879  O  O   . ILE A 1 112 ? 0.345   -7.347  -8.348  1.00 12.76 ? 112 ILE A O   1 
ATOM   880  C  CB  . ILE A 1 112 ? -2.251  -5.224  -8.156  1.00 12.58 ? 112 ILE A CB  1 
ATOM   881  C  CG1 . ILE A 1 112 ? -3.509  -5.005  -7.271  1.00 12.39 ? 112 ILE A CG1 1 
ATOM   882  C  CG2 . ILE A 1 112 ? -2.502  -6.215  -9.370  1.00 14.07 ? 112 ILE A CG2 1 
ATOM   883  C  CD1 . ILE A 1 112 ? -4.076  -6.309  -6.488  1.00 10.80 ? 112 ILE A CD1 1 
ATOM   884  N  N   . HIS A 1 113 ? 0.882   -5.193  -8.759  1.00 14.19 ? 113 HIS A N   1 
ATOM   885  C  CA  . HIS A 1 113 ? 2.049   -5.524  -9.602  1.00 14.82 ? 113 HIS A CA  1 
ATOM   886  C  C   . HIS A 1 113 ? 3.107   -6.402  -8.893  1.00 14.12 ? 113 HIS A C   1 
ATOM   887  O  O   . HIS A 1 113 ? 3.509   -7.442  -9.422  1.00 14.07 ? 113 HIS A O   1 
ATOM   888  C  CB  . HIS A 1 113 ? 2.728   -4.255  -10.150 1.00 15.44 ? 113 HIS A CB  1 
ATOM   889  C  CG  . HIS A 1 113 ? 3.934   -4.554  -10.982 1.00 20.02 ? 113 HIS A CG  1 
ATOM   890  N  ND1 . HIS A 1 113 ? 3.856   -4.798  -12.335 1.00 22.00 ? 113 HIS A ND1 1 
ATOM   891  C  CD2 . HIS A 1 113 ? 5.237   -4.710  -10.646 1.00 21.87 ? 113 HIS A CD2 1 
ATOM   892  C  CE1 . HIS A 1 113 ? 5.057   -5.074  -12.799 1.00 23.28 ? 113 HIS A CE1 1 
ATOM   893  N  NE2 . HIS A 1 113 ? 5.914   -5.014  -11.800 1.00 24.90 ? 113 HIS A NE2 1 
ATOM   894  N  N   . VAL A 1 114 ? 3.556   -5.958  -7.711  1.00 13.87 ? 114 VAL A N   1 
ATOM   895  C  CA  . VAL A 1 114 ? 4.483   -6.721  -6.857  1.00 13.70 ? 114 VAL A CA  1 
ATOM   896  C  C   . VAL A 1 114 ? 3.966   -8.152  -6.512  1.00 13.36 ? 114 VAL A C   1 
ATOM   897  O  O   . VAL A 1 114 ? 4.736   -9.118  -6.513  1.00 13.42 ? 114 VAL A O   1 
ATOM   898  C  CB  . VAL A 1 114 ? 4.902   -5.932  -5.564  1.00 14.23 ? 114 VAL A CB  1 
ATOM   899  C  CG1 . VAL A 1 114 ? 5.636   -6.877  -4.546  1.00 14.31 ? 114 VAL A CG1 1 
ATOM   900  C  CG2 . VAL A 1 114 ? 5.821   -4.754  -5.924  1.00 14.58 ? 114 VAL A CG2 1 
ATOM   901  N  N   . LEU A 1 115 ? 2.687   -8.294  -6.206  1.00 12.77 ? 115 LEU A N   1 
ATOM   902  C  CA  . LEU A 1 115 ? 2.157   -9.615  -5.903  1.00 13.13 ? 115 LEU A CA  1 
ATOM   903  C  C   . LEU A 1 115 ? 2.321   -10.544 -7.122  1.00 13.64 ? 115 LEU A C   1 
ATOM   904  O  O   . LEU A 1 115 ? 2.755   -11.696 -6.988  1.00 12.18 ? 115 LEU A O   1 
ATOM   905  C  CB  . LEU A 1 115 ? 0.684   -9.542  -5.420  1.00 13.62 ? 115 LEU A CB  1 
ATOM   906  C  CG  . LEU A 1 115 ? 0.483   -9.063  -3.972  1.00 12.98 ? 115 LEU A CG  1 
ATOM   907  C  CD1 . LEU A 1 115 ? -1.010  -8.800  -3.669  1.00 12.91 ? 115 LEU A CD1 1 
ATOM   908  C  CD2 . LEU A 1 115 ? 1.061   -10.071 -3.021  1.00 15.96 ? 115 LEU A CD2 1 
ATOM   909  N  N   . HIS A 1 116 ? 1.993   -10.044 -8.312  1.00 13.25 ? 116 HIS A N   1 
ATOM   910  C  CA  . HIS A 1 116 ? 2.183   -10.851 -9.526  1.00 13.93 ? 116 HIS A CA  1 
ATOM   911  C  C   . HIS A 1 116 ? 3.664   -11.155 -9.778  1.00 14.59 ? 116 HIS A C   1 
ATOM   912  O  O   . HIS A 1 116 ? 4.040   -12.297 -10.137 1.00 13.52 ? 116 HIS A O   1 
ATOM   913  C  CB  . HIS A 1 116 ? 1.556   -10.172 -10.747 1.00 14.74 ? 116 HIS A CB  1 
ATOM   914  C  CG  . HIS A 1 116 ? 0.085   -10.444 -10.895 1.00 14.15 ? 116 HIS A CG  1 
ATOM   915  N  ND1 . HIS A 1 116 ? -0.416  -11.706 -11.132 1.00 11.54 ? 116 HIS A ND1 1 
ATOM   916  C  CD2 . HIS A 1 116 ? -0.985  -9.613  -10.859 1.00 13.73 ? 116 HIS A CD2 1 
ATOM   917  C  CE1 . HIS A 1 116 ? -1.733  -11.640 -11.198 1.00 12.93 ? 116 HIS A CE1 1 
ATOM   918  N  NE2 . HIS A 1 116 ? -2.098  -10.379 -11.057 1.00 12.04 ? 116 HIS A NE2 1 
ATOM   919  N  N   . SER A 1 117 ? 4.502   -10.142 -9.542  1.00 14.43 ? 117 SER A N   1 
ATOM   920  C  CA  . SER A 1 117 ? 5.925   -10.249 -9.815  1.00 15.05 ? 117 SER A CA  1 
ATOM   921  C  C   . SER A 1 117 ? 6.616   -11.252 -8.897  1.00 15.55 ? 117 SER A C   1 
ATOM   922  O  O   . SER A 1 117 ? 7.438   -12.084 -9.355  1.00 14.50 ? 117 SER A O   1 
ATOM   923  C  CB  . SER A 1 117 ? 6.571   -8.873  -9.699  1.00 15.11 ? 117 SER A CB  1 
ATOM   924  O  OG  . SER A 1 117 ? 7.947   -8.982  -9.937  1.00 18.38 ? 117 SER A OG  1 
ATOM   925  N  N   . LYS A 1 118 ? 6.283   -11.181 -7.602  1.00 15.26 ? 118 LYS A N   1 
ATOM   926  C  CA  . LYS A 1 118 ? 6.799   -12.134 -6.618  1.00 15.95 ? 118 LYS A CA  1 
ATOM   927  C  C   . LYS A 1 118 ? 6.135   -13.534 -6.613  1.00 15.45 ? 118 LYS A C   1 
ATOM   928  O  O   . LYS A 1 118 ? 6.767   -14.504 -6.178  1.00 14.83 ? 118 LYS A O   1 
ATOM   929  C  CB  . LYS A 1 118 ? 6.810   -11.523 -5.193  1.00 15.43 ? 118 LYS A CB  1 
ATOM   930  C  CG  . LYS A 1 118 ? 7.775   -10.345 -5.074  1.00 16.02 ? 118 LYS A CG  1 
ATOM   931  C  CD  . LYS A 1 118 ? 7.639   -9.542  -3.800  1.00 17.43 ? 118 LYS A CD  1 
ATOM   932  C  CE  . LYS A 1 118 ? 8.620   -10.015 -2.747  1.00 25.16 ? 118 LYS A CE  1 
ATOM   933  N  NZ  . LYS A 1 118 ? 10.034  -10.012 -3.268  1.00 26.74 ? 118 LYS A NZ  1 
ATOM   934  N  N   . HIS A 1 119 ? 4.893   -13.642 -7.099  1.00 14.20 ? 119 HIS A N   1 
ATOM   935  C  CA  . HIS A 1 119 ? 4.147   -14.924 -7.013  1.00 14.80 ? 119 HIS A CA  1 
ATOM   936  C  C   . HIS A 1 119 ? 3.501   -15.299 -8.349  1.00 14.77 ? 119 HIS A C   1 
ATOM   937  O  O   . HIS A 1 119 ? 2.277   -15.466 -8.405  1.00 14.02 ? 119 HIS A O   1 
ATOM   938  C  CB  . HIS A 1 119 ? 3.082   -14.816 -5.898  1.00 14.40 ? 119 HIS A CB  1 
ATOM   939  C  CG  . HIS A 1 119 ? 3.629   -14.253 -4.622  1.00 15.40 ? 119 HIS A CG  1 
ATOM   940  N  ND1 . HIS A 1 119 ? 4.315   -15.026 -3.714  1.00 13.47 ? 119 HIS A ND1 1 
ATOM   941  C  CD2 . HIS A 1 119 ? 3.664   -12.982 -4.145  1.00 14.74 ? 119 HIS A CD2 1 
ATOM   942  C  CE1 . HIS A 1 119 ? 4.740   -14.259 -2.721  1.00 17.96 ? 119 HIS A CE1 1 
ATOM   943  N  NE2 . HIS A 1 119 ? 4.336   -13.018 -2.946  1.00 16.08 ? 119 HIS A NE2 1 
ATOM   944  N  N   . PRO A 1 120 ? 4.321   -15.384 -9.432  1.00 14.81 ? 120 PRO A N   1 
ATOM   945  C  CA  . PRO A 1 120 ? 3.759   -15.535 -10.786 1.00 15.65 ? 120 PRO A CA  1 
ATOM   946  C  C   . PRO A 1 120 ? 3.019   -16.859 -10.899 1.00 15.99 ? 120 PRO A C   1 
ATOM   947  O  O   . PRO A 1 120 ? 3.561   -17.896 -10.510 1.00 16.15 ? 120 PRO A O   1 
ATOM   948  C  CB  . PRO A 1 120 ? 4.998   -15.465 -11.705 1.00 14.46 ? 120 PRO A CB  1 
ATOM   949  C  CG  . PRO A 1 120 ? 6.174   -15.890 -10.803 1.00 15.75 ? 120 PRO A CG  1 
ATOM   950  C  CD  . PRO A 1 120 ? 5.806   -15.309 -9.452  1.00 15.30 ? 120 PRO A CD  1 
ATOM   951  N  N   . GLY A 1 121 ? 1.763   -16.813 -11.340 1.00 15.22 ? 121 GLY A N   1 
ATOM   952  C  CA  . GLY A 1 121 ? 0.946   -18.022 -11.391 1.00 16.58 ? 121 GLY A CA  1 
ATOM   953  C  C   . GLY A 1 121 ? 0.322   -18.478 -10.078 1.00 17.96 ? 121 GLY A C   1 
ATOM   954  O  O   . GLY A 1 121 ? -0.434  -19.442 -10.067 1.00 18.17 ? 121 GLY A O   1 
ATOM   955  N  N   . ASP A 1 122 ? 0.610   -17.774 -8.978  1.00 18.06 ? 122 ASP A N   1 
ATOM   956  C  CA  . ASP A 1 122 ? 0.115   -18.120 -7.657  1.00 17.83 ? 122 ASP A CA  1 
ATOM   957  C  C   . ASP A 1 122 ? -0.768  -16.999 -7.111  1.00 17.44 ? 122 ASP A C   1 
ATOM   958  O  O   . ASP A 1 122 ? -0.994  -16.907 -5.912  1.00 16.61 ? 122 ASP A O   1 
ATOM   959  C  CB  . ASP A 1 122 ? 1.312   -18.370 -6.745  1.00 19.28 ? 122 ASP A CB  1 
ATOM   960  C  CG  . ASP A 1 122 ? 0.931   -18.968 -5.402  1.00 22.94 ? 122 ASP A CG  1 
ATOM   961  O  OD1 . ASP A 1 122 ? -0.093  -19.686 -5.268  1.00 25.63 ? 122 ASP A OD1 1 
ATOM   962  O  OD2 . ASP A 1 122 ? 1.692   -18.722 -4.457  1.00 27.09 ? 122 ASP A OD2 1 
ATOM   963  N  N   . PHE A 1 123 ? -1.263  -16.134 -8.009  1.00 17.13 ? 123 PHE A N   1 
ATOM   964  C  CA  . PHE A 1 123 ? -2.108  -14.999 -7.634  1.00 15.32 ? 123 PHE A CA  1 
ATOM   965  C  C   . PHE A 1 123 ? -3.217  -14.950 -8.676  1.00 16.40 ? 123 PHE A C   1 
ATOM   966  O  O   . PHE A 1 123 ? -3.141  -14.181 -9.631  1.00 15.79 ? 123 PHE A O   1 
ATOM   967  C  CB  . PHE A 1 123 ? -1.261  -13.710 -7.606  1.00 15.64 ? 123 PHE A CB  1 
ATOM   968  C  CG  . PHE A 1 123 ? -2.002  -12.463 -7.135  1.00 14.50 ? 123 PHE A CG  1 
ATOM   969  C  CD1 . PHE A 1 123 ? -2.914  -12.518 -6.068  1.00 13.54 ? 123 PHE A CD1 1 
ATOM   970  C  CD2 . PHE A 1 123 ? -1.760  -11.233 -7.759  1.00 13.38 ? 123 PHE A CD2 1 
ATOM   971  C  CE1 . PHE A 1 123 ? -3.573  -11.365 -5.632  1.00 15.06 ? 123 PHE A CE1 1 
ATOM   972  C  CE2 . PHE A 1 123 ? -2.396  -10.049 -7.327  1.00 14.36 ? 123 PHE A CE2 1 
ATOM   973  C  CZ  . PHE A 1 123 ? -3.322  -10.117 -6.265  1.00 15.34 ? 123 PHE A CZ  1 
ATOM   974  N  N   . GLY A 1 124 ? -4.242  -15.783 -8.454  1.00 15.91 ? 124 GLY A N   1 
ATOM   975  C  CA  . GLY A 1 124 ? -5.234  -16.138 -9.468  1.00 16.10 ? 124 GLY A CA  1 
ATOM   976  C  C   . GLY A 1 124 ? -6.224  -15.001 -9.653  1.00 15.41 ? 124 GLY A C   1 
ATOM   977  O  O   . GLY A 1 124 ? -6.206  -14.001 -8.895  1.00 14.93 ? 124 GLY A O   1 
ATOM   978  N  N   . ALA A 1 125 ? -7.069  -15.145 -10.669 1.00 13.15 ? 125 ALA A N   1 
ATOM   979  C  CA  . ALA A 1 125 ? -8.018  -14.104 -11.033 1.00 12.83 ? 125 ALA A CA  1 
ATOM   980  C  C   . ALA A 1 125 ? -8.963  -13.773 -9.866  1.00 12.58 ? 125 ALA A C   1 
ATOM   981  O  O   . ALA A 1 125 ? -9.252  -12.606 -9.622  1.00 12.31 ? 125 ALA A O   1 
ATOM   982  C  CB  . ALA A 1 125 ? -8.819  -14.526 -12.279 1.00 12.37 ? 125 ALA A CB  1 
ATOM   983  N  N   . ASP A 1 126 ? -9.427  -14.797 -9.158  1.00 12.90 ? 126 ASP A N   1 
ATOM   984  C  CA  . ASP A 1 126 ? -10.294 -14.589 -7.997  1.00 14.19 ? 126 ASP A CA  1 
ATOM   985  C  C   . ASP A 1 126 ? -9.547  -13.776 -6.895  1.00 13.22 ? 126 ASP A C   1 
ATOM   986  O  O   . ASP A 1 126 ? -10.078 -12.795 -6.385  1.00 13.64 ? 126 ASP A O   1 
ATOM   987  C  CB  . ASP A 1 126 ? -10.879 -15.926 -7.483  1.00 15.48 ? 126 ASP A CB  1 
ATOM   988  C  CG  . ASP A 1 126 ? -9.818  -16.966 -7.095  1.00 18.62 ? 126 ASP A CG  1 
ATOM   989  O  OD1 . ASP A 1 126 ? -8.578  -16.768 -7.234  1.00 22.21 ? 126 ASP A OD1 1 
ATOM   990  O  OD2 . ASP A 1 126 ? -10.258 -18.038 -6.602  1.00 27.61 ? 126 ASP A OD2 1 
ATOM   991  N  N   . ALA A 1 127 ? -8.308  -14.174 -6.592  1.00 12.97 ? 127 ALA A N   1 
ATOM   992  C  CA  . ALA A 1 127 ? -7.444  -13.447 -5.625  1.00 13.08 ? 127 ALA A CA  1 
ATOM   993  C  C   . ALA A 1 127 ? -7.122  -11.970 -5.993  1.00 12.58 ? 127 ALA A C   1 
ATOM   994  O  O   . ALA A 1 127 ? -7.089  -11.065 -5.124  1.00 10.78 ? 127 ALA A O   1 
ATOM   995  C  CB  . ALA A 1 127 ? -6.180  -14.230 -5.411  1.00 13.34 ? 127 ALA A CB  1 
ATOM   996  N  N   . GLN A 1 128 ? -6.839  -11.719 -7.274  1.00 12.96 ? 128 GLN A N   1 
ATOM   997  C  CA  . GLN A 1 128 ? -6.619  -10.354 -7.727  1.00 12.52 ? 128 GLN A CA  1 
ATOM   998  C  C   . GLN A 1 128 ? -7.892  -9.521  -7.549  1.00 12.89 ? 128 GLN A C   1 
ATOM   999  O  O   . GLN A 1 128 ? -7.832  -8.356  -7.111  1.00 12.79 ? 128 GLN A O   1 
ATOM   1000 C  CB  . GLN A 1 128 ? -6.143  -10.301 -9.192  1.00 13.32 ? 128 GLN A CB  1 
ATOM   1001 C  CG  . GLN A 1 128 ? -5.798  -8.869  -9.600  1.00 14.19 ? 128 GLN A CG  1 
ATOM   1002 C  CD  . GLN A 1 128 ? -5.392  -8.785  -11.057 1.00 14.77 ? 128 GLN A CD  1 
ATOM   1003 O  OE1 . GLN A 1 128 ? -4.925  -9.777  -11.638 1.00 21.02 ? 128 GLN A OE1 1 
ATOM   1004 N  NE2 . GLN A 1 128 ? -5.579  -7.620  -11.659 1.00 13.26 ? 128 GLN A NE2 1 
ATOM   1005 N  N   . GLY A 1 129 ? -9.023  -10.107 -7.951  1.00 12.83 ? 129 GLY A N   1 
ATOM   1006 C  CA  . GLY A 1 129 ? -10.359 -9.516  -7.743  1.00 12.19 ? 129 GLY A CA  1 
ATOM   1007 C  C   . GLY A 1 129 ? -10.565 -9.127  -6.286  1.00 11.87 ? 129 GLY A C   1 
ATOM   1008 O  O   . GLY A 1 129 ? -10.949 -7.977  -5.998  1.00 12.69 ? 129 GLY A O   1 
ATOM   1009 N  N   . ALA A 1 130 ? -10.368 -10.080 -5.376  1.00 10.93 ? 130 ALA A N   1 
ATOM   1010 C  CA  . ALA A 1 130 ? -10.583 -9.838  -3.931  1.00 11.02 ? 130 ALA A CA  1 
ATOM   1011 C  C   . ALA A 1 130 ? -9.657  -8.755  -3.357  1.00 11.00 ? 130 ALA A C   1 
ATOM   1012 O  O   . ALA A 1 130 ? -10.107 -7.817  -2.705  1.00 11.34 ? 130 ALA A O   1 
ATOM   1013 C  CB  . ALA A 1 130 ? -10.502 -11.174 -3.100  1.00 10.22 ? 130 ALA A CB  1 
ATOM   1014 N  N   . MET A 1 131 ? -8.369  -8.878  -3.610  1.00 10.94 ? 131 MET A N   1 
ATOM   1015 C  CA  . MET A 1 131 ? -7.392  -7.913  -3.140  1.00 12.32 ? 131 MET A CA  1 
ATOM   1016 C  C   . MET A 1 131 ? -7.663  -6.467  -3.692  1.00 13.09 ? 131 MET A C   1 
ATOM   1017 O  O   . MET A 1 131 ? -7.524  -5.493  -2.942  1.00 11.74 ? 131 MET A O   1 
ATOM   1018 C  CB  . MET A 1 131 ? -5.965  -8.390  -3.520  1.00 11.23 ? 131 MET A CB  1 
ATOM   1019 C  CG  . MET A 1 131 ? -4.848  -7.449  -3.061  1.00 13.47 ? 131 MET A CG  1 
ATOM   1020 S  SD  . MET A 1 131 ? -4.870  -7.242  -1.226  1.00 18.85 ? 131 MET A SD  1 
ATOM   1021 C  CE  . MET A 1 131 ? -4.575  -8.851  -0.610  1.00 14.64 ? 131 MET A CE  1 
ATOM   1022 N  N   . THR A 1 132 ? -8.010  -6.367  -4.991  1.00 12.96 ? 132 THR A N   1 
ATOM   1023 C  CA  . THR A 1 132 ? -8.361  -5.111  -5.657  1.00 13.89 ? 132 THR A CA  1 
ATOM   1024 C  C   . THR A 1 132 ? -9.527  -4.441  -4.944  1.00 14.40 ? 132 THR A C   1 
ATOM   1025 O  O   . THR A 1 132 ? -9.431  -3.265  -4.604  1.00 15.25 ? 132 THR A O   1 
ATOM   1026 C  CB  . THR A 1 132 ? -8.680  -5.298  -7.176  1.00 14.06 ? 132 THR A CB  1 
ATOM   1027 O  OG1 . THR A 1 132 ? -7.534  -5.857  -7.825  1.00 14.04 ? 132 THR A OG1 1 
ATOM   1028 C  CG2 . THR A 1 132 ? -9.045  -3.947  -7.842  1.00 14.58 ? 132 THR A CG2 1 
ATOM   1029 N  N   . LYS A 1 133 ? -10.614 -5.184  -4.714  1.00 14.85 ? 133 LYS A N   1 
ATOM   1030 C  CA  . LYS A 1 133 ? -11.724 -4.708  -3.857  1.00 15.38 ? 133 LYS A CA  1 
ATOM   1031 C  C   . LYS A 1 133 ? -11.314 -4.206  -2.481  1.00 14.20 ? 133 LYS A C   1 
ATOM   1032 O  O   . LYS A 1 133 ? -11.789 -3.164  -2.057  1.00 12.83 ? 133 LYS A O   1 
ATOM   1033 C  CB  . LYS A 1 133 ? -12.742 -5.828  -3.625  1.00 15.44 ? 133 LYS A CB  1 
ATOM   1034 C  CG  . LYS A 1 133 ? -13.835 -5.863  -4.699  1.00 17.85 ? 133 LYS A CG  1 
ATOM   1035 C  CD  . LYS A 1 133 ? -14.928 -6.894  -4.363  1.00 16.24 ? 133 LYS A CD  1 
ATOM   1036 C  CE  . LYS A 1 133 ? -16.011 -6.284  -3.480  1.00 21.87 ? 133 LYS A CE  1 
ATOM   1037 N  NZ  . LYS A 1 133 ? -17.336 -7.064  -3.522  1.00 24.33 ? 133 LYS A NZ  1 
ATOM   1038 N  N   . ALA A 1 134 ? -10.491 -4.983  -1.761  1.00 13.27 ? 134 ALA A N   1 
ATOM   1039 C  CA  . ALA A 1 134 ? -10.007 -4.561  -0.442  1.00 13.20 ? 134 ALA A CA  1 
ATOM   1040 C  C   . ALA A 1 134 ? -9.283  -3.204  -0.525  1.00 13.15 ? 134 ALA A C   1 
ATOM   1041 O  O   . ALA A 1 134 ? -9.471  -2.330  0.357   1.00 12.31 ? 134 ALA A O   1 
ATOM   1042 C  CB  . ALA A 1 134 ? -9.092  -5.624  0.167   1.00 12.40 ? 134 ALA A CB  1 
ATOM   1043 N  N   . LEU A 1 135 ? -8.464  -3.059  -1.573  1.00 12.69 ? 135 LEU A N   1 
ATOM   1044 C  CA  . LEU A 1 135 ? -7.628  -1.887  -1.790  1.00 13.40 ? 135 LEU A CA  1 
ATOM   1045 C  C   . LEU A 1 135 ? -8.448  -0.665  -2.216  1.00 13.49 ? 135 LEU A C   1 
ATOM   1046 O  O   . LEU A 1 135 ? -8.153  0.460   -1.780  1.00 14.23 ? 135 LEU A O   1 
ATOM   1047 C  CB  . LEU A 1 135 ? -6.483  -2.163  -2.789  1.00 13.57 ? 135 LEU A CB  1 
ATOM   1048 C  CG  . LEU A 1 135 ? -5.321  -3.072  -2.346  1.00 13.44 ? 135 LEU A CG  1 
ATOM   1049 C  CD1 . LEU A 1 135 ? -4.304  -3.386  -3.495  1.00 13.40 ? 135 LEU A CD1 1 
ATOM   1050 C  CD2 . LEU A 1 135 ? -4.582  -2.608  -1.063  1.00 14.27 ? 135 LEU A CD2 1 
ATOM   1051 N  N   . GLU A 1 136 ? -9.496  -0.883  -3.011  1.00 13.66 ? 136 GLU A N   1 
ATOM   1052 C  CA  . GLU A 1 136 ? -10.424 0.202   -3.349  1.00 14.12 ? 136 GLU A CA  1 
ATOM   1053 C  C   . GLU A 1 136 ? -11.253 0.612   -2.099  1.00 13.34 ? 136 GLU A C   1 
ATOM   1054 O  O   . GLU A 1 136 ? -11.572 1.783   -1.942  1.00 13.61 ? 136 GLU A O   1 
ATOM   1055 C  CB  . GLU A 1 136 ? -11.356 -0.169  -4.516  1.00 13.75 ? 136 GLU A CB  1 
ATOM   1056 C  CG  . GLU A 1 136 ? -10.627 -0.363  -5.871  1.00 14.40 ? 136 GLU A CG  1 
ATOM   1057 C  CD  . GLU A 1 136 ? -11.472 -1.099  -6.909  1.00 15.69 ? 136 GLU A CD  1 
ATOM   1058 O  OE1 . GLU A 1 136 ? -12.405 -1.809  -6.521  1.00 17.82 ? 136 GLU A OE1 1 
ATOM   1059 O  OE2 . GLU A 1 136 ? -11.160 -1.023  -8.114  1.00 19.91 ? 136 GLU A OE2 1 
ATOM   1060 N  N   . LEU A 1 137 ? -11.593 -0.338  -1.234  1.00 12.09 ? 137 LEU A N   1 
ATOM   1061 C  CA  . LEU A 1 137 ? -12.314 0.001   0.032   1.00 12.59 ? 137 LEU A CA  1 
ATOM   1062 C  C   . LEU A 1 137 ? -11.449 0.902   0.892   1.00 11.67 ? 137 LEU A C   1 
ATOM   1063 O  O   . LEU A 1 137 ? -11.929 1.906   1.394   1.00 12.53 ? 137 LEU A O   1 
ATOM   1064 C  CB  . LEU A 1 137 ? -12.725 -1.224  0.833   1.00 12.09 ? 137 LEU A CB  1 
ATOM   1065 C  CG  . LEU A 1 137 ? -13.533 -0.964  2.134   1.00 13.05 ? 137 LEU A CG  1 
ATOM   1066 C  CD1 . LEU A 1 137 ? -14.905 -0.263  1.841   1.00 14.45 ? 137 LEU A CD1 1 
ATOM   1067 C  CD2 . LEU A 1 137 ? -13.757 -2.301  2.856   1.00 10.62 ? 137 LEU A CD2 1 
ATOM   1068 N  N   . PHE A 1 138 ? -10.189 0.515   1.033   1.00 12.18 ? 138 PHE A N   1 
ATOM   1069 C  CA  . PHE A 1 138 ? -9.154  1.266   1.737   1.00 13.00 ? 138 PHE A CA  1 
ATOM   1070 C  C   . PHE A 1 138 ? -9.052  2.684   1.162   1.00 13.18 ? 138 PHE A C   1 
ATOM   1071 O  O   . PHE A 1 138 ? -9.215  3.639   1.891   1.00 12.27 ? 138 PHE A O   1 
ATOM   1072 C  CB  . PHE A 1 138 ? -7.818  0.533   1.606   1.00 13.88 ? 138 PHE A CB  1 
ATOM   1073 C  CG  . PHE A 1 138 ? -6.616  1.291   2.149   1.00 15.55 ? 138 PHE A CG  1 
ATOM   1074 C  CD1 . PHE A 1 138 ? -6.468  1.524   3.508   1.00 19.06 ? 138 PHE A CD1 1 
ATOM   1075 C  CD2 . PHE A 1 138 ? -5.610  1.715   1.292   1.00 19.34 ? 138 PHE A CD2 1 
ATOM   1076 C  CE1 . PHE A 1 138 ? -5.336  2.183   4.000   1.00 21.06 ? 138 PHE A CE1 1 
ATOM   1077 C  CE2 . PHE A 1 138 ? -4.475  2.370   1.760   1.00 17.81 ? 138 PHE A CE2 1 
ATOM   1078 C  CZ  . PHE A 1 138 ? -4.339  2.618   3.122   1.00 20.13 ? 138 PHE A CZ  1 
ATOM   1079 N  N   . ARG A 1 139 ? -8.777  2.796   -0.142  1.00 13.21 ? 139 ARG A N   1 
ATOM   1080 C  CA  . ARG A 1 139 ? -8.646  4.081   -0.839  1.00 13.20 ? 139 ARG A CA  1 
ATOM   1081 C  C   . ARG A 1 139 ? -9.944  4.921   -0.739  1.00 12.99 ? 139 ARG A C   1 
ATOM   1082 O  O   . ARG A 1 139 ? -9.905  6.141   -0.545  1.00 13.21 ? 139 ARG A O   1 
ATOM   1083 C  CB  . ARG A 1 139 ? -8.324  3.773   -2.314  1.00 13.01 ? 139 ARG A CB  1 
ATOM   1084 C  CG  . ARG A 1 139 ? -7.753  4.890   -3.077  1.00 17.59 ? 139 ARG A CG  1 
ATOM   1085 C  CD  . ARG A 1 139 ? -6.913  4.353   -4.230  1.00 17.30 ? 139 ARG A CD  1 
ATOM   1086 N  NE  . ARG A 1 139 ? -7.693  3.915   -5.398  1.00 15.30 ? 139 ARG A NE  1 
ATOM   1087 C  CZ  . ARG A 1 139 ? -7.748  2.661   -5.842  1.00 18.20 ? 139 ARG A CZ  1 
ATOM   1088 N  NH1 . ARG A 1 139 ? -7.121  1.664   -5.195  1.00 18.00 ? 139 ARG A NH1 1 
ATOM   1089 N  NH2 . ARG A 1 139 ? -8.453  2.385   -6.931  1.00 19.50 ? 139 ARG A NH2 1 
ATOM   1090 N  N   . ASN A 1 140 ? -11.094 4.276   -0.888  1.00 12.68 ? 140 ASN A N   1 
ATOM   1091 C  CA  . ASN A 1 140 ? -12.364 5.001   -0.822  1.00 12.46 ? 140 ASN A CA  1 
ATOM   1092 C  C   . ASN A 1 140 ? -12.674 5.555   0.604   1.00 12.87 ? 140 ASN A C   1 
ATOM   1093 O  O   . ASN A 1 140 ? -13.187 6.695   0.782   1.00 12.13 ? 140 ASN A O   1 
ATOM   1094 C  CB  . ASN A 1 140 ? -13.496 4.122   -1.336  1.00 12.34 ? 140 ASN A CB  1 
ATOM   1095 C  CG  . ASN A 1 140 ? -14.724 4.933   -1.701  1.00 15.90 ? 140 ASN A CG  1 
ATOM   1096 O  OD1 . ASN A 1 140 ? -14.717 5.745   -2.654  1.00 21.60 ? 140 ASN A OD1 1 
ATOM   1097 N  ND2 . ASN A 1 140 ? -15.775 4.723   -0.956  1.00 13.75 ? 140 ASN A ND2 1 
ATOM   1098 N  N   . ASP A 1 141 ? -12.300 4.790   1.622   1.00 12.37 ? 141 ASP A N   1 
ATOM   1099 C  CA  . ASP A 1 141 ? -12.535 5.248   3.001   1.00 11.51 ? 141 ASP A CA  1 
ATOM   1100 C  C   . ASP A 1 141 ? -11.579 6.389   3.359   1.00 12.78 ? 141 ASP A C   1 
ATOM   1101 O  O   . ASP A 1 141 ? -11.990 7.343   4.037   1.00 12.29 ? 141 ASP A O   1 
ATOM   1102 C  CB  . ASP A 1 141 ? -12.476 4.080   3.999   1.00 10.84 ? 141 ASP A CB  1 
ATOM   1103 C  CG  . ASP A 1 141 ? -13.754 3.202   3.983   1.00 11.24 ? 141 ASP A CG  1 
ATOM   1104 O  OD1 . ASP A 1 141 ? -14.738 3.553   3.331   1.00 12.09 ? 141 ASP A OD1 1 
ATOM   1105 O  OD2 . ASP A 1 141 ? -13.790 2.143   4.621   1.00 13.92 ? 141 ASP A OD2 1 
ATOM   1106 N  N   . ILE A 1 142 ? -10.336 6.333   2.858   1.00 12.40 ? 142 ILE A N   1 
ATOM   1107 C  CA  . ILE A 1 142 ? -9.381  7.460   2.984   1.00 14.11 ? 142 ILE A CA  1 
ATOM   1108 C  C   . ILE A 1 142 ? -9.890  8.680   2.200   1.00 13.65 ? 142 ILE A C   1 
ATOM   1109 O  O   . ILE A 1 142 ? -9.857  9.796   2.710   1.00 14.43 ? 142 ILE A O   1 
ATOM   1110 C  CB  . ILE A 1 142 ? -7.941  7.085   2.482   1.00 13.15 ? 142 ILE A CB  1 
ATOM   1111 C  CG1 . ILE A 1 142 ? -7.301  6.070   3.431   1.00 14.54 ? 142 ILE A CG1 1 
ATOM   1112 C  CG2 . ILE A 1 142 ? -7.087  8.385   2.231   1.00 14.00 ? 142 ILE A CG2 1 
ATOM   1113 C  CD1 . ILE A 1 142 ? -5.959  5.529   2.933   1.00 16.55 ? 142 ILE A CD1 1 
ATOM   1114 N  N   . ALA A 1 143 ? -10.370 8.481   0.971   1.00 14.06 ? 143 ALA A N   1 
ATOM   1115 C  CA  . ALA A 1 143 ? -10.881 9.614   0.186   1.00 14.47 ? 143 ALA A CA  1 
ATOM   1116 C  C   . ALA A 1 143 ? -12.021 10.353  0.907   1.00 14.81 ? 143 ALA A C   1 
ATOM   1117 O  O   . ALA A 1 143 ? -12.122 11.577  0.792   1.00 15.36 ? 143 ALA A O   1 
ATOM   1118 C  CB  . ALA A 1 143 ? -11.304 9.187   -1.215  1.00 14.47 ? 143 ALA A CB  1 
ATOM   1119 N  N   . ALA A 1 144 ? -12.899 9.617   1.610   1.00 15.61 ? 144 ALA A N   1 
ATOM   1120 C  CA  . ALA A 1 144 ? -13.935 10.243  2.444   1.00 16.02 ? 144 ALA A CA  1 
ATOM   1121 C  C   . ALA A 1 144 ? -13.343 11.167  3.536   1.00 16.28 ? 144 ALA A C   1 
ATOM   1122 O  O   . ALA A 1 144 ? -13.892 12.249  3.802   1.00 15.85 ? 144 ALA A O   1 
ATOM   1123 C  CB  . ALA A 1 144 ? -14.886 9.177   3.075   1.00 15.86 ? 144 ALA A CB  1 
ATOM   1124 N  N   . LYS A 1 145 ? -12.266 10.710  4.196   1.00 16.16 ? 145 LYS A N   1 
ATOM   1125 C  CA  . LYS A 1 145 ? -11.593 11.517  5.207   1.00 15.90 ? 145 LYS A CA  1 
ATOM   1126 C  C   . LYS A 1 145 ? -10.922 12.730  4.558   1.00 15.31 ? 145 LYS A C   1 
ATOM   1127 O  O   . LYS A 1 145 ? -10.899 13.800  5.147   1.00 13.60 ? 145 LYS A O   1 
ATOM   1128 C  CB  . LYS A 1 145 ? -10.581 10.679  5.986   1.00 16.43 ? 145 LYS A CB  1 
ATOM   1129 C  CG  . LYS A 1 145 ? -11.187 9.433   6.628   1.00 17.65 ? 145 LYS A CG  1 
ATOM   1130 C  CD  . LYS A 1 145 ? -12.170 9.831   7.732   1.00 25.11 ? 145 LYS A CD  1 
ATOM   1131 C  CE  . LYS A 1 145 ? -12.900 8.629   8.270   1.00 27.89 ? 145 LYS A CE  1 
ATOM   1132 N  NZ  . LYS A 1 145 ? -13.675 8.951   9.488   1.00 32.22 ? 145 LYS A NZ  1 
ATOM   1133 N  N   . TYR A 1 146 ? -10.392 12.553  3.340   1.00 14.54 ? 146 TYR A N   1 
ATOM   1134 C  CA  . TYR A 1 146 ? -9.782  13.666  2.597   1.00 14.30 ? 146 TYR A CA  1 
ATOM   1135 C  C   . TYR A 1 146 ? -10.800 14.727  2.266   1.00 14.74 ? 146 TYR A C   1 
ATOM   1136 O  O   . TYR A 1 146 ? -10.523 15.927  2.452   1.00 13.88 ? 146 TYR A O   1 
ATOM   1137 C  CB  . TYR A 1 146 ? -9.134  13.156  1.307   1.00 14.36 ? 146 TYR A CB  1 
ATOM   1138 C  CG  . TYR A 1 146 ? -7.714  12.648  1.441   1.00 13.76 ? 146 TYR A CG  1 
ATOM   1139 C  CD1 . TYR A 1 146 ? -7.255  12.000  2.594   1.00 14.62 ? 146 TYR A CD1 1 
ATOM   1140 C  CD2 . TYR A 1 146 ? -6.831  12.774  0.380   1.00 17.80 ? 146 TYR A CD2 1 
ATOM   1141 C  CE1 . TYR A 1 146 ? -5.908  11.501  2.685   1.00 14.52 ? 146 TYR A CE1 1 
ATOM   1142 C  CE2 . TYR A 1 146 ? -5.504  12.292  0.466   1.00 17.71 ? 146 TYR A CE2 1 
ATOM   1143 C  CZ  . TYR A 1 146 ? -5.056  11.645  1.614   1.00 14.79 ? 146 TYR A CZ  1 
ATOM   1144 O  OH  . TYR A 1 146 ? -3.727  11.197  1.634   1.00 14.88 ? 146 TYR A OH  1 
ATOM   1145 N  N   . LYS A 1 147 ? -11.984 14.307  1.785   1.00 14.22 ? 147 LYS A N   1 
ATOM   1146 C  CA  . LYS A 1 147 ? -13.063 15.270  1.496   1.00 14.88 ? 147 LYS A CA  1 
ATOM   1147 C  C   . LYS A 1 147 ? -13.450 16.082  2.743   1.00 16.49 ? 147 LYS A C   1 
ATOM   1148 O  O   . LYS A 1 147 ? -13.634 17.305  2.663   1.00 17.17 ? 147 LYS A O   1 
ATOM   1149 C  CB  . LYS A 1 147 ? -14.303 14.600  0.905   1.00 14.74 ? 147 LYS A CB  1 
ATOM   1150 C  CG  . LYS A 1 147 ? -15.452 15.589  0.616   1.00 15.94 ? 147 LYS A CG  1 
ATOM   1151 C  CD  . LYS A 1 147 ? -16.611 14.929  -0.095  1.00 15.88 ? 147 LYS A CD  1 
ATOM   1152 C  CE  . LYS A 1 147 ? -17.708 15.953  -0.507  1.00 16.01 ? 147 LYS A CE  1 
ATOM   1153 N  NZ  . LYS A 1 147 ? -18.719 16.060  0.566   1.00 22.74 ? 147 LYS A NZ  1 
ATOM   1154 N  N   . GLU A 1 148 ? -13.542 15.397  3.878   1.00 16.39 ? 148 GLU A N   1 
ATOM   1155 C  CA  . GLU A 1 148 ? -13.840 16.010  5.165   1.00 18.35 ? 148 GLU A CA  1 
ATOM   1156 C  C   . GLU A 1 148 ? -12.840 17.164  5.438   1.00 18.41 ? 148 GLU A C   1 
ATOM   1157 O  O   . GLU A 1 148 ? -13.249 18.281  5.810   1.00 17.90 ? 148 GLU A O   1 
ATOM   1158 C  CB  . GLU A 1 148 ? -13.727 14.912  6.206   1.00 18.81 ? 148 GLU A CB  1 
ATOM   1159 C  CG  . GLU A 1 148 ? -14.425 15.060  7.457   1.00 23.25 ? 148 GLU A CG  1 
ATOM   1160 C  CD  . GLU A 1 148 ? -14.196 13.825  8.288   1.00 26.91 ? 148 GLU A CD  1 
ATOM   1161 O  OE1 . GLU A 1 148 ? -14.878 12.783  8.075   1.00 30.36 ? 148 GLU A OE1 1 
ATOM   1162 O  OE2 . GLU A 1 148 ? -13.297 13.896  9.121   1.00 28.61 ? 148 GLU A OE2 1 
ATOM   1163 N  N   . LEU A 1 149 ? -11.559 16.899  5.207   1.00 17.41 ? 149 LEU A N   1 
ATOM   1164 C  CA  . LEU A 1 149 ? -10.524 17.897  5.391   1.00 18.66 ? 149 LEU A CA  1 
ATOM   1165 C  C   . LEU A 1 149 ? -10.425 18.879  4.220   1.00 19.32 ? 149 LEU A C   1 
ATOM   1166 O  O   . LEU A 1 149 ? -9.653  19.819  4.274   1.00 20.30 ? 149 LEU A O   1 
ATOM   1167 C  CB  . LEU A 1 149 ? -9.176  17.210  5.625   1.00 18.50 ? 149 LEU A CB  1 
ATOM   1168 C  CG  . LEU A 1 149 ? -9.087  16.185  6.767   1.00 17.55 ? 149 LEU A CG  1 
ATOM   1169 C  CD1 . LEU A 1 149 ? -7.840  15.322  6.603   1.00 17.64 ? 149 LEU A CD1 1 
ATOM   1170 C  CD2 . LEU A 1 149 ? -9.113  16.867  8.198   1.00 16.61 ? 149 LEU A CD2 1 
ATOM   1171 N  N   . GLY A 1 150 ? -11.180 18.654  3.153   1.00 19.63 ? 150 GLY A N   1 
ATOM   1172 C  CA  . GLY A 1 150 ? -11.076 19.507  1.966   1.00 20.59 ? 150 GLY A CA  1 
ATOM   1173 C  C   . GLY A 1 150 ? -9.690  19.396  1.343   1.00 21.72 ? 150 GLY A C   1 
ATOM   1174 O  O   . GLY A 1 150 ? -9.193  20.330  0.729   1.00 22.23 ? 150 GLY A O   1 
ATOM   1175 N  N   . PHE A 1 151 ? -9.062  18.239  1.488   1.00 23.12 ? 151 PHE A N   1 
ATOM   1176 C  CA  . PHE A 1 151 ? -7.697  18.086  1.010   1.00 24.94 ? 151 PHE A CA  1 
ATOM   1177 C  C   . PHE A 1 151 ? -7.678  17.617  -0.424  1.00 26.16 ? 151 PHE A C   1 
ATOM   1178 O  O   . PHE A 1 151 ? -8.416  16.693  -0.799  1.00 25.86 ? 151 PHE A O   1 
ATOM   1179 C  CB  . PHE A 1 151 ? -6.866  17.142  1.878   1.00 24.64 ? 151 PHE A CB  1 
ATOM   1180 C  CG  . PHE A 1 151 ? -5.495  16.918  1.346   1.00 25.25 ? 151 PHE A CG  1 
ATOM   1181 C  CD1 . PHE A 1 151 ? -4.530  17.906  1.449   1.00 25.59 ? 151 PHE A CD1 1 
ATOM   1182 C  CD2 . PHE A 1 151 ? -5.172  15.731  0.695   1.00 26.93 ? 151 PHE A CD2 1 
ATOM   1183 C  CE1 . PHE A 1 151 ? -3.262  17.709  0.926   1.00 26.51 ? 151 PHE A CE1 1 
ATOM   1184 C  CE2 . PHE A 1 151 ? -3.893  15.534  0.180   1.00 26.34 ? 151 PHE A CE2 1 
ATOM   1185 C  CZ  . PHE A 1 151 ? -2.954  16.532  0.275   1.00 24.26 ? 151 PHE A CZ  1 
ATOM   1186 N  N   . GLN A 1 152 ? -6.829  18.264  -1.225  1.00 27.92 ? 152 GLN A N   1 
ATOM   1187 C  CA  . GLN A 1 152 ? -6.614  17.811  -2.599  1.00 29.21 ? 152 GLN A CA  1 
ATOM   1188 C  C   . GLN A 1 152 ? -5.144  17.421  -2.851  1.00 30.14 ? 152 GLN A C   1 
ATOM   1189 O  O   . GLN A 1 152 ? -4.182  18.127  -2.484  1.00 30.32 ? 152 GLN A O   1 
ATOM   1190 C  CB  . GLN A 1 152 ? -7.146  18.851  -3.594  1.00 28.35 ? 152 GLN A CB  1 
ATOM   1191 C  CG  . GLN A 1 152 ? -8.698  18.909  -3.639  1.00 29.23 ? 152 GLN A CG  1 
ATOM   1192 C  CD  . GLN A 1 152 ? -9.339  17.720  -4.389  1.00 29.38 ? 152 GLN A CD  1 
ATOM   1193 O  OE1 . GLN A 1 152 ? -8.656  16.948  -5.060  1.00 29.16 ? 152 GLN A OE1 1 
ATOM   1194 N  NE2 . GLN A 1 152 ? -10.652 17.578  -4.266  1.00 31.17 ? 152 GLN A NE2 1 
HETATM 1195 S  S   . SO4 B 2 .   ? -15.900 0.501   12.110  1.00 39.21 ? 156 SO4 A S   1 
HETATM 1196 O  O1  . SO4 B 2 .   ? -16.413 1.761   12.641  1.00 40.42 ? 156 SO4 A O1  1 
HETATM 1197 O  O2  . SO4 B 2 .   ? -14.830 0.041   12.962  1.00 40.88 ? 156 SO4 A O2  1 
HETATM 1198 O  O3  . SO4 B 2 .   ? -16.967 -0.496  12.118  1.00 41.82 ? 156 SO4 A O3  1 
HETATM 1199 O  O4  . SO4 B 2 .   ? -15.375 0.706   10.758  1.00 43.02 ? 156 SO4 A O4  1 
HETATM 1200 S  S   . SO4 C 2 .   ? 20.396  3.174   4.363   1.00 28.83 ? 157 SO4 A S   1 
HETATM 1201 O  O1  . SO4 C 2 .   ? 21.429  4.051   4.888   1.00 34.59 ? 157 SO4 A O1  1 
HETATM 1202 O  O2  . SO4 C 2 .   ? 19.456  3.001   5.448   1.00 33.44 ? 157 SO4 A O2  1 
HETATM 1203 O  O3  . SO4 C 2 .   ? 19.636  3.768   3.263   1.00 33.16 ? 157 SO4 A O3  1 
HETATM 1204 O  O4  . SO4 C 2 .   ? 20.988  1.919   3.906   1.00 27.45 ? 157 SO4 A O4  1 
HETATM 1205 C  CHA . HEM D 3 .   ? 4.476   7.656   6.761   1.00 10.78 ? 154 HEM A CHA 1 
HETATM 1206 C  CHB . HEM D 3 .   ? 1.418   3.930   5.964   1.00 10.79 ? 154 HEM A CHB 1 
HETATM 1207 C  CHC . HEM D 3 .   ? 0.678   5.386   1.432   1.00 12.05 ? 154 HEM A CHC 1 
HETATM 1208 C  CHD . HEM D 3 .   ? 3.891   8.926   2.062   1.00 12.10 ? 154 HEM A CHD 1 
HETATM 1209 C  C1A . HEM D 3 .   ? 3.672   6.551   6.943   1.00 13.49 ? 154 HEM A C1A 1 
HETATM 1210 C  C2A . HEM D 3 .   ? 3.490   5.843   8.184   1.00 12.36 ? 154 HEM A C2A 1 
HETATM 1211 C  C3A . HEM D 3 .   ? 2.637   4.820   7.953   1.00 12.62 ? 154 HEM A C3A 1 
HETATM 1212 C  C4A . HEM D 3 .   ? 2.280   4.837   6.553   1.00 12.57 ? 154 HEM A C4A 1 
HETATM 1213 C  CMA . HEM D 3 .   ? 2.108   3.756   8.937   1.00 11.27 ? 154 HEM A CMA 1 
HETATM 1214 C  CAA . HEM D 3 .   ? 4.146   6.280   9.503   1.00 12.88 ? 154 HEM A CAA 1 
HETATM 1215 C  CBA . HEM D 3 .   ? 3.116   6.985   10.415  1.00 13.75 ? 154 HEM A CBA 1 
HETATM 1216 C  CGA . HEM D 3 .   ? 2.438   8.199   9.805   1.00 18.53 ? 154 HEM A CGA 1 
HETATM 1217 O  O1A . HEM D 3 .   ? 3.157   9.200   9.483   1.00 16.42 ? 154 HEM A O1A 1 
HETATM 1218 O  O2A . HEM D 3 .   ? 1.165   8.157   9.633   1.00 15.75 ? 154 HEM A O2A 1 
HETATM 1219 C  C1B . HEM D 3 .   ? 0.950   3.993   4.670   1.00 12.52 ? 154 HEM A C1B 1 
HETATM 1220 C  C2B . HEM D 3 .   ? 0.082   3.029   4.045   1.00 13.21 ? 154 HEM A C2B 1 
HETATM 1221 C  C3B . HEM D 3 .   ? -0.133  3.446   2.785   1.00 14.77 ? 154 HEM A C3B 1 
HETATM 1222 C  C4B . HEM D 3 .   ? 0.617   4.656   2.577   1.00 14.16 ? 154 HEM A C4B 1 
HETATM 1223 C  CMB . HEM D 3 .   ? -0.499  1.773   4.751   1.00 11.67 ? 154 HEM A CMB 1 
HETATM 1224 C  CAB . HEM D 3 .   ? -0.975  2.798   1.700   1.00 10.90 ? 154 HEM A CAB 1 
HETATM 1225 C  CBB . HEM D 3 .   ? -0.877  1.477   1.477   1.00 17.44 ? 154 HEM A CBB 1 
HETATM 1226 C  C1C . HEM D 3 .   ? 1.521   6.437   1.161   1.00 11.94 ? 154 HEM A C1C 1 
HETATM 1227 C  C2C . HEM D 3 .   ? 1.709   7.046   -0.117  1.00 12.84 ? 154 HEM A C2C 1 
HETATM 1228 C  C3C . HEM D 3 .   ? 2.608   8.030   0.037   1.00 16.20 ? 154 HEM A C3C 1 
HETATM 1229 C  C4C . HEM D 3 .   ? 3.019   8.064   1.440   1.00 11.05 ? 154 HEM A C4C 1 
HETATM 1230 C  CMC . HEM D 3 .   ? 0.952   6.602   -1.394  1.00 14.73 ? 154 HEM A CMC 1 
HETATM 1231 C  CAC . HEM D 3 .   ? 3.064   8.941   -1.123  1.00 16.03 ? 154 HEM A CAC 1 
HETATM 1232 C  CBC . HEM D 3 .   ? 4.279   9.439   -1.231  1.00 22.13 ? 154 HEM A CBC 1 
HETATM 1233 C  C1D . HEM D 3 .   ? 4.333   8.921   3.376   1.00 14.46 ? 154 HEM A C1D 1 
HETATM 1234 C  C2D . HEM D 3 .   ? 5.348   9.808   3.876   1.00 12.61 ? 154 HEM A C2D 1 
HETATM 1235 C  C3D . HEM D 3 .   ? 5.526   9.444   5.333   1.00 14.86 ? 154 HEM A C3D 1 
HETATM 1236 C  C4D . HEM D 3 .   ? 4.643   8.316   5.567   1.00 14.33 ? 154 HEM A C4D 1 
HETATM 1237 C  CMD . HEM D 3 .   ? 6.078   10.948  3.104   1.00 11.18 ? 154 HEM A CMD 1 
HETATM 1238 C  CAD . HEM D 3 .   ? 6.546   10.091  6.292   1.00 13.30 ? 154 HEM A CAD 1 
HETATM 1239 C  CBD . HEM D 3 .   ? 7.767   9.181   6.210   1.00 20.06 ? 154 HEM A CBD 1 
HETATM 1240 C  CGD . HEM D 3 .   ? 8.849   9.609   7.190   1.00 24.84 ? 154 HEM A CGD 1 
HETATM 1241 O  O1D . HEM D 3 .   ? 9.021   8.988   8.266   1.00 27.84 ? 154 HEM A O1D 1 
HETATM 1242 O  O2D . HEM D 3 .   ? 9.568   10.593  6.884   1.00 27.52 ? 154 HEM A O2D 1 
HETATM 1243 N  NA  . HEM D 3 .   ? 2.934   5.902   5.962   1.00 12.39 ? 154 HEM A NA  1 
HETATM 1244 N  NB  . HEM D 3 .   ? 1.247   4.986   3.751   1.00 13.81 ? 154 HEM A NB  1 
HETATM 1245 N  NC  . HEM D 3 .   ? 2.330   7.076   2.058   1.00 12.48 ? 154 HEM A NC  1 
HETATM 1246 N  ND  . HEM D 3 .   ? 3.921   8.053   4.392   1.00 13.92 ? 154 HEM A ND  1 
HETATM 1247 FE FE  . HEM D 3 .   ? 2.640   6.489   3.967   1.00 16.45 ? 154 HEM A FE  1 
HETATM 1248 O  O1  . NSM E 4 .   ? 5.180   5.633   3.482   1.00 14.08 ? 155 NSM A O1  1 
HETATM 1249 N  N   . NSM E 4 .   ? 4.053   5.475   3.054   0.80 14.90 ? 155 NSM A N   1 
HETATM 1250 C  C1  . NSM E 4 .   ? 3.784   4.595   1.901   0.80 16.18 ? 155 NSM A C1  1 
HETATM 1251 O  O   . HOH F 5 .   ? 5.363   10.107  -12.902 0.80 17.19 ? 158 HOH A O   1 
HETATM 1252 O  O   . HOH F 5 .   ? 11.852  12.294  -7.731  1.00 19.27 ? 159 HOH A O   1 
HETATM 1253 O  O   . HOH F 5 .   ? -10.094 -3.562  6.097   1.00 18.63 ? 160 HOH A O   1 
HETATM 1254 O  O   . HOH F 5 .   ? -13.645 -10.275 -5.868  1.00 13.11 ? 161 HOH A O   1 
HETATM 1255 O  O   . HOH F 5 .   ? -3.120  11.132  12.327  1.00 17.63 ? 162 HOH A O   1 
HETATM 1256 O  O   . HOH F 5 .   ? -5.400  13.007  -6.475  1.00 24.95 ? 163 HOH A O   1 
HETATM 1257 O  O   . HOH F 5 .   ? 3.078   -0.107  11.020  1.00 13.66 ? 164 HOH A O   1 
HETATM 1258 O  O   . HOH F 5 .   ? -14.047 6.924   5.846   1.00 17.48 ? 165 HOH A O   1 
HETATM 1259 O  O   . HOH F 5 .   ? -6.386  14.246  -3.146  1.00 20.61 ? 166 HOH A O   1 
HETATM 1260 O  O   . HOH F 5 .   ? -9.355  -17.618 -10.230 1.00 20.90 ? 167 HOH A O   1 
HETATM 1261 O  O   . HOH F 5 .   ? -1.114  -2.947  12.014  1.00 19.26 ? 168 HOH A O   1 
HETATM 1262 O  O   . HOH F 5 .   ? -8.465  -0.064  -8.462  1.00 17.23 ? 169 HOH A O   1 
HETATM 1263 O  O   . HOH F 5 .   ? 2.734   9.707   -12.343 1.00 19.07 ? 170 HOH A O   1 
HETATM 1264 O  O   . HOH F 5 .   ? 8.175   -11.083 7.280   1.00 18.95 ? 171 HOH A O   1 
HETATM 1265 O  O   . HOH F 5 .   ? -16.529 -5.221  3.618   1.00 28.25 ? 172 HOH A O   1 
HETATM 1266 O  O   . HOH F 5 .   ? 5.633   -6.265  11.062  1.00 26.04 ? 173 HOH A O   1 
HETATM 1267 O  O   . HOH F 5 .   ? 19.011  6.433   3.884   1.00 23.52 ? 174 HOH A O   1 
HETATM 1268 O  O   . HOH F 5 .   ? -7.874  -16.325 4.593   1.00 15.74 ? 175 HOH A O   1 
HETATM 1269 O  O   . HOH F 5 .   ? -12.267 -6.447  -7.969  1.00 14.30 ? 176 HOH A O   1 
HETATM 1270 O  O   . HOH F 5 .   ? 17.262  2.517   8.989   1.00 18.97 ? 177 HOH A O   1 
HETATM 1271 O  O   . HOH F 5 .   ? -6.801  -5.203  -10.252 1.00 17.51 ? 178 HOH A O   1 
HETATM 1272 O  O   . HOH F 5 .   ? -18.895 -15.533 0.539   1.00 27.72 ? 179 HOH A O   1 
HETATM 1273 O  O   . HOH F 5 .   ? -8.406  6.229   15.671  1.00 16.70 ? 180 HOH A O   1 
HETATM 1274 O  O   . HOH F 5 .   ? -12.786 -12.624 -6.052  1.00 22.47 ? 181 HOH A O   1 
HETATM 1275 O  O   . HOH F 5 .   ? 19.543  1.937   7.872   1.00 19.57 ? 182 HOH A O   1 
HETATM 1276 O  O   . HOH F 5 .   ? 1.976   -0.266  -11.248 1.00 22.27 ? 183 HOH A O   1 
HETATM 1277 O  O   . HOH F 5 .   ? -6.072  -5.963  12.836  1.00 18.88 ? 184 HOH A O   1 
HETATM 1278 O  O   . HOH F 5 .   ? -13.245 -4.011  -8.249  1.00 19.54 ? 185 HOH A O   1 
HETATM 1279 O  O   . HOH F 5 .   ? 6.348   -14.834 0.450   1.00 17.18 ? 186 HOH A O   1 
HETATM 1280 O  O   . HOH F 5 .   ? 4.874   18.775  -0.366  1.00 27.64 ? 187 HOH A O   1 
HETATM 1281 O  O   . HOH F 5 .   ? -8.930  -11.016 -11.887 1.00 18.07 ? 188 HOH A O   1 
HETATM 1282 O  O   . HOH F 5 .   ? 6.161   14.532  6.159   1.00 23.67 ? 189 HOH A O   1 
HETATM 1283 O  O   . HOH F 5 .   ? -7.281  6.869   -12.587 1.00 20.80 ? 190 HOH A O   1 
HETATM 1284 O  O   . HOH F 5 .   ? -14.637 -1.956  -5.005  1.00 31.24 ? 191 HOH A O   1 
HETATM 1285 O  O   . HOH F 5 .   ? 17.099  11.975  1.597   1.00 27.01 ? 192 HOH A O   1 
HETATM 1286 O  O   . HOH F 5 .   ? -0.924  -3.168  -11.204 1.00 23.91 ? 193 HOH A O   1 
HETATM 1287 O  O   . HOH F 5 .   ? 5.821   15.072  2.399   1.00 19.81 ? 194 HOH A O   1 
HETATM 1288 O  O   . HOH F 5 .   ? -1.331  -17.817 2.674   1.00 19.78 ? 195 HOH A O   1 
HETATM 1289 O  O   . HOH F 5 .   ? -10.868 13.517  8.104   1.00 20.26 ? 196 HOH A O   1 
HETATM 1290 O  O   . HOH F 5 .   ? 0.730   -8.271  8.623   1.00 26.93 ? 197 HOH A O   1 
HETATM 1291 O  O   . HOH F 5 .   ? 0.013   -6.568  10.380  1.00 30.13 ? 198 HOH A O   1 
HETATM 1292 O  O   . HOH F 5 .   ? -6.389  -11.559 -12.880 1.00 20.10 ? 199 HOH A O   1 
HETATM 1293 O  O   . HOH F 5 .   ? -5.677  -19.595 -10.161 1.00 23.11 ? 200 HOH A O   1 
HETATM 1294 O  O   . HOH F 5 .   ? 8.740   -6.109  -11.592 1.00 27.89 ? 201 HOH A O   1 
HETATM 1295 O  O   . HOH F 5 .   ? -20.702 -12.438 2.789   1.00 26.73 ? 202 HOH A O   1 
HETATM 1296 O  O   . HOH F 5 .   ? 8.827   6.757   -14.766 1.00 24.41 ? 203 HOH A O   1 
HETATM 1297 O  O   . HOH F 5 .   ? -14.297 -2.314  -2.682  1.00 18.27 ? 204 HOH A O   1 
HETATM 1298 O  O   . HOH F 5 .   ? -3.374  -12.831 6.838   1.00 21.54 ? 205 HOH A O   1 
HETATM 1299 O  O   . HOH F 5 .   ? -16.379 -7.753  7.958   1.00 21.72 ? 206 HOH A O   1 
HETATM 1300 O  O   . HOH F 5 .   ? -16.123 5.998   4.283   1.00 25.96 ? 207 HOH A O   1 
HETATM 1301 O  O   . HOH F 5 .   ? -6.933  -0.948  -6.247  1.00 22.45 ? 208 HOH A O   1 
HETATM 1302 O  O   . HOH F 5 .   ? -13.040 -14.366 -3.435  1.00 34.12 ? 209 HOH A O   1 
HETATM 1303 O  O   . HOH F 5 .   ? 7.821   6.927   9.352   1.00 25.39 ? 210 HOH A O   1 
HETATM 1304 O  O   . HOH F 5 .   ? -15.050 2.758   7.276   1.00 28.06 ? 211 HOH A O   1 
HETATM 1305 O  O   . HOH F 5 .   ? -7.668  22.257  -0.749  1.00 28.52 ? 212 HOH A O   1 
HETATM 1306 O  O   . HOH F 5 .   ? -4.625  -13.075 -11.761 1.00 21.23 ? 213 HOH A O   1 
HETATM 1307 O  O   . HOH F 5 .   ? 20.268  5.133   1.354   1.00 28.85 ? 214 HOH A O   1 
HETATM 1308 O  O   . HOH F 5 .   ? 16.418  -2.955  6.487   1.00 28.75 ? 215 HOH A O   1 
HETATM 1309 O  O   . HOH F 5 .   ? -19.964 13.004  1.253   1.00 29.45 ? 216 HOH A O   1 
HETATM 1310 O  O   . HOH F 5 .   ? 10.213  -12.179 -0.493  1.00 30.91 ? 217 HOH A O   1 
HETATM 1311 O  O   . HOH F 5 .   ? -4.978  -1.706  -8.140  1.00 28.48 ? 218 HOH A O   1 
HETATM 1312 O  O   . HOH F 5 .   ? 12.732  -7.929  -2.478  1.00 29.55 ? 219 HOH A O   1 
HETATM 1313 O  O   . HOH F 5 .   ? -7.469  -3.801  15.011  1.00 47.19 ? 220 HOH A O   1 
HETATM 1314 O  O   . HOH F 5 .   ? 13.517  -9.149  3.369   1.00 28.67 ? 221 HOH A O   1 
HETATM 1315 O  O   . HOH F 5 .   ? -12.854 1.055   14.219  1.00 25.71 ? 222 HOH A O   1 
HETATM 1316 O  O   . HOH F 5 .   ? 2.688   2.433   -8.604  1.00 30.27 ? 223 HOH A O   1 
HETATM 1317 O  O   . HOH F 5 .   ? 18.210  -4.424  1.567   1.00 35.98 ? 224 HOH A O   1 
HETATM 1318 O  O   . HOH F 5 .   ? -15.436 -0.298  5.534   1.00 29.00 ? 225 HOH A O   1 
HETATM 1319 O  O   . HOH F 5 .   ? 10.636  10.919  4.534   1.00 28.08 ? 226 HOH A O   1 
HETATM 1320 O  O   . HOH F 5 .   ? 0.394   -14.426 -10.723 1.00 24.51 ? 227 HOH A O   1 
HETATM 1321 O  O   . HOH F 5 .   ? -5.331  20.923  -0.585  1.00 26.04 ? 228 HOH A O   1 
HETATM 1322 O  O   . HOH F 5 .   ? 3.873   -8.011  -12.129 1.00 27.14 ? 229 HOH A O   1 
HETATM 1323 O  O   . HOH F 5 .   ? 9.844   -3.196  -7.350  1.00 22.09 ? 230 HOH A O   1 
HETATM 1324 O  O   . HOH F 5 .   ? -16.894 -12.883 -5.259  1.00 25.01 ? 231 HOH A O   1 
HETATM 1325 O  O   . HOH F 5 .   ? 12.337  4.009   7.733   1.00 35.23 ? 232 HOH A O   1 
HETATM 1326 O  O   . HOH F 5 .   ? -11.554 12.844  -1.770  1.00 25.99 ? 233 HOH A O   1 
HETATM 1327 O  O   . HOH F 5 .   ? -6.827  -16.141 -2.490  1.00 36.11 ? 234 HOH A O   1 
HETATM 1328 O  O   . HOH F 5 .   ? 21.726  -2.156  -5.097  1.00 29.44 ? 235 HOH A O   1 
HETATM 1329 O  O   . HOH F 5 .   ? -1.049  20.732  8.875   1.00 32.38 ? 236 HOH A O   1 
HETATM 1330 O  O   . HOH F 5 .   ? -15.722 -13.241 6.698   1.00 29.17 ? 237 HOH A O   1 
HETATM 1331 O  O   . HOH F 5 .   ? 3.117   -15.848 6.210   1.00 20.53 ? 238 HOH A O   1 
HETATM 1332 O  O   . HOH F 5 .   ? 11.406  -10.301 6.002   1.00 26.02 ? 239 HOH A O   1 
HETATM 1333 O  O   . HOH F 5 .   ? -13.505 4.424   7.803   1.00 24.02 ? 240 HOH A O   1 
HETATM 1334 O  O   . HOH F 5 .   ? 23.090  0.068   5.830   1.00 27.98 ? 241 HOH A O   1 
HETATM 1335 O  O   . HOH F 5 .   ? 23.805  3.492   -8.539  1.00 25.94 ? 242 HOH A O   1 
HETATM 1336 O  O   . HOH F 5 .   ? 5.909   -9.481  -13.012 1.00 24.56 ? 243 HOH A O   1 
HETATM 1337 O  O   . HOH F 5 .   ? -16.382 -11.326 10.535  1.00 28.34 ? 244 HOH A O   1 
HETATM 1338 O  O   . HOH F 5 .   ? 5.118   14.985  -5.613  1.00 35.62 ? 245 HOH A O   1 
HETATM 1339 O  O   . HOH F 5 .   ? 9.096   13.702  3.998   1.00 26.40 ? 246 HOH A O   1 
HETATM 1340 O  O   . HOH F 5 .   ? -11.009 15.242  -1.537  1.00 37.36 ? 247 HOH A O   1 
HETATM 1341 O  O   . HOH F 5 .   ? -10.099 -2.293  3.188   1.00 23.50 ? 248 HOH A O   1 
HETATM 1342 O  O   . HOH F 5 .   ? -13.679 11.599  10.766  1.00 38.19 ? 249 HOH A O   1 
HETATM 1343 O  O   . HOH F 5 .   ? 13.973  1.990   -11.987 1.00 34.05 ? 250 HOH A O   1 
HETATM 1344 O  O   . HOH F 5 .   ? -2.140  13.806  12.051  1.00 39.95 ? 251 HOH A O   1 
HETATM 1345 O  O   . HOH F 5 .   ? 14.801  16.296  -4.476  1.00 25.09 ? 252 HOH A O   1 
HETATM 1346 O  O   . HOH F 5 .   ? -14.882 -14.627 -6.601  1.00 31.20 ? 253 HOH A O   1 
HETATM 1347 O  O   . HOH F 5 .   ? 7.965   -7.502  10.403  1.00 34.26 ? 254 HOH A O   1 
HETATM 1348 O  O   . HOH F 5 .   ? 16.210  7.124   4.838   1.00 23.61 ? 255 HOH A O   1 
HETATM 1349 O  O   . HOH F 5 .   ? 21.653  7.197   -2.916  1.00 44.66 ? 256 HOH A O   1 
HETATM 1350 O  O   . HOH F 5 .   ? -15.906 8.235   -3.131  1.00 26.91 ? 257 HOH A O   1 
HETATM 1351 O  O   . HOH F 5 .   ? -12.281 -17.746 -0.198  1.00 28.55 ? 258 HOH A O   1 
HETATM 1352 O  O   . HOH F 5 .   ? -18.819 -9.695  4.578   1.00 39.39 ? 259 HOH A O   1 
HETATM 1353 O  O   . HOH F 5 .   ? -4.912  -3.519  -10.585 1.00 28.53 ? 260 HOH A O   1 
HETATM 1354 O  O   . HOH F 5 .   ? -2.979  -19.802 -9.100  1.00 29.13 ? 261 HOH A O   1 
HETATM 1355 O  O   . HOH F 5 .   ? -15.354 -15.827 -2.963  1.00 30.85 ? 262 HOH A O   1 
HETATM 1356 O  O   . HOH F 5 .   ? -22.701 -13.207 4.975   1.00 35.47 ? 263 HOH A O   1 
HETATM 1357 O  O   . HOH F 5 .   ? -14.566 -14.959 5.512   1.00 28.96 ? 264 HOH A O   1 
HETATM 1358 O  O   . HOH F 5 .   ? 7.301   17.625  -5.235  1.00 39.64 ? 265 HOH A O   1 
HETATM 1359 O  O   . HOH F 5 .   ? -17.633 -14.294 -2.764  1.00 30.14 ? 266 HOH A O   1 
HETATM 1360 O  O   . HOH F 5 .   ? 21.219  3.115   -0.386  1.00 34.10 ? 267 HOH A O   1 
HETATM 1361 O  O   . HOH F 5 .   ? 5.511   9.387   10.873  1.00 38.54 ? 268 HOH A O   1 
HETATM 1362 O  O   . HOH F 5 .   ? -20.765 -12.382 7.280   1.00 34.86 ? 269 HOH A O   1 
HETATM 1363 O  O   . HOH F 5 .   ? -1.454  3.463   -10.881 1.00 34.48 ? 270 HOH A O   1 
HETATM 1364 O  O   . HOH F 5 .   ? 22.367  -2.442  1.860   1.00 38.47 ? 271 HOH A O   1 
HETATM 1365 O  O   . HOH F 5 .   ? 13.575  10.207  -8.692  1.00 27.68 ? 272 HOH A O   1 
HETATM 1366 O  O   . HOH F 5 .   ? 14.961  -7.538  4.935   1.00 29.96 ? 273 HOH A O   1 
HETATM 1367 O  O   . HOH F 5 .   ? -16.899 -4.280  6.977   1.00 30.27 ? 274 HOH A O   1 
HETATM 1368 O  O   . HOH F 5 .   ? 2.390   11.654  11.164  1.00 32.96 ? 275 HOH A O   1 
HETATM 1369 O  O   . HOH F 5 .   ? 10.181  -1.552  -9.568  1.00 35.81 ? 276 HOH A O   1 
HETATM 1370 O  O   . HOH F 5 .   ? -17.455 3.719   11.415  1.00 46.64 ? 277 HOH A O   1 
HETATM 1371 O  O   . HOH F 5 .   ? 24.275  4.066   4.484   1.00 50.57 ? 278 HOH A O   1 
HETATM 1372 O  O   . HOH F 5 .   ? 7.820   -6.675  -13.964 1.00 42.62 ? 279 HOH A O   1 
HETATM 1373 O  O   . HOH F 5 .   ? -14.816 10.803  13.494  1.00 38.97 ? 280 HOH A O   1 
HETATM 1374 O  O   . HOH F 5 .   ? 7.143   5.642   -16.817 1.00 37.08 ? 281 HOH A O   1 
HETATM 1375 O  O   . HOH F 5 .   ? -4.322  -17.287 -6.290  1.00 41.24 ? 282 HOH A O   1 
HETATM 1376 O  O   . HOH F 5 .   ? 15.555  -1.290  -0.028  1.00 22.01 ? 283 HOH A O   1 
HETATM 1377 O  O   . HOH F 5 .   ? -11.449 17.533  -0.619  1.00 35.05 ? 284 HOH A O   1 
HETATM 1378 O  O   . HOH F 5 .   ? 10.679  -12.329 -5.413  1.00 45.28 ? 285 HOH A O   1 
HETATM 1379 O  O   . HOH F 5 .   ? 12.468  7.467   -9.477  1.00 34.19 ? 286 HOH A O   1 
HETATM 1380 O  O   . HOH F 5 .   ? -18.663 2.173   9.675   1.00 43.48 ? 287 HOH A O   1 
HETATM 1381 O  O   . HOH F 5 .   ? 7.874   -5.347  -8.715  1.00 37.73 ? 288 HOH A O   1 
HETATM 1382 O  O   . HOH F 5 .   ? 20.046  10.161  -10.658 1.00 42.43 ? 289 HOH A O   1 
HETATM 1383 O  O   . HOH F 5 .   ? 9.505   -9.398  -7.724  1.00 30.81 ? 290 HOH A O   1 
HETATM 1384 O  O   . HOH F 5 .   ? -1.445  -8.155  11.631  1.00 35.89 ? 291 HOH A O   1 
# 
loop_
_pdbx_poly_seq_scheme.asym_id 
_pdbx_poly_seq_scheme.entity_id 
_pdbx_poly_seq_scheme.seq_id 
_pdbx_poly_seq_scheme.mon_id 
_pdbx_poly_seq_scheme.ndb_seq_num 
_pdbx_poly_seq_scheme.pdb_seq_num 
_pdbx_poly_seq_scheme.auth_seq_num 
_pdbx_poly_seq_scheme.pdb_mon_id 
_pdbx_poly_seq_scheme.auth_mon_id 
_pdbx_poly_seq_scheme.pdb_strand_id 
_pdbx_poly_seq_scheme.pdb_ins_code 
_pdbx_poly_seq_scheme.hetero 
A 1 1   GLY 1   1   1   GLY GLY A . n 
A 1 2   LEU 2   2   2   LEU LEU A . n 
A 1 3   SER 3   3   3   SER SER A . n 
A 1 4   ASP 4   4   4   ASP ASP A . n 
A 1 5   GLY 5   5   5   GLY GLY A . n 
A 1 6   GLU 6   6   6   GLU GLU A . n 
A 1 7   TRP 7   7   7   TRP TRP A . n 
A 1 8   GLN 8   8   8   GLN GLN A . n 
A 1 9   GLN 9   9   9   GLN GLN A . n 
A 1 10  VAL 10  10  10  VAL VAL A . n 
A 1 11  LEU 11  11  11  LEU LEU A . n 
A 1 12  ASN 12  12  12  ASN ASN A . n 
A 1 13  VAL 13  13  13  VAL VAL A . n 
A 1 14  TRP 14  14  14  TRP TRP A . n 
A 1 15  GLY 15  15  15  GLY GLY A . n 
A 1 16  LYS 16  16  16  LYS LYS A . n 
A 1 17  VAL 17  17  17  VAL VAL A . n 
A 1 18  GLU 18  18  18  GLU GLU A . n 
A 1 19  ALA 19  19  19  ALA ALA A . n 
A 1 20  ASP 20  20  20  ASP ASP A . n 
A 1 21  ILE 21  21  21  ILE ILE A . n 
A 1 22  ALA 22  22  22  ALA ALA A . n 
A 1 23  GLY 23  23  23  GLY GLY A . n 
A 1 24  HIS 24  24  24  HIS HIS A . n 
A 1 25  GLY 25  25  25  GLY GLY A . n 
A 1 26  GLN 26  26  26  GLN GLN A . n 
A 1 27  GLU 27  27  27  GLU GLU A . n 
A 1 28  VAL 28  28  28  VAL VAL A . n 
A 1 29  LEU 29  29  29  LEU LEU A . n 
A 1 30  ILE 30  30  30  ILE ILE A . n 
A 1 31  ARG 31  31  31  ARG ARG A . n 
A 1 32  LEU 32  32  32  LEU LEU A . n 
A 1 33  PHE 33  33  33  PHE PHE A . n 
A 1 34  THR 34  34  34  THR THR A . n 
A 1 35  GLY 35  35  35  GLY GLY A . n 
A 1 36  HIS 36  36  36  HIS HIS A . n 
A 1 37  PRO 37  37  37  PRO PRO A . n 
A 1 38  GLU 38  38  38  GLU GLU A . n 
A 1 39  THR 39  39  39  THR THR A . n 
A 1 40  LEU 40  40  40  LEU LEU A . n 
A 1 41  GLU 41  41  41  GLU GLU A . n 
A 1 42  LYS 42  42  42  LYS LYS A . n 
A 1 43  PHE 43  43  43  PHE PHE A . n 
A 1 44  ASP 44  44  44  ASP ASP A . n 
A 1 45  LYS 45  45  45  LYS LYS A . n 
A 1 46  PHE 46  46  46  PHE PHE A . n 
A 1 47  LYS 47  47  47  LYS LYS A . n 
A 1 48  HIS 48  48  48  HIS HIS A . n 
A 1 49  LEU 49  49  49  LEU LEU A . n 
A 1 50  LYS 50  50  50  LYS LYS A . n 
A 1 51  THR 51  51  51  THR THR A . n 
A 1 52  GLU 52  52  52  GLU GLU A . n 
A 1 53  ALA 53  53  53  ALA ALA A . n 
A 1 54  GLU 54  54  54  GLU GLU A . n 
A 1 55  MET 55  55  55  MET MET A . n 
A 1 56  LYS 56  56  56  LYS LYS A . n 
A 1 57  ALA 57  57  57  ALA ALA A . n 
A 1 58  SER 58  58  58  SER SER A . n 
A 1 59  GLU 59  59  59  GLU GLU A . n 
A 1 60  ASP 60  60  60  ASP ASP A . n 
A 1 61  LEU 61  61  61  LEU LEU A . n 
A 1 62  LYS 62  62  62  LYS LYS A . n 
A 1 63  LYS 63  63  63  LYS LYS A . n 
A 1 64  HIS 64  64  64  HIS HIS A . n 
A 1 65  GLY 65  65  65  GLY GLY A . n 
A 1 66  THR 66  66  66  THR THR A . n 
A 1 67  VAL 67  67  67  VAL VAL A . n 
A 1 68  VAL 68  68  68  VAL VAL A . n 
A 1 69  LEU 69  69  69  LEU LEU A . n 
A 1 70  THR 70  70  70  THR THR A . n 
A 1 71  ALA 71  71  71  ALA ALA A . n 
A 1 72  LEU 72  72  72  LEU LEU A . n 
A 1 73  GLY 73  73  73  GLY GLY A . n 
A 1 74  GLY 74  74  74  GLY GLY A . n 
A 1 75  ILE 75  75  75  ILE ILE A . n 
A 1 76  LEU 76  76  76  LEU LEU A . n 
A 1 77  LYS 77  77  77  LYS LYS A . n 
A 1 78  LYS 78  78  78  LYS LYS A . n 
A 1 79  LYS 79  79  79  LYS LYS A . n 
A 1 80  GLY 80  80  80  GLY GLY A . n 
A 1 81  HIS 81  81  81  HIS HIS A . n 
A 1 82  HIS 82  82  82  HIS HIS A . n 
A 1 83  GLU 83  83  83  GLU GLU A . n 
A 1 84  ALA 84  84  84  ALA ALA A . n 
A 1 85  GLU 85  85  85  GLU GLU A . n 
A 1 86  LEU 86  86  86  LEU LEU A . n 
A 1 87  LYS 87  87  87  LYS LYS A . n 
A 1 88  PRO 88  88  88  PRO PRO A . n 
A 1 89  LEU 89  89  89  LEU LEU A . n 
A 1 90  ALA 90  90  90  ALA ALA A . n 
A 1 91  GLN 91  91  91  GLN GLN A . n 
A 1 92  SER 92  92  92  SER SER A . n 
A 1 93  HIS 93  93  93  HIS HIS A . n 
A 1 94  ALA 94  94  94  ALA ALA A . n 
A 1 95  THR 95  95  95  THR THR A . n 
A 1 96  LYS 96  96  96  LYS LYS A . n 
A 1 97  HIS 97  97  97  HIS HIS A . n 
A 1 98  LYS 98  98  98  LYS LYS A . n 
A 1 99  ILE 99  99  99  ILE ILE A . n 
A 1 100 PRO 100 100 100 PRO PRO A . n 
A 1 101 ILE 101 101 101 ILE ILE A . n 
A 1 102 LYS 102 102 102 LYS LYS A . n 
A 1 103 TYR 103 103 103 TYR TYR A . n 
A 1 104 LEU 104 104 104 LEU LEU A . n 
A 1 105 GLU 105 105 105 GLU GLU A . n 
A 1 106 PHE 106 106 106 PHE PHE A . n 
A 1 107 ILE 107 107 107 ILE ILE A . n 
A 1 108 SER 108 108 108 SER SER A . n 
A 1 109 ASP 109 109 109 ASP ASP A . n 
A 1 110 ALA 110 110 110 ALA ALA A . n 
A 1 111 ILE 111 111 111 ILE ILE A . n 
A 1 112 ILE 112 112 112 ILE ILE A . n 
A 1 113 HIS 113 113 113 HIS HIS A . n 
A 1 114 VAL 114 114 114 VAL VAL A . n 
A 1 115 LEU 115 115 115 LEU LEU A . n 
A 1 116 HIS 116 116 116 HIS HIS A . n 
A 1 117 SER 117 117 117 SER SER A . n 
A 1 118 LYS 118 118 118 LYS LYS A . n 
A 1 119 HIS 119 119 119 HIS HIS A . n 
A 1 120 PRO 120 120 120 PRO PRO A . n 
A 1 121 GLY 121 121 121 GLY GLY A . n 
A 1 122 ASP 122 122 122 ASP ASP A . n 
A 1 123 PHE 123 123 123 PHE PHE A . n 
A 1 124 GLY 124 124 124 GLY GLY A . n 
A 1 125 ALA 125 125 125 ALA ALA A . n 
A 1 126 ASP 126 126 126 ASP ASP A . n 
A 1 127 ALA 127 127 127 ALA ALA A . n 
A 1 128 GLN 128 128 128 GLN GLN A . n 
A 1 129 GLY 129 129 129 GLY GLY A . n 
A 1 130 ALA 130 130 130 ALA ALA A . n 
A 1 131 MET 131 131 131 MET MET A . n 
A 1 132 THR 132 132 132 THR THR A . n 
A 1 133 LYS 133 133 133 LYS LYS A . n 
A 1 134 ALA 134 134 134 ALA ALA A . n 
A 1 135 LEU 135 135 135 LEU LEU A . n 
A 1 136 GLU 136 136 136 GLU GLU A . n 
A 1 137 LEU 137 137 137 LEU LEU A . n 
A 1 138 PHE 138 138 138 PHE PHE A . n 
A 1 139 ARG 139 139 139 ARG ARG A . n 
A 1 140 ASN 140 140 140 ASN ASN A . n 
A 1 141 ASP 141 141 141 ASP ASP A . n 
A 1 142 ILE 142 142 142 ILE ILE A . n 
A 1 143 ALA 143 143 143 ALA ALA A . n 
A 1 144 ALA 144 144 144 ALA ALA A . n 
A 1 145 LYS 145 145 145 LYS LYS A . n 
A 1 146 TYR 146 146 146 TYR TYR A . n 
A 1 147 LYS 147 147 147 LYS LYS A . n 
A 1 148 GLU 148 148 148 GLU GLU A . n 
A 1 149 LEU 149 149 149 LEU LEU A . n 
A 1 150 GLY 150 150 150 GLY GLY A . n 
A 1 151 PHE 151 151 151 PHE PHE A . n 
A 1 152 GLN 152 152 152 GLN GLN A . n 
A 1 153 GLY 153 153 ?   ?   ?   A . n 
# 
loop_
_pdbx_nonpoly_scheme.asym_id 
_pdbx_nonpoly_scheme.entity_id 
_pdbx_nonpoly_scheme.mon_id 
_pdbx_nonpoly_scheme.ndb_seq_num 
_pdbx_nonpoly_scheme.pdb_seq_num 
_pdbx_nonpoly_scheme.auth_seq_num 
_pdbx_nonpoly_scheme.pdb_mon_id 
_pdbx_nonpoly_scheme.auth_mon_id 
_pdbx_nonpoly_scheme.pdb_strand_id 
_pdbx_nonpoly_scheme.pdb_ins_code 
B 2 SO4 1   156 156 SO4 SO4 A . 
C 2 SO4 1   157 157 SO4 SO4 A . 
D 3 HEM 1   154 154 HEM HEM A . 
E 4 NSM 1   155 155 NSM NOM A . 
F 5 HOH 1   158 2   HOH HOH A . 
F 5 HOH 2   159 3   HOH HOH A . 
F 5 HOH 3   160 4   HOH HOH A . 
F 5 HOH 4   161 5   HOH HOH A . 
F 5 HOH 5   162 6   HOH HOH A . 
F 5 HOH 6   163 7   HOH HOH A . 
F 5 HOH 7   164 8   HOH HOH A . 
F 5 HOH 8   165 9   HOH HOH A . 
F 5 HOH 9   166 10  HOH HOH A . 
F 5 HOH 10  167 11  HOH HOH A . 
F 5 HOH 11  168 12  HOH HOH A . 
F 5 HOH 12  169 13  HOH HOH A . 
F 5 HOH 13  170 14  HOH HOH A . 
F 5 HOH 14  171 15  HOH HOH A . 
F 5 HOH 15  172 16  HOH HOH A . 
F 5 HOH 16  173 17  HOH HOH A . 
F 5 HOH 17  174 18  HOH HOH A . 
F 5 HOH 18  175 19  HOH HOH A . 
F 5 HOH 19  176 20  HOH HOH A . 
F 5 HOH 20  177 21  HOH HOH A . 
F 5 HOH 21  178 22  HOH HOH A . 
F 5 HOH 22  179 23  HOH HOH A . 
F 5 HOH 23  180 24  HOH HOH A . 
F 5 HOH 24  181 25  HOH HOH A . 
F 5 HOH 25  182 26  HOH HOH A . 
F 5 HOH 26  183 27  HOH HOH A . 
F 5 HOH 27  184 28  HOH HOH A . 
F 5 HOH 28  185 29  HOH HOH A . 
F 5 HOH 29  186 30  HOH HOH A . 
F 5 HOH 30  187 31  HOH HOH A . 
F 5 HOH 31  188 32  HOH HOH A . 
F 5 HOH 32  189 33  HOH HOH A . 
F 5 HOH 33  190 34  HOH HOH A . 
F 5 HOH 34  191 35  HOH HOH A . 
F 5 HOH 35  192 36  HOH HOH A . 
F 5 HOH 36  193 37  HOH HOH A . 
F 5 HOH 37  194 38  HOH HOH A . 
F 5 HOH 38  195 39  HOH HOH A . 
F 5 HOH 39  196 40  HOH HOH A . 
F 5 HOH 40  197 41  HOH HOH A . 
F 5 HOH 41  198 42  HOH HOH A . 
F 5 HOH 42  199 43  HOH HOH A . 
F 5 HOH 43  200 44  HOH HOH A . 
F 5 HOH 44  201 45  HOH HOH A . 
F 5 HOH 45  202 46  HOH HOH A . 
F 5 HOH 46  203 47  HOH HOH A . 
F 5 HOH 47  204 48  HOH HOH A . 
F 5 HOH 48  205 49  HOH HOH A . 
F 5 HOH 49  206 50  HOH HOH A . 
F 5 HOH 50  207 51  HOH HOH A . 
F 5 HOH 51  208 52  HOH HOH A . 
F 5 HOH 52  209 53  HOH HOH A . 
F 5 HOH 53  210 54  HOH HOH A . 
F 5 HOH 54  211 55  HOH HOH A . 
F 5 HOH 55  212 56  HOH HOH A . 
F 5 HOH 56  213 57  HOH HOH A . 
F 5 HOH 57  214 58  HOH HOH A . 
F 5 HOH 58  215 59  HOH HOH A . 
F 5 HOH 59  216 60  HOH HOH A . 
F 5 HOH 60  217 61  HOH HOH A . 
F 5 HOH 61  218 62  HOH HOH A . 
F 5 HOH 62  219 63  HOH HOH A . 
F 5 HOH 63  220 64  HOH HOH A . 
F 5 HOH 64  221 65  HOH HOH A . 
F 5 HOH 65  222 66  HOH HOH A . 
F 5 HOH 66  223 67  HOH HOH A . 
F 5 HOH 67  224 68  HOH HOH A . 
F 5 HOH 68  225 69  HOH HOH A . 
F 5 HOH 69  226 70  HOH HOH A . 
F 5 HOH 70  227 71  HOH HOH A . 
F 5 HOH 71  228 72  HOH HOH A . 
F 5 HOH 72  229 73  HOH HOH A . 
F 5 HOH 73  230 74  HOH HOH A . 
F 5 HOH 74  231 75  HOH HOH A . 
F 5 HOH 75  232 76  HOH HOH A . 
F 5 HOH 76  233 77  HOH HOH A . 
F 5 HOH 77  234 78  HOH HOH A . 
F 5 HOH 78  235 79  HOH HOH A . 
F 5 HOH 79  236 80  HOH HOH A . 
F 5 HOH 80  237 81  HOH HOH A . 
F 5 HOH 81  238 82  HOH HOH A . 
F 5 HOH 82  239 83  HOH HOH A . 
F 5 HOH 83  240 84  HOH HOH A . 
F 5 HOH 84  241 85  HOH HOH A . 
F 5 HOH 85  242 86  HOH HOH A . 
F 5 HOH 86  243 87  HOH HOH A . 
F 5 HOH 87  244 88  HOH HOH A . 
F 5 HOH 88  245 89  HOH HOH A . 
F 5 HOH 89  246 90  HOH HOH A . 
F 5 HOH 90  247 91  HOH HOH A . 
F 5 HOH 91  248 92  HOH HOH A . 
F 5 HOH 92  249 93  HOH HOH A . 
F 5 HOH 93  250 94  HOH HOH A . 
F 5 HOH 94  251 95  HOH HOH A . 
F 5 HOH 95  252 96  HOH HOH A . 
F 5 HOH 96  253 97  HOH HOH A . 
F 5 HOH 97  254 98  HOH HOH A . 
F 5 HOH 98  255 99  HOH HOH A . 
F 5 HOH 99  256 100 HOH HOH A . 
F 5 HOH 100 257 101 HOH HOH A . 
F 5 HOH 101 258 102 HOH HOH A . 
F 5 HOH 102 259 103 HOH HOH A . 
F 5 HOH 103 260 104 HOH HOH A . 
F 5 HOH 104 261 105 HOH HOH A . 
F 5 HOH 105 262 106 HOH HOH A . 
F 5 HOH 106 263 107 HOH HOH A . 
F 5 HOH 107 264 108 HOH HOH A . 
F 5 HOH 108 265 109 HOH HOH A . 
F 5 HOH 109 266 110 HOH HOH A . 
F 5 HOH 110 267 111 HOH HOH A . 
F 5 HOH 111 268 112 HOH HOH A . 
F 5 HOH 112 269 113 HOH HOH A . 
F 5 HOH 113 270 114 HOH HOH A . 
F 5 HOH 114 271 115 HOH HOH A . 
F 5 HOH 115 272 116 HOH HOH A . 
F 5 HOH 116 273 117 HOH HOH A . 
F 5 HOH 117 274 118 HOH HOH A . 
F 5 HOH 118 275 119 HOH HOH A . 
F 5 HOH 119 276 120 HOH HOH A . 
F 5 HOH 120 277 122 HOH HOH A . 
F 5 HOH 121 278 123 HOH HOH A . 
F 5 HOH 122 279 124 HOH HOH A . 
F 5 HOH 123 280 125 HOH HOH A . 
F 5 HOH 124 281 126 HOH HOH A . 
F 5 HOH 125 282 127 HOH HOH A . 
F 5 HOH 126 283 128 HOH HOH A . 
F 5 HOH 127 284 129 HOH HOH A . 
F 5 HOH 128 285 130 HOH HOH A . 
F 5 HOH 129 286 131 HOH HOH A . 
F 5 HOH 130 287 132 HOH HOH A . 
F 5 HOH 131 288 133 HOH HOH A . 
F 5 HOH 132 289 134 HOH HOH A . 
F 5 HOH 133 290 135 HOH HOH A . 
F 5 HOH 134 291 136 HOH HOH A . 
# 
_pdbx_struct_assembly.id                   1 
_pdbx_struct_assembly.details              author_defined_assembly 
_pdbx_struct_assembly.method_details       ? 
_pdbx_struct_assembly.oligomeric_details   monomeric 
_pdbx_struct_assembly.oligomeric_count     1 
# 
_pdbx_struct_assembly_gen.assembly_id       1 
_pdbx_struct_assembly_gen.oper_expression   1 
_pdbx_struct_assembly_gen.asym_id_list      A,B,C,D,E,F 
# 
_pdbx_struct_oper_list.id                   1 
_pdbx_struct_oper_list.type                 'identity operation' 
_pdbx_struct_oper_list.name                 1_555 
_pdbx_struct_oper_list.symmetry_operation   x,y,z 
_pdbx_struct_oper_list.matrix[1][1]         1.0000000000 
_pdbx_struct_oper_list.matrix[1][2]         0.0000000000 
_pdbx_struct_oper_list.matrix[1][3]         0.0000000000 
_pdbx_struct_oper_list.vector[1]            0.0000000000 
_pdbx_struct_oper_list.matrix[2][1]         0.0000000000 
_pdbx_struct_oper_list.matrix[2][2]         1.0000000000 
_pdbx_struct_oper_list.matrix[2][3]         0.0000000000 
_pdbx_struct_oper_list.vector[2]            0.0000000000 
_pdbx_struct_oper_list.matrix[3][1]         0.0000000000 
_pdbx_struct_oper_list.matrix[3][2]         0.0000000000 
_pdbx_struct_oper_list.matrix[3][3]         1.0000000000 
_pdbx_struct_oper_list.vector[3]            0.0000000000 
# 
loop_
_pdbx_struct_conn_angle.id 
_pdbx_struct_conn_angle.ptnr1_label_atom_id 
_pdbx_struct_conn_angle.ptnr1_label_alt_id 
_pdbx_struct_conn_angle.ptnr1_label_asym_id 
_pdbx_struct_conn_angle.ptnr1_label_comp_id 
_pdbx_struct_conn_angle.ptnr1_label_seq_id 
_pdbx_struct_conn_angle.ptnr1_auth_atom_id 
_pdbx_struct_conn_angle.ptnr1_auth_asym_id 
_pdbx_struct_conn_angle.ptnr1_auth_comp_id 
_pdbx_struct_conn_angle.ptnr1_auth_seq_id 
_pdbx_struct_conn_angle.ptnr1_PDB_ins_code 
_pdbx_struct_conn_angle.ptnr1_symmetry 
_pdbx_struct_conn_angle.ptnr2_label_atom_id 
_pdbx_struct_conn_angle.ptnr2_label_alt_id 
_pdbx_struct_conn_angle.ptnr2_label_asym_id 
_pdbx_struct_conn_angle.ptnr2_label_comp_id 
_pdbx_struct_conn_angle.ptnr2_label_seq_id 
_pdbx_struct_conn_angle.ptnr2_auth_atom_id 
_pdbx_struct_conn_angle.ptnr2_auth_asym_id 
_pdbx_struct_conn_angle.ptnr2_auth_comp_id 
_pdbx_struct_conn_angle.ptnr2_auth_seq_id 
_pdbx_struct_conn_angle.ptnr2_PDB_ins_code 
_pdbx_struct_conn_angle.ptnr2_symmetry 
_pdbx_struct_conn_angle.ptnr3_label_atom_id 
_pdbx_struct_conn_angle.ptnr3_label_alt_id 
_pdbx_struct_conn_angle.ptnr3_label_asym_id 
_pdbx_struct_conn_angle.ptnr3_label_comp_id 
_pdbx_struct_conn_angle.ptnr3_label_seq_id 
_pdbx_struct_conn_angle.ptnr3_auth_atom_id 
_pdbx_struct_conn_angle.ptnr3_auth_asym_id 
_pdbx_struct_conn_angle.ptnr3_auth_comp_id 
_pdbx_struct_conn_angle.ptnr3_auth_seq_id 
_pdbx_struct_conn_angle.ptnr3_PDB_ins_code 
_pdbx_struct_conn_angle.ptnr3_symmetry 
_pdbx_struct_conn_angle.value 
_pdbx_struct_conn_angle.value_esd 
1  NE2 ? A HIS 93 ? A HIS 93  ? 1_555 FE ? D HEM . ? A HEM 154 ? 1_555 NA ? D HEM . ? A HEM 154 ? 1_555 88.3  ? 
2  NE2 ? A HIS 93 ? A HIS 93  ? 1_555 FE ? D HEM . ? A HEM 154 ? 1_555 NB ? D HEM . ? A HEM 154 ? 1_555 84.0  ? 
3  NA  ? D HEM .  ? A HEM 154 ? 1_555 FE ? D HEM . ? A HEM 154 ? 1_555 NB ? D HEM . ? A HEM 154 ? 1_555 89.4  ? 
4  NE2 ? A HIS 93 ? A HIS 93  ? 1_555 FE ? D HEM . ? A HEM 154 ? 1_555 NC ? D HEM . ? A HEM 154 ? 1_555 90.7  ? 
5  NA  ? D HEM .  ? A HEM 154 ? 1_555 FE ? D HEM . ? A HEM 154 ? 1_555 NC ? D HEM . ? A HEM 154 ? 1_555 179.0 ? 
6  NB  ? D HEM .  ? A HEM 154 ? 1_555 FE ? D HEM . ? A HEM 154 ? 1_555 NC ? D HEM . ? A HEM 154 ? 1_555 90.5  ? 
7  NE2 ? A HIS 93 ? A HIS 93  ? 1_555 FE ? D HEM . ? A HEM 154 ? 1_555 ND ? D HEM . ? A HEM 154 ? 1_555 90.8  ? 
8  NA  ? D HEM .  ? A HEM 154 ? 1_555 FE ? D HEM . ? A HEM 154 ? 1_555 ND ? D HEM . ? A HEM 154 ? 1_555 85.9  ? 
9  NB  ? D HEM .  ? A HEM 154 ? 1_555 FE ? D HEM . ? A HEM 154 ? 1_555 ND ? D HEM . ? A HEM 154 ? 1_555 173.2 ? 
10 NC  ? D HEM .  ? A HEM 154 ? 1_555 FE ? D HEM . ? A HEM 154 ? 1_555 ND ? D HEM . ? A HEM 154 ? 1_555 94.0  ? 
11 NE2 ? A HIS 93 ? A HIS 93  ? 1_555 FE ? D HEM . ? A HEM 154 ? 1_555 N  ? E NSM . ? A NSM 155 ? 1_555 170.1 ? 
12 NA  ? D HEM .  ? A HEM 154 ? 1_555 FE ? D HEM . ? A HEM 154 ? 1_555 N  ? E NSM . ? A NSM 155 ? 1_555 101.3 ? 
13 NB  ? D HEM .  ? A HEM 154 ? 1_555 FE ? D HEM . ? A HEM 154 ? 1_555 N  ? E NSM . ? A NSM 155 ? 1_555 93.5  ? 
14 NC  ? D HEM .  ? A HEM 154 ? 1_555 FE ? D HEM . ? A HEM 154 ? 1_555 N  ? E NSM . ? A NSM 155 ? 1_555 79.7  ? 
15 ND  ? D HEM .  ? A HEM 154 ? 1_555 FE ? D HEM . ? A HEM 154 ? 1_555 N  ? E NSM . ? A NSM 155 ? 1_555 92.3  ? 
# 
loop_
_pdbx_audit_revision_history.ordinal 
_pdbx_audit_revision_history.data_content_type 
_pdbx_audit_revision_history.major_revision 
_pdbx_audit_revision_history.minor_revision 
_pdbx_audit_revision_history.revision_date 
1 'Structure model' 1 0 2007-11-06 
2 'Structure model' 1 1 2011-07-13 
3 'Structure model' 1 2 2023-08-30 
# 
_pdbx_audit_revision_details.ordinal             1 
_pdbx_audit_revision_details.revision_ordinal    1 
_pdbx_audit_revision_details.data_content_type   'Structure model' 
_pdbx_audit_revision_details.provider            repository 
_pdbx_audit_revision_details.type                'Initial release' 
_pdbx_audit_revision_details.description         ? 
_pdbx_audit_revision_details.details             ? 
# 
loop_
_pdbx_audit_revision_group.ordinal 
_pdbx_audit_revision_group.revision_ordinal 
_pdbx_audit_revision_group.data_content_type 
_pdbx_audit_revision_group.group 
1 2 'Structure model' 'Version format compliance' 
2 3 'Structure model' 'Data collection'           
3 3 'Structure model' 'Database references'       
4 3 'Structure model' 'Derived calculations'      
5 3 'Structure model' 'Refinement description'    
# 
loop_
_pdbx_audit_revision_category.ordinal 
_pdbx_audit_revision_category.revision_ordinal 
_pdbx_audit_revision_category.data_content_type 
_pdbx_audit_revision_category.category 
1 3 'Structure model' chem_comp_atom                
2 3 'Structure model' chem_comp_bond                
3 3 'Structure model' database_2                    
4 3 'Structure model' pdbx_initial_refinement_model 
5 3 'Structure model' pdbx_struct_conn_angle        
6 3 'Structure model' struct_conn                   
7 3 'Structure model' struct_site                   
# 
loop_
_pdbx_audit_revision_item.ordinal 
_pdbx_audit_revision_item.revision_ordinal 
_pdbx_audit_revision_item.data_content_type 
_pdbx_audit_revision_item.item 
1  3 'Structure model' '_database_2.pdbx_DOI'                        
2  3 'Structure model' '_database_2.pdbx_database_accession'         
3  3 'Structure model' '_pdbx_struct_conn_angle.ptnr1_auth_comp_id'  
4  3 'Structure model' '_pdbx_struct_conn_angle.ptnr1_auth_seq_id'   
5  3 'Structure model' '_pdbx_struct_conn_angle.ptnr1_label_asym_id' 
6  3 'Structure model' '_pdbx_struct_conn_angle.ptnr1_label_atom_id' 
7  3 'Structure model' '_pdbx_struct_conn_angle.ptnr1_label_comp_id' 
8  3 'Structure model' '_pdbx_struct_conn_angle.ptnr1_label_seq_id'  
9  3 'Structure model' '_pdbx_struct_conn_angle.ptnr3_auth_comp_id'  
10 3 'Structure model' '_pdbx_struct_conn_angle.ptnr3_auth_seq_id'   
11 3 'Structure model' '_pdbx_struct_conn_angle.ptnr3_label_asym_id' 
12 3 'Structure model' '_pdbx_struct_conn_angle.ptnr3_label_atom_id' 
13 3 'Structure model' '_pdbx_struct_conn_angle.ptnr3_label_comp_id' 
14 3 'Structure model' '_pdbx_struct_conn_angle.ptnr3_label_seq_id'  
15 3 'Structure model' '_pdbx_struct_conn_angle.value'               
16 3 'Structure model' '_struct_conn.pdbx_dist_value'                
17 3 'Structure model' '_struct_conn.ptnr1_auth_comp_id'             
18 3 'Structure model' '_struct_conn.ptnr1_auth_seq_id'              
19 3 'Structure model' '_struct_conn.ptnr1_label_asym_id'            
20 3 'Structure model' '_struct_conn.ptnr1_label_atom_id'            
21 3 'Structure model' '_struct_conn.ptnr1_label_comp_id'            
22 3 'Structure model' '_struct_conn.ptnr1_label_seq_id'             
23 3 'Structure model' '_struct_conn.ptnr2_auth_comp_id'             
24 3 'Structure model' '_struct_conn.ptnr2_auth_seq_id'              
25 3 'Structure model' '_struct_conn.ptnr2_label_asym_id'            
26 3 'Structure model' '_struct_conn.ptnr2_label_atom_id'            
27 3 'Structure model' '_struct_conn.ptnr2_label_comp_id'            
28 3 'Structure model' '_struct_conn.ptnr2_label_seq_id'             
29 3 'Structure model' '_struct_site.pdbx_auth_asym_id'              
30 3 'Structure model' '_struct_site.pdbx_auth_comp_id'              
31 3 'Structure model' '_struct_site.pdbx_auth_seq_id'               
# 
loop_
_software.name 
_software.classification 
_software.version 
_software.citation_id 
_software.pdbx_ordinal 
REFMAC       refinement        5.2.0005 ? 1 
CrystalClear 'data collection' .        ? 2 
d*TREK       'data reduction'  .        ? 3 
d*TREK       'data scaling'    .        ? 4 
MOLREP       phasing           .        ? 5 
# 
_pdbx_validate_torsion.id              1 
_pdbx_validate_torsion.PDB_model_num   1 
_pdbx_validate_torsion.auth_comp_id    ASP 
_pdbx_validate_torsion.auth_asym_id    A 
_pdbx_validate_torsion.auth_seq_id     20 
_pdbx_validate_torsion.PDB_ins_code    ? 
_pdbx_validate_torsion.label_alt_id    ? 
_pdbx_validate_torsion.phi             -151.88 
_pdbx_validate_torsion.psi             76.09 
# 
_pdbx_unobs_or_zero_occ_residues.id               1 
_pdbx_unobs_or_zero_occ_residues.PDB_model_num    1 
_pdbx_unobs_or_zero_occ_residues.polymer_flag     Y 
_pdbx_unobs_or_zero_occ_residues.occupancy_flag   1 
_pdbx_unobs_or_zero_occ_residues.auth_asym_id     A 
_pdbx_unobs_or_zero_occ_residues.auth_comp_id     GLY 
_pdbx_unobs_or_zero_occ_residues.auth_seq_id      153 
_pdbx_unobs_or_zero_occ_residues.PDB_ins_code     ? 
_pdbx_unobs_or_zero_occ_residues.label_asym_id    A 
_pdbx_unobs_or_zero_occ_residues.label_comp_id    GLY 
_pdbx_unobs_or_zero_occ_residues.label_seq_id     153 
# 
loop_
_chem_comp_atom.comp_id 
_chem_comp_atom.atom_id 
_chem_comp_atom.type_symbol 
_chem_comp_atom.pdbx_aromatic_flag 
_chem_comp_atom.pdbx_stereo_config 
_chem_comp_atom.pdbx_ordinal 
ALA N    N  N N 1   
ALA CA   C  N S 2   
ALA C    C  N N 3   
ALA O    O  N N 4   
ALA CB   C  N N 5   
ALA OXT  O  N N 6   
ALA H    H  N N 7   
ALA H2   H  N N 8   
ALA HA   H  N N 9   
ALA HB1  H  N N 10  
ALA HB2  H  N N 11  
ALA HB3  H  N N 12  
ALA HXT  H  N N 13  
ARG N    N  N N 14  
ARG CA   C  N S 15  
ARG C    C  N N 16  
ARG O    O  N N 17  
ARG CB   C  N N 18  
ARG CG   C  N N 19  
ARG CD   C  N N 20  
ARG NE   N  N N 21  
ARG CZ   C  N N 22  
ARG NH1  N  N N 23  
ARG NH2  N  N N 24  
ARG OXT  O  N N 25  
ARG H    H  N N 26  
ARG H2   H  N N 27  
ARG HA   H  N N 28  
ARG HB2  H  N N 29  
ARG HB3  H  N N 30  
ARG HG2  H  N N 31  
ARG HG3  H  N N 32  
ARG HD2  H  N N 33  
ARG HD3  H  N N 34  
ARG HE   H  N N 35  
ARG HH11 H  N N 36  
ARG HH12 H  N N 37  
ARG HH21 H  N N 38  
ARG HH22 H  N N 39  
ARG HXT  H  N N 40  
ASN N    N  N N 41  
ASN CA   C  N S 42  
ASN C    C  N N 43  
ASN O    O  N N 44  
ASN CB   C  N N 45  
ASN CG   C  N N 46  
ASN OD1  O  N N 47  
ASN ND2  N  N N 48  
ASN OXT  O  N N 49  
ASN H    H  N N 50  
ASN H2   H  N N 51  
ASN HA   H  N N 52  
ASN HB2  H  N N 53  
ASN HB3  H  N N 54  
ASN HD21 H  N N 55  
ASN HD22 H  N N 56  
ASN HXT  H  N N 57  
ASP N    N  N N 58  
ASP CA   C  N S 59  
ASP C    C  N N 60  
ASP O    O  N N 61  
ASP CB   C  N N 62  
ASP CG   C  N N 63  
ASP OD1  O  N N 64  
ASP OD2  O  N N 65  
ASP OXT  O  N N 66  
ASP H    H  N N 67  
ASP H2   H  N N 68  
ASP HA   H  N N 69  
ASP HB2  H  N N 70  
ASP HB3  H  N N 71  
ASP HD2  H  N N 72  
ASP HXT  H  N N 73  
GLN N    N  N N 74  
GLN CA   C  N S 75  
GLN C    C  N N 76  
GLN O    O  N N 77  
GLN CB   C  N N 78  
GLN CG   C  N N 79  
GLN CD   C  N N 80  
GLN OE1  O  N N 81  
GLN NE2  N  N N 82  
GLN OXT  O  N N 83  
GLN H    H  N N 84  
GLN H2   H  N N 85  
GLN HA   H  N N 86  
GLN HB2  H  N N 87  
GLN HB3  H  N N 88  
GLN HG2  H  N N 89  
GLN HG3  H  N N 90  
GLN HE21 H  N N 91  
GLN HE22 H  N N 92  
GLN HXT  H  N N 93  
GLU N    N  N N 94  
GLU CA   C  N S 95  
GLU C    C  N N 96  
GLU O    O  N N 97  
GLU CB   C  N N 98  
GLU CG   C  N N 99  
GLU CD   C  N N 100 
GLU OE1  O  N N 101 
GLU OE2  O  N N 102 
GLU OXT  O  N N 103 
GLU H    H  N N 104 
GLU H2   H  N N 105 
GLU HA   H  N N 106 
GLU HB2  H  N N 107 
GLU HB3  H  N N 108 
GLU HG2  H  N N 109 
GLU HG3  H  N N 110 
GLU HE2  H  N N 111 
GLU HXT  H  N N 112 
GLY N    N  N N 113 
GLY CA   C  N N 114 
GLY C    C  N N 115 
GLY O    O  N N 116 
GLY OXT  O  N N 117 
GLY H    H  N N 118 
GLY H2   H  N N 119 
GLY HA2  H  N N 120 
GLY HA3  H  N N 121 
GLY HXT  H  N N 122 
HEM CHA  C  N N 123 
HEM CHB  C  N N 124 
HEM CHC  C  N N 125 
HEM CHD  C  N N 126 
HEM C1A  C  Y N 127 
HEM C2A  C  Y N 128 
HEM C3A  C  Y N 129 
HEM C4A  C  Y N 130 
HEM CMA  C  N N 131 
HEM CAA  C  N N 132 
HEM CBA  C  N N 133 
HEM CGA  C  N N 134 
HEM O1A  O  N N 135 
HEM O2A  O  N N 136 
HEM C1B  C  N N 137 
HEM C2B  C  N N 138 
HEM C3B  C  N N 139 
HEM C4B  C  N N 140 
HEM CMB  C  N N 141 
HEM CAB  C  N N 142 
HEM CBB  C  N N 143 
HEM C1C  C  Y N 144 
HEM C2C  C  Y N 145 
HEM C3C  C  Y N 146 
HEM C4C  C  Y N 147 
HEM CMC  C  N N 148 
HEM CAC  C  N N 149 
HEM CBC  C  N N 150 
HEM C1D  C  N N 151 
HEM C2D  C  N N 152 
HEM C3D  C  N N 153 
HEM C4D  C  N N 154 
HEM CMD  C  N N 155 
HEM CAD  C  N N 156 
HEM CBD  C  N N 157 
HEM CGD  C  N N 158 
HEM O1D  O  N N 159 
HEM O2D  O  N N 160 
HEM NA   N  Y N 161 
HEM NB   N  N N 162 
HEM NC   N  Y N 163 
HEM ND   N  N N 164 
HEM FE   FE N N 165 
HEM HHB  H  N N 166 
HEM HHC  H  N N 167 
HEM HHD  H  N N 168 
HEM HMA  H  N N 169 
HEM HMAA H  N N 170 
HEM HMAB H  N N 171 
HEM HAA  H  N N 172 
HEM HAAA H  N N 173 
HEM HBA  H  N N 174 
HEM HBAA H  N N 175 
HEM HMB  H  N N 176 
HEM HMBA H  N N 177 
HEM HMBB H  N N 178 
HEM HAB  H  N N 179 
HEM HBB  H  N N 180 
HEM HBBA H  N N 181 
HEM HMC  H  N N 182 
HEM HMCA H  N N 183 
HEM HMCB H  N N 184 
HEM HAC  H  N N 185 
HEM HBC  H  N N 186 
HEM HBCA H  N N 187 
HEM HMD  H  N N 188 
HEM HMDA H  N N 189 
HEM HMDB H  N N 190 
HEM HAD  H  N N 191 
HEM HADA H  N N 192 
HEM HBD  H  N N 193 
HEM HBDA H  N N 194 
HEM H2A  H  N N 195 
HEM H2D  H  N N 196 
HEM HHA  H  N N 197 
HIS N    N  N N 198 
HIS CA   C  N S 199 
HIS C    C  N N 200 
HIS O    O  N N 201 
HIS CB   C  N N 202 
HIS CG   C  Y N 203 
HIS ND1  N  Y N 204 
HIS CD2  C  Y N 205 
HIS CE1  C  Y N 206 
HIS NE2  N  Y N 207 
HIS OXT  O  N N 208 
HIS H    H  N N 209 
HIS H2   H  N N 210 
HIS HA   H  N N 211 
HIS HB2  H  N N 212 
HIS HB3  H  N N 213 
HIS HD1  H  N N 214 
HIS HD2  H  N N 215 
HIS HE1  H  N N 216 
HIS HE2  H  N N 217 
HIS HXT  H  N N 218 
HOH O    O  N N 219 
HOH H1   H  N N 220 
HOH H2   H  N N 221 
ILE N    N  N N 222 
ILE CA   C  N S 223 
ILE C    C  N N 224 
ILE O    O  N N 225 
ILE CB   C  N S 226 
ILE CG1  C  N N 227 
ILE CG2  C  N N 228 
ILE CD1  C  N N 229 
ILE OXT  O  N N 230 
ILE H    H  N N 231 
ILE H2   H  N N 232 
ILE HA   H  N N 233 
ILE HB   H  N N 234 
ILE HG12 H  N N 235 
ILE HG13 H  N N 236 
ILE HG21 H  N N 237 
ILE HG22 H  N N 238 
ILE HG23 H  N N 239 
ILE HD11 H  N N 240 
ILE HD12 H  N N 241 
ILE HD13 H  N N 242 
ILE HXT  H  N N 243 
LEU N    N  N N 244 
LEU CA   C  N S 245 
LEU C    C  N N 246 
LEU O    O  N N 247 
LEU CB   C  N N 248 
LEU CG   C  N N 249 
LEU CD1  C  N N 250 
LEU CD2  C  N N 251 
LEU OXT  O  N N 252 
LEU H    H  N N 253 
LEU H2   H  N N 254 
LEU HA   H  N N 255 
LEU HB2  H  N N 256 
LEU HB3  H  N N 257 
LEU HG   H  N N 258 
LEU HD11 H  N N 259 
LEU HD12 H  N N 260 
LEU HD13 H  N N 261 
LEU HD21 H  N N 262 
LEU HD22 H  N N 263 
LEU HD23 H  N N 264 
LEU HXT  H  N N 265 
LYS N    N  N N 266 
LYS CA   C  N S 267 
LYS C    C  N N 268 
LYS O    O  N N 269 
LYS CB   C  N N 270 
LYS CG   C  N N 271 
LYS CD   C  N N 272 
LYS CE   C  N N 273 
LYS NZ   N  N N 274 
LYS OXT  O  N N 275 
LYS H    H  N N 276 
LYS H2   H  N N 277 
LYS HA   H  N N 278 
LYS HB2  H  N N 279 
LYS HB3  H  N N 280 
LYS HG2  H  N N 281 
LYS HG3  H  N N 282 
LYS HD2  H  N N 283 
LYS HD3  H  N N 284 
LYS HE2  H  N N 285 
LYS HE3  H  N N 286 
LYS HZ1  H  N N 287 
LYS HZ2  H  N N 288 
LYS HZ3  H  N N 289 
LYS HXT  H  N N 290 
MET N    N  N N 291 
MET CA   C  N S 292 
MET C    C  N N 293 
MET O    O  N N 294 
MET CB   C  N N 295 
MET CG   C  N N 296 
MET SD   S  N N 297 
MET CE   C  N N 298 
MET OXT  O  N N 299 
MET H    H  N N 300 
MET H2   H  N N 301 
MET HA   H  N N 302 
MET HB2  H  N N 303 
MET HB3  H  N N 304 
MET HG2  H  N N 305 
MET HG3  H  N N 306 
MET HE1  H  N N 307 
MET HE2  H  N N 308 
MET HE3  H  N N 309 
MET HXT  H  N N 310 
NSM O1   O  N N 311 
NSM N    N  N N 312 
NSM C1   C  N N 313 
NSM H11  H  N N 314 
NSM H12  H  N N 315 
NSM H13  H  N N 316 
PHE N    N  N N 317 
PHE CA   C  N S 318 
PHE C    C  N N 319 
PHE O    O  N N 320 
PHE CB   C  N N 321 
PHE CG   C  Y N 322 
PHE CD1  C  Y N 323 
PHE CD2  C  Y N 324 
PHE CE1  C  Y N 325 
PHE CE2  C  Y N 326 
PHE CZ   C  Y N 327 
PHE OXT  O  N N 328 
PHE H    H  N N 329 
PHE H2   H  N N 330 
PHE HA   H  N N 331 
PHE HB2  H  N N 332 
PHE HB3  H  N N 333 
PHE HD1  H  N N 334 
PHE HD2  H  N N 335 
PHE HE1  H  N N 336 
PHE HE2  H  N N 337 
PHE HZ   H  N N 338 
PHE HXT  H  N N 339 
PRO N    N  N N 340 
PRO CA   C  N S 341 
PRO C    C  N N 342 
PRO O    O  N N 343 
PRO CB   C  N N 344 
PRO CG   C  N N 345 
PRO CD   C  N N 346 
PRO OXT  O  N N 347 
PRO H    H  N N 348 
PRO HA   H  N N 349 
PRO HB2  H  N N 350 
PRO HB3  H  N N 351 
PRO HG2  H  N N 352 
PRO HG3  H  N N 353 
PRO HD2  H  N N 354 
PRO HD3  H  N N 355 
PRO HXT  H  N N 356 
SER N    N  N N 357 
SER CA   C  N S 358 
SER C    C  N N 359 
SER O    O  N N 360 
SER CB   C  N N 361 
SER OG   O  N N 362 
SER OXT  O  N N 363 
SER H    H  N N 364 
SER H2   H  N N 365 
SER HA   H  N N 366 
SER HB2  H  N N 367 
SER HB3  H  N N 368 
SER HG   H  N N 369 
SER HXT  H  N N 370 
SO4 S    S  N N 371 
SO4 O1   O  N N 372 
SO4 O2   O  N N 373 
SO4 O3   O  N N 374 
SO4 O4   O  N N 375 
THR N    N  N N 376 
THR CA   C  N S 377 
THR C    C  N N 378 
THR O    O  N N 379 
THR CB   C  N R 380 
THR OG1  O  N N 381 
THR CG2  C  N N 382 
THR OXT  O  N N 383 
THR H    H  N N 384 
THR H2   H  N N 385 
THR HA   H  N N 386 
THR HB   H  N N 387 
THR HG1  H  N N 388 
THR HG21 H  N N 389 
THR HG22 H  N N 390 
THR HG23 H  N N 391 
THR HXT  H  N N 392 
TRP N    N  N N 393 
TRP CA   C  N S 394 
TRP C    C  N N 395 
TRP O    O  N N 396 
TRP CB   C  N N 397 
TRP CG   C  Y N 398 
TRP CD1  C  Y N 399 
TRP CD2  C  Y N 400 
TRP NE1  N  Y N 401 
TRP CE2  C  Y N 402 
TRP CE3  C  Y N 403 
TRP CZ2  C  Y N 404 
TRP CZ3  C  Y N 405 
TRP CH2  C  Y N 406 
TRP OXT  O  N N 407 
TRP H    H  N N 408 
TRP H2   H  N N 409 
TRP HA   H  N N 410 
TRP HB2  H  N N 411 
TRP HB3  H  N N 412 
TRP HD1  H  N N 413 
TRP HE1  H  N N 414 
TRP HE3  H  N N 415 
TRP HZ2  H  N N 416 
TRP HZ3  H  N N 417 
TRP HH2  H  N N 418 
TRP HXT  H  N N 419 
TYR N    N  N N 420 
TYR CA   C  N S 421 
TYR C    C  N N 422 
TYR O    O  N N 423 
TYR CB   C  N N 424 
TYR CG   C  Y N 425 
TYR CD1  C  Y N 426 
TYR CD2  C  Y N 427 
TYR CE1  C  Y N 428 
TYR CE2  C  Y N 429 
TYR CZ   C  Y N 430 
TYR OH   O  N N 431 
TYR OXT  O  N N 432 
TYR H    H  N N 433 
TYR H2   H  N N 434 
TYR HA   H  N N 435 
TYR HB2  H  N N 436 
TYR HB3  H  N N 437 
TYR HD1  H  N N 438 
TYR HD2  H  N N 439 
TYR HE1  H  N N 440 
TYR HE2  H  N N 441 
TYR HH   H  N N 442 
TYR HXT  H  N N 443 
VAL N    N  N N 444 
VAL CA   C  N S 445 
VAL C    C  N N 446 
VAL O    O  N N 447 
VAL CB   C  N N 448 
VAL CG1  C  N N 449 
VAL CG2  C  N N 450 
VAL OXT  O  N N 451 
VAL H    H  N N 452 
VAL H2   H  N N 453 
VAL HA   H  N N 454 
VAL HB   H  N N 455 
VAL HG11 H  N N 456 
VAL HG12 H  N N 457 
VAL HG13 H  N N 458 
VAL HG21 H  N N 459 
VAL HG22 H  N N 460 
VAL HG23 H  N N 461 
VAL HXT  H  N N 462 
# 
loop_
_chem_comp_bond.comp_id 
_chem_comp_bond.atom_id_1 
_chem_comp_bond.atom_id_2 
_chem_comp_bond.value_order 
_chem_comp_bond.pdbx_aromatic_flag 
_chem_comp_bond.pdbx_stereo_config 
_chem_comp_bond.pdbx_ordinal 
ALA N   CA   sing N N 1   
ALA N   H    sing N N 2   
ALA N   H2   sing N N 3   
ALA CA  C    sing N N 4   
ALA CA  CB   sing N N 5   
ALA CA  HA   sing N N 6   
ALA C   O    doub N N 7   
ALA C   OXT  sing N N 8   
ALA CB  HB1  sing N N 9   
ALA CB  HB2  sing N N 10  
ALA CB  HB3  sing N N 11  
ALA OXT HXT  sing N N 12  
ARG N   CA   sing N N 13  
ARG N   H    sing N N 14  
ARG N   H2   sing N N 15  
ARG CA  C    sing N N 16  
ARG CA  CB   sing N N 17  
ARG CA  HA   sing N N 18  
ARG C   O    doub N N 19  
ARG C   OXT  sing N N 20  
ARG CB  CG   sing N N 21  
ARG CB  HB2  sing N N 22  
ARG CB  HB3  sing N N 23  
ARG CG  CD   sing N N 24  
ARG CG  HG2  sing N N 25  
ARG CG  HG3  sing N N 26  
ARG CD  NE   sing N N 27  
ARG CD  HD2  sing N N 28  
ARG CD  HD3  sing N N 29  
ARG NE  CZ   sing N N 30  
ARG NE  HE   sing N N 31  
ARG CZ  NH1  sing N N 32  
ARG CZ  NH2  doub N N 33  
ARG NH1 HH11 sing N N 34  
ARG NH1 HH12 sing N N 35  
ARG NH2 HH21 sing N N 36  
ARG NH2 HH22 sing N N 37  
ARG OXT HXT  sing N N 38  
ASN N   CA   sing N N 39  
ASN N   H    sing N N 40  
ASN N   H2   sing N N 41  
ASN CA  C    sing N N 42  
ASN CA  CB   sing N N 43  
ASN CA  HA   sing N N 44  
ASN C   O    doub N N 45  
ASN C   OXT  sing N N 46  
ASN CB  CG   sing N N 47  
ASN CB  HB2  sing N N 48  
ASN CB  HB3  sing N N 49  
ASN CG  OD1  doub N N 50  
ASN CG  ND2  sing N N 51  
ASN ND2 HD21 sing N N 52  
ASN ND2 HD22 sing N N 53  
ASN OXT HXT  sing N N 54  
ASP N   CA   sing N N 55  
ASP N   H    sing N N 56  
ASP N   H2   sing N N 57  
ASP CA  C    sing N N 58  
ASP CA  CB   sing N N 59  
ASP CA  HA   sing N N 60  
ASP C   O    doub N N 61  
ASP C   OXT  sing N N 62  
ASP CB  CG   sing N N 63  
ASP CB  HB2  sing N N 64  
ASP CB  HB3  sing N N 65  
ASP CG  OD1  doub N N 66  
ASP CG  OD2  sing N N 67  
ASP OD2 HD2  sing N N 68  
ASP OXT HXT  sing N N 69  
GLN N   CA   sing N N 70  
GLN N   H    sing N N 71  
GLN N   H2   sing N N 72  
GLN CA  C    sing N N 73  
GLN CA  CB   sing N N 74  
GLN CA  HA   sing N N 75  
GLN C   O    doub N N 76  
GLN C   OXT  sing N N 77  
GLN CB  CG   sing N N 78  
GLN CB  HB2  sing N N 79  
GLN CB  HB3  sing N N 80  
GLN CG  CD   sing N N 81  
GLN CG  HG2  sing N N 82  
GLN CG  HG3  sing N N 83  
GLN CD  OE1  doub N N 84  
GLN CD  NE2  sing N N 85  
GLN NE2 HE21 sing N N 86  
GLN NE2 HE22 sing N N 87  
GLN OXT HXT  sing N N 88  
GLU N   CA   sing N N 89  
GLU N   H    sing N N 90  
GLU N   H2   sing N N 91  
GLU CA  C    sing N N 92  
GLU CA  CB   sing N N 93  
GLU CA  HA   sing N N 94  
GLU C   O    doub N N 95  
GLU C   OXT  sing N N 96  
GLU CB  CG   sing N N 97  
GLU CB  HB2  sing N N 98  
GLU CB  HB3  sing N N 99  
GLU CG  CD   sing N N 100 
GLU CG  HG2  sing N N 101 
GLU CG  HG3  sing N N 102 
GLU CD  OE1  doub N N 103 
GLU CD  OE2  sing N N 104 
GLU OE2 HE2  sing N N 105 
GLU OXT HXT  sing N N 106 
GLY N   CA   sing N N 107 
GLY N   H    sing N N 108 
GLY N   H2   sing N N 109 
GLY CA  C    sing N N 110 
GLY CA  HA2  sing N N 111 
GLY CA  HA3  sing N N 112 
GLY C   O    doub N N 113 
GLY C   OXT  sing N N 114 
GLY OXT HXT  sing N N 115 
HEM CHA C1A  sing N N 116 
HEM CHA C4D  doub N N 117 
HEM CHA HHA  sing N N 118 
HEM CHB C4A  sing N N 119 
HEM CHB C1B  doub N N 120 
HEM CHB HHB  sing N N 121 
HEM CHC C4B  sing N N 122 
HEM CHC C1C  doub N N 123 
HEM CHC HHC  sing N N 124 
HEM CHD C4C  doub N N 125 
HEM CHD C1D  sing N N 126 
HEM CHD HHD  sing N N 127 
HEM C1A C2A  doub Y N 128 
HEM C1A NA   sing Y N 129 
HEM C2A C3A  sing Y N 130 
HEM C2A CAA  sing N N 131 
HEM C3A C4A  doub Y N 132 
HEM C3A CMA  sing N N 133 
HEM C4A NA   sing Y N 134 
HEM CMA HMA  sing N N 135 
HEM CMA HMAA sing N N 136 
HEM CMA HMAB sing N N 137 
HEM CAA CBA  sing N N 138 
HEM CAA HAA  sing N N 139 
HEM CAA HAAA sing N N 140 
HEM CBA CGA  sing N N 141 
HEM CBA HBA  sing N N 142 
HEM CBA HBAA sing N N 143 
HEM CGA O1A  doub N N 144 
HEM CGA O2A  sing N N 145 
HEM C1B C2B  sing N N 146 
HEM C1B NB   sing N N 147 
HEM C2B C3B  doub N N 148 
HEM C2B CMB  sing N N 149 
HEM C3B C4B  sing N N 150 
HEM C3B CAB  sing N N 151 
HEM C4B NB   doub N N 152 
HEM CMB HMB  sing N N 153 
HEM CMB HMBA sing N N 154 
HEM CMB HMBB sing N N 155 
HEM CAB CBB  doub N N 156 
HEM CAB HAB  sing N N 157 
HEM CBB HBB  sing N N 158 
HEM CBB HBBA sing N N 159 
HEM C1C C2C  sing Y N 160 
HEM C1C NC   sing Y N 161 
HEM C2C C3C  doub Y N 162 
HEM C2C CMC  sing N N 163 
HEM C3C C4C  sing Y N 164 
HEM C3C CAC  sing N N 165 
HEM C4C NC   sing Y N 166 
HEM CMC HMC  sing N N 167 
HEM CMC HMCA sing N N 168 
HEM CMC HMCB sing N N 169 
HEM CAC CBC  doub N N 170 
HEM CAC HAC  sing N N 171 
HEM CBC HBC  sing N N 172 
HEM CBC HBCA sing N N 173 
HEM C1D C2D  sing N N 174 
HEM C1D ND   doub N N 175 
HEM C2D C3D  doub N N 176 
HEM C2D CMD  sing N N 177 
HEM C3D C4D  sing N N 178 
HEM C3D CAD  sing N N 179 
HEM C4D ND   sing N N 180 
HEM CMD HMD  sing N N 181 
HEM CMD HMDA sing N N 182 
HEM CMD HMDB sing N N 183 
HEM CAD CBD  sing N N 184 
HEM CAD HAD  sing N N 185 
HEM CAD HADA sing N N 186 
HEM CBD CGD  sing N N 187 
HEM CBD HBD  sing N N 188 
HEM CBD HBDA sing N N 189 
HEM CGD O1D  doub N N 190 
HEM CGD O2D  sing N N 191 
HEM O2A H2A  sing N N 192 
HEM O2D H2D  sing N N 193 
HEM FE  NA   sing N N 194 
HEM FE  NB   sing N N 195 
HEM FE  NC   sing N N 196 
HEM FE  ND   sing N N 197 
HIS N   CA   sing N N 198 
HIS N   H    sing N N 199 
HIS N   H2   sing N N 200 
HIS CA  C    sing N N 201 
HIS CA  CB   sing N N 202 
HIS CA  HA   sing N N 203 
HIS C   O    doub N N 204 
HIS C   OXT  sing N N 205 
HIS CB  CG   sing N N 206 
HIS CB  HB2  sing N N 207 
HIS CB  HB3  sing N N 208 
HIS CG  ND1  sing Y N 209 
HIS CG  CD2  doub Y N 210 
HIS ND1 CE1  doub Y N 211 
HIS ND1 HD1  sing N N 212 
HIS CD2 NE2  sing Y N 213 
HIS CD2 HD2  sing N N 214 
HIS CE1 NE2  sing Y N 215 
HIS CE1 HE1  sing N N 216 
HIS NE2 HE2  sing N N 217 
HIS OXT HXT  sing N N 218 
HOH O   H1   sing N N 219 
HOH O   H2   sing N N 220 
ILE N   CA   sing N N 221 
ILE N   H    sing N N 222 
ILE N   H2   sing N N 223 
ILE CA  C    sing N N 224 
ILE CA  CB   sing N N 225 
ILE CA  HA   sing N N 226 
ILE C   O    doub N N 227 
ILE C   OXT  sing N N 228 
ILE CB  CG1  sing N N 229 
ILE CB  CG2  sing N N 230 
ILE CB  HB   sing N N 231 
ILE CG1 CD1  sing N N 232 
ILE CG1 HG12 sing N N 233 
ILE CG1 HG13 sing N N 234 
ILE CG2 HG21 sing N N 235 
ILE CG2 HG22 sing N N 236 
ILE CG2 HG23 sing N N 237 
ILE CD1 HD11 sing N N 238 
ILE CD1 HD12 sing N N 239 
ILE CD1 HD13 sing N N 240 
ILE OXT HXT  sing N N 241 
LEU N   CA   sing N N 242 
LEU N   H    sing N N 243 
LEU N   H2   sing N N 244 
LEU CA  C    sing N N 245 
LEU CA  CB   sing N N 246 
LEU CA  HA   sing N N 247 
LEU C   O    doub N N 248 
LEU C   OXT  sing N N 249 
LEU CB  CG   sing N N 250 
LEU CB  HB2  sing N N 251 
LEU CB  HB3  sing N N 252 
LEU CG  CD1  sing N N 253 
LEU CG  CD2  sing N N 254 
LEU CG  HG   sing N N 255 
LEU CD1 HD11 sing N N 256 
LEU CD1 HD12 sing N N 257 
LEU CD1 HD13 sing N N 258 
LEU CD2 HD21 sing N N 259 
LEU CD2 HD22 sing N N 260 
LEU CD2 HD23 sing N N 261 
LEU OXT HXT  sing N N 262 
LYS N   CA   sing N N 263 
LYS N   H    sing N N 264 
LYS N   H2   sing N N 265 
LYS CA  C    sing N N 266 
LYS CA  CB   sing N N 267 
LYS CA  HA   sing N N 268 
LYS C   O    doub N N 269 
LYS C   OXT  sing N N 270 
LYS CB  CG   sing N N 271 
LYS CB  HB2  sing N N 272 
LYS CB  HB3  sing N N 273 
LYS CG  CD   sing N N 274 
LYS CG  HG2  sing N N 275 
LYS CG  HG3  sing N N 276 
LYS CD  CE   sing N N 277 
LYS CD  HD2  sing N N 278 
LYS CD  HD3  sing N N 279 
LYS CE  NZ   sing N N 280 
LYS CE  HE2  sing N N 281 
LYS CE  HE3  sing N N 282 
LYS NZ  HZ1  sing N N 283 
LYS NZ  HZ2  sing N N 284 
LYS NZ  HZ3  sing N N 285 
LYS OXT HXT  sing N N 286 
MET N   CA   sing N N 287 
MET N   H    sing N N 288 
MET N   H2   sing N N 289 
MET CA  C    sing N N 290 
MET CA  CB   sing N N 291 
MET CA  HA   sing N N 292 
MET C   O    doub N N 293 
MET C   OXT  sing N N 294 
MET CB  CG   sing N N 295 
MET CB  HB2  sing N N 296 
MET CB  HB3  sing N N 297 
MET CG  SD   sing N N 298 
MET CG  HG2  sing N N 299 
MET CG  HG3  sing N N 300 
MET SD  CE   sing N N 301 
MET CE  HE1  sing N N 302 
MET CE  HE2  sing N N 303 
MET CE  HE3  sing N N 304 
MET OXT HXT  sing N N 305 
NSM O1  N    doub N N 306 
NSM N   C1   sing N N 307 
NSM C1  H11  sing N N 308 
NSM C1  H12  sing N N 309 
NSM C1  H13  sing N N 310 
PHE N   CA   sing N N 311 
PHE N   H    sing N N 312 
PHE N   H2   sing N N 313 
PHE CA  C    sing N N 314 
PHE CA  CB   sing N N 315 
PHE CA  HA   sing N N 316 
PHE C   O    doub N N 317 
PHE C   OXT  sing N N 318 
PHE CB  CG   sing N N 319 
PHE CB  HB2  sing N N 320 
PHE CB  HB3  sing N N 321 
PHE CG  CD1  doub Y N 322 
PHE CG  CD2  sing Y N 323 
PHE CD1 CE1  sing Y N 324 
PHE CD1 HD1  sing N N 325 
PHE CD2 CE2  doub Y N 326 
PHE CD2 HD2  sing N N 327 
PHE CE1 CZ   doub Y N 328 
PHE CE1 HE1  sing N N 329 
PHE CE2 CZ   sing Y N 330 
PHE CE2 HE2  sing N N 331 
PHE CZ  HZ   sing N N 332 
PHE OXT HXT  sing N N 333 
PRO N   CA   sing N N 334 
PRO N   CD   sing N N 335 
PRO N   H    sing N N 336 
PRO CA  C    sing N N 337 
PRO CA  CB   sing N N 338 
PRO CA  HA   sing N N 339 
PRO C   O    doub N N 340 
PRO C   OXT  sing N N 341 
PRO CB  CG   sing N N 342 
PRO CB  HB2  sing N N 343 
PRO CB  HB3  sing N N 344 
PRO CG  CD   sing N N 345 
PRO CG  HG2  sing N N 346 
PRO CG  HG3  sing N N 347 
PRO CD  HD2  sing N N 348 
PRO CD  HD3  sing N N 349 
PRO OXT HXT  sing N N 350 
SER N   CA   sing N N 351 
SER N   H    sing N N 352 
SER N   H2   sing N N 353 
SER CA  C    sing N N 354 
SER CA  CB   sing N N 355 
SER CA  HA   sing N N 356 
SER C   O    doub N N 357 
SER C   OXT  sing N N 358 
SER CB  OG   sing N N 359 
SER CB  HB2  sing N N 360 
SER CB  HB3  sing N N 361 
SER OG  HG   sing N N 362 
SER OXT HXT  sing N N 363 
SO4 S   O1   doub N N 364 
SO4 S   O2   doub N N 365 
SO4 S   O3   sing N N 366 
SO4 S   O4   sing N N 367 
THR N   CA   sing N N 368 
THR N   H    sing N N 369 
THR N   H2   sing N N 370 
THR CA  C    sing N N 371 
THR CA  CB   sing N N 372 
THR CA  HA   sing N N 373 
THR C   O    doub N N 374 
THR C   OXT  sing N N 375 
THR CB  OG1  sing N N 376 
THR CB  CG2  sing N N 377 
THR CB  HB   sing N N 378 
THR OG1 HG1  sing N N 379 
THR CG2 HG21 sing N N 380 
THR CG2 HG22 sing N N 381 
THR CG2 HG23 sing N N 382 
THR OXT HXT  sing N N 383 
TRP N   CA   sing N N 384 
TRP N   H    sing N N 385 
TRP N   H2   sing N N 386 
TRP CA  C    sing N N 387 
TRP CA  CB   sing N N 388 
TRP CA  HA   sing N N 389 
TRP C   O    doub N N 390 
TRP C   OXT  sing N N 391 
TRP CB  CG   sing N N 392 
TRP CB  HB2  sing N N 393 
TRP CB  HB3  sing N N 394 
TRP CG  CD1  doub Y N 395 
TRP CG  CD2  sing Y N 396 
TRP CD1 NE1  sing Y N 397 
TRP CD1 HD1  sing N N 398 
TRP CD2 CE2  doub Y N 399 
TRP CD2 CE3  sing Y N 400 
TRP NE1 CE2  sing Y N 401 
TRP NE1 HE1  sing N N 402 
TRP CE2 CZ2  sing Y N 403 
TRP CE3 CZ3  doub Y N 404 
TRP CE3 HE3  sing N N 405 
TRP CZ2 CH2  doub Y N 406 
TRP CZ2 HZ2  sing N N 407 
TRP CZ3 CH2  sing Y N 408 
TRP CZ3 HZ3  sing N N 409 
TRP CH2 HH2  sing N N 410 
TRP OXT HXT  sing N N 411 
TYR N   CA   sing N N 412 
TYR N   H    sing N N 413 
TYR N   H2   sing N N 414 
TYR CA  C    sing N N 415 
TYR CA  CB   sing N N 416 
TYR CA  HA   sing N N 417 
TYR C   O    doub N N 418 
TYR C   OXT  sing N N 419 
TYR CB  CG   sing N N 420 
TYR CB  HB2  sing N N 421 
TYR CB  HB3  sing N N 422 
TYR CG  CD1  doub Y N 423 
TYR CG  CD2  sing Y N 424 
TYR CD1 CE1  sing Y N 425 
TYR CD1 HD1  sing N N 426 
TYR CD2 CE2  doub Y N 427 
TYR CD2 HD2  sing N N 428 
TYR CE1 CZ   doub Y N 429 
TYR CE1 HE1  sing N N 430 
TYR CE2 CZ   sing Y N 431 
TYR CE2 HE2  sing N N 432 
TYR CZ  OH   sing N N 433 
TYR OH  HH   sing N N 434 
TYR OXT HXT  sing N N 435 
VAL N   CA   sing N N 436 
VAL N   H    sing N N 437 
VAL N   H2   sing N N 438 
VAL CA  C    sing N N 439 
VAL CA  CB   sing N N 440 
VAL CA  HA   sing N N 441 
VAL C   O    doub N N 442 
VAL C   OXT  sing N N 443 
VAL CB  CG1  sing N N 444 
VAL CB  CG2  sing N N 445 
VAL CB  HB   sing N N 446 
VAL CG1 HG11 sing N N 447 
VAL CG1 HG12 sing N N 448 
VAL CG1 HG13 sing N N 449 
VAL CG2 HG21 sing N N 450 
VAL CG2 HG22 sing N N 451 
VAL CG2 HG23 sing N N 452 
VAL OXT HXT  sing N N 453 
# 
loop_
_pdbx_entity_nonpoly.entity_id 
_pdbx_entity_nonpoly.name 
_pdbx_entity_nonpoly.comp_id 
2 'SULFATE ION'                     SO4 
3 'PROTOPORPHYRIN IX CONTAINING FE' HEM 
4 NITROSOMETHANE                    NSM 
5 water                             HOH 
# 
_pdbx_initial_refinement_model.id               1 
_pdbx_initial_refinement_model.entity_id_list   ? 
_pdbx_initial_refinement_model.type             'experimental model' 
_pdbx_initial_refinement_model.source_name      PDB 
_pdbx_initial_refinement_model.accession_code   1NPG 
_pdbx_initial_refinement_model.details          'PDB entry 1NPG' 
# 
